data_7LGN
#
_entry.id   7LGN
#
_cell.length_a   222.561
_cell.length_b   222.561
_cell.length_c   105.216
_cell.angle_alpha   90.000
_cell.angle_beta   90.000
_cell.angle_gamma   90.000
#
_symmetry.space_group_name_H-M   'I 41'
#
_entity_poly.entity_id   1
_entity_poly.type   'polypeptide(L)'
_entity_poly.pdbx_seq_one_letter_code
;MNIISTSVFVGPNTFARTPLIRLTVDIDPHYAEKLNTLGSEVYQALDQVVPGMSSDPVEQAPGMLIARLALKLQHLAGME
GGIAFTSTSQADDEAEVLYSYETEDIGLEAGEVACDMLVALARAEADVRAVDLSHHIARYLRYADKRTLGPSAMELVKAA
QERDIPWYRMNDASLIQVGQGKYQKRIEAALTSKTSHIAVEIAADKNMCNQLLGDLGLPVPKQRVVYDEDEAVSAANRIG
YPVVVKPLDGNHGRGVSVSLTDEQAVKKAYGLAEPEGSAVIVESMIRGDDHRLLVVNGELVAAARRVPGHVAGDGIHTIR
ELIALVNQDPRRGVGHENVLTRLELDEQAIRLLQSYGYTADSIPPSGEEVYLRKTANISTGGTAVDVTDVIHPDNKLMAE
RAILAVGLDVGAVDFLTTDITKSYRETLGAICEINAGPGLRMHISPSEGKPRDVGGKIMDMLFPAGSQCRVPIAALTGTN
GKTTCARMLSHILKMAGHVVGQTSTDAVLIDGNVTVKGDMTGPVSAKMVLRDPSVDIAVLETARGGIVRSGLGYMFCDVG
AVLNVTSDHLGLGGVDTLDELAKVKRVIAEVTRDTVVLNADNEYTLKMAAHSPAKHIMYVTRNPEHTLVREHIRLGKRAV
VLEQGLNGEQIVIYDNGMQIPLTWTHLIPATLEGKALHNVENAMFAAGMAYALGKTLDQIRSGLRTFDNTFFQSPGRMNV
FDGHGFRVILDYGHNEAAIGAMVELVGRLNPQGRRLVAVTCPGDRRDEDVAAIAAKVAGHFDSYICHRDDDLRDRGPDEM
PRLMKQALMDRGVKEEAIQIVEQEVDALSTLLKMANRNDLVLFFCENITRCWKQIINFKPAFGEALPAAAPEVLPVQTTD
IPAGYQITQGERGVLIIPNDAAAENLYFQ
;
_entity_poly.pdbx_strand_id   A,B
#
# COMPACT_ATOMS: atom_id res chain seq x y z
N MET A 1 50.32 -6.96 24.61
CA MET A 1 49.00 -6.29 24.69
C MET A 1 47.86 -7.31 24.68
N ASN A 2 47.62 -7.92 25.83
CA ASN A 2 46.54 -8.88 25.98
C ASN A 2 45.32 -8.24 26.63
N ILE A 3 44.16 -8.90 26.50
CA ILE A 3 42.95 -8.35 27.08
C ILE A 3 42.47 -9.22 28.22
N ILE A 4 42.18 -8.56 29.34
CA ILE A 4 41.69 -9.23 30.53
C ILE A 4 40.17 -9.14 30.63
N SER A 5 39.65 -7.90 30.56
CA SER A 5 38.25 -7.68 30.87
C SER A 5 37.70 -6.48 30.12
N THR A 6 36.45 -6.61 29.71
CA THR A 6 35.79 -5.50 29.03
C THR A 6 34.40 -5.25 29.61
N SER A 7 33.95 -4.02 29.43
CA SER A 7 32.58 -3.63 29.71
C SER A 7 32.16 -2.63 28.65
N VAL A 8 30.86 -2.52 28.39
CA VAL A 8 30.45 -1.61 27.34
C VAL A 8 29.41 -0.66 27.91
N PHE A 9 29.67 0.63 27.69
CA PHE A 9 28.73 1.63 28.12
C PHE A 9 27.79 1.90 26.99
N VAL A 10 26.54 1.56 27.23
CA VAL A 10 25.47 1.68 26.27
C VAL A 10 25.14 3.15 26.11
N GLY A 11 25.07 3.82 27.25
CA GLY A 11 24.77 5.24 27.27
C GLY A 11 25.91 5.97 27.96
N PRO A 12 25.65 7.23 28.33
CA PRO A 12 26.60 8.07 29.04
C PRO A 12 27.00 7.46 30.38
N ASN A 13 28.27 7.66 30.68
CA ASN A 13 28.95 7.29 31.90
C ASN A 13 29.97 8.40 32.10
N THR A 14 30.36 8.91 30.92
CA THR A 14 31.11 10.14 30.70
C THR A 14 30.20 11.02 29.84
N PHE A 15 30.20 10.78 28.53
CA PHE A 15 29.41 11.65 27.67
C PHE A 15 28.50 10.84 26.76
N ALA A 16 28.96 9.66 26.32
CA ALA A 16 28.42 9.00 25.14
C ALA A 16 28.75 7.51 25.21
N ARG A 17 27.99 6.66 24.53
CA ARG A 17 28.25 5.23 24.56
C ARG A 17 29.72 4.92 24.24
N THR A 18 30.34 3.96 24.96
CA THR A 18 31.75 3.63 24.77
C THR A 18 32.18 2.33 25.46
N PRO A 19 32.95 1.43 24.82
CA PRO A 19 33.59 0.29 25.50
C PRO A 19 34.82 0.69 26.31
N LEU A 20 35.04 -0.07 27.37
CA LEU A 20 36.20 -0.03 28.23
C LEU A 20 36.93 -1.36 28.11
N ILE A 21 38.25 -1.25 27.93
CA ILE A 21 39.09 -2.43 27.90
C ILE A 21 40.18 -2.33 28.96
N ARG A 22 40.21 -3.34 29.84
CA ARG A 22 41.30 -3.56 30.77
C ARG A 22 42.33 -4.48 30.11
N LEU A 23 43.51 -3.91 29.85
CA LEU A 23 44.55 -4.58 29.10
C LEU A 23 45.84 -4.67 29.93
N THR A 24 46.66 -5.69 29.62
CA THR A 24 47.96 -5.87 30.24
C THR A 24 49.00 -6.12 29.14
N VAL A 25 50.26 -5.73 29.40
CA VAL A 25 51.37 -6.04 28.52
C VAL A 25 52.52 -6.66 29.32
N PRO A 29 56.96 -8.84 30.97
CA PRO A 29 56.26 -7.90 30.09
C PRO A 29 57.24 -6.97 29.36
N HIS A 30 57.28 -7.05 28.03
CA HIS A 30 58.09 -6.12 27.26
C HIS A 30 57.40 -4.76 27.22
N TYR A 31 56.67 -4.45 28.30
CA TYR A 31 55.81 -3.29 28.34
C TYR A 31 56.59 -2.01 28.02
N ALA A 32 57.69 -1.79 28.74
CA ALA A 32 58.45 -0.56 28.59
C ALA A 32 59.14 -0.53 27.23
N GLU A 33 59.58 -1.72 26.79
CA GLU A 33 60.27 -1.86 25.51
C GLU A 33 59.29 -1.51 24.38
N LYS A 34 58.04 -1.94 24.56
CA LYS A 34 57.06 -1.67 23.53
C LYS A 34 57.02 -0.18 23.24
N LEU A 35 56.95 0.63 24.30
CA LEU A 35 56.87 2.08 24.18
C LEU A 35 58.22 2.66 23.72
N ASN A 36 59.29 2.19 24.34
CA ASN A 36 60.58 2.82 24.16
C ASN A 36 61.06 2.59 22.72
N THR A 37 60.66 1.46 22.13
CA THR A 37 61.20 1.05 20.84
C THR A 37 60.39 1.60 19.67
N LEU A 38 59.31 2.35 19.94
CA LEU A 38 58.46 2.84 18.86
C LEU A 38 59.24 3.75 17.91
N GLY A 39 60.14 4.56 18.50
CA GLY A 39 60.87 5.57 17.75
C GLY A 39 59.90 6.43 16.94
N SER A 40 60.14 6.49 15.64
CA SER A 40 59.32 7.22 14.70
C SER A 40 58.77 6.20 13.70
N GLU A 41 59.41 5.03 13.74
CA GLU A 41 59.22 3.98 12.76
C GLU A 41 57.81 3.42 12.86
N VAL A 42 57.28 3.29 14.09
CA VAL A 42 55.97 2.68 14.21
C VAL A 42 54.86 3.62 13.74
N TYR A 43 54.91 4.90 14.09
CA TYR A 43 53.79 5.72 13.66
C TYR A 43 53.83 5.80 12.14
N GLN A 44 55.04 5.77 11.59
CA GLN A 44 55.16 5.89 10.14
C GLN A 44 54.59 4.64 9.48
N ALA A 45 54.77 3.48 10.12
CA ALA A 45 54.20 2.24 9.63
C ALA A 45 52.67 2.33 9.64
N LEU A 46 52.15 2.89 10.74
CA LEU A 46 50.71 2.99 10.87
C LEU A 46 50.18 4.06 9.91
N ASP A 47 51.00 5.06 9.57
CA ASP A 47 50.57 6.09 8.64
C ASP A 47 50.26 5.49 7.27
N GLN A 48 50.78 4.28 7.00
CA GLN A 48 50.53 3.69 5.69
C GLN A 48 49.21 2.92 5.71
N VAL A 49 48.96 2.18 6.79
CA VAL A 49 47.78 1.33 6.82
C VAL A 49 46.58 2.08 7.37
N VAL A 50 46.80 2.97 8.34
CA VAL A 50 45.73 3.73 9.02
C VAL A 50 46.11 5.20 9.09
N PRO A 51 46.19 5.91 7.95
CA PRO A 51 46.75 7.28 7.88
C PRO A 51 46.04 8.35 8.72
N GLY A 52 44.81 8.05 9.14
CA GLY A 52 44.00 8.95 9.92
C GLY A 52 44.62 9.30 11.28
N MET A 53 45.57 8.47 11.76
CA MET A 53 46.12 8.71 13.09
C MET A 53 47.52 9.33 13.02
N SER A 54 47.90 9.81 11.82
CA SER A 54 49.19 10.45 11.58
C SER A 54 49.30 11.79 12.32
N SER A 55 48.16 12.27 12.82
CA SER A 55 48.04 13.59 13.43
C SER A 55 48.78 13.67 14.77
N ASP A 56 49.06 12.52 15.39
CA ASP A 56 49.69 12.56 16.71
C ASP A 56 50.67 11.41 16.92
N PRO A 57 51.96 11.62 16.56
CA PRO A 57 53.05 10.68 16.85
C PRO A 57 53.78 10.96 18.17
N VAL A 58 53.14 11.77 19.02
CA VAL A 58 53.82 12.28 20.20
C VAL A 58 53.28 11.60 21.45
N GLU A 59 51.96 11.55 21.58
CA GLU A 59 51.40 10.84 22.71
C GLU A 59 51.46 9.34 22.45
N GLN A 60 52.64 8.77 22.68
CA GLN A 60 52.94 7.41 22.29
C GLN A 60 52.53 6.41 23.37
N ALA A 61 52.05 6.93 24.51
CA ALA A 61 51.57 6.04 25.54
C ALA A 61 50.63 5.02 24.91
N PRO A 62 50.88 3.72 25.16
CA PRO A 62 50.19 2.63 24.46
C PRO A 62 48.67 2.69 24.60
N GLY A 63 48.19 3.30 25.69
CA GLY A 63 46.77 3.43 25.91
C GLY A 63 46.11 4.27 24.81
N MET A 64 46.79 5.34 24.41
CA MET A 64 46.23 6.23 23.42
C MET A 64 46.38 5.59 22.05
N LEU A 65 47.46 4.83 21.87
CA LEU A 65 47.68 4.20 20.59
C LEU A 65 46.58 3.18 20.33
N ILE A 66 46.25 2.39 21.35
CA ILE A 66 45.26 1.34 21.16
C ILE A 66 43.90 2.00 20.96
N ALA A 67 43.56 2.96 21.81
CA ALA A 67 42.26 3.57 21.73
C ALA A 67 42.09 4.23 20.36
N ARG A 68 43.15 4.90 19.90
CA ARG A 68 43.01 5.61 18.65
C ARG A 68 42.95 4.62 17.51
N LEU A 69 43.74 3.55 17.59
CA LEU A 69 43.75 2.60 16.50
C LEU A 69 42.39 1.93 16.40
N ALA A 70 41.81 1.53 17.54
CA ALA A 70 40.51 0.89 17.53
C ALA A 70 39.47 1.86 16.97
N LEU A 71 39.62 3.14 17.33
CA LEU A 71 38.69 4.16 16.87
C LEU A 71 38.80 4.30 15.36
N LYS A 72 40.04 4.34 14.85
CA LYS A 72 40.24 4.52 13.42
C LYS A 72 39.75 3.30 12.67
N LEU A 73 39.87 2.11 13.26
CA LEU A 73 39.35 0.94 12.58
C LEU A 73 37.85 1.14 12.37
N GLN A 74 37.17 1.65 13.39
CA GLN A 74 35.75 1.85 13.21
C GLN A 74 35.49 2.95 12.19
N HIS A 75 36.35 3.99 12.18
CA HIS A 75 36.17 5.07 11.22
C HIS A 75 36.34 4.52 9.81
N LEU A 76 37.31 3.63 9.65
CA LEU A 76 37.60 3.03 8.36
C LEU A 76 36.36 2.28 7.87
N ALA A 77 35.64 1.66 8.81
CA ALA A 77 34.44 0.92 8.49
C ALA A 77 33.22 1.83 8.36
N GLY A 78 33.41 3.15 8.51
CA GLY A 78 32.39 4.15 8.24
C GLY A 78 31.76 4.80 9.47
N MET A 79 32.38 4.65 10.65
CA MET A 79 31.82 5.24 11.86
C MET A 79 32.04 6.76 11.88
N GLU A 80 31.04 7.47 12.41
CA GLU A 80 31.09 8.92 12.66
C GLU A 80 32.28 9.24 13.57
N GLY A 81 33.00 10.32 13.22
CA GLY A 81 34.14 10.73 14.03
C GLY A 81 33.83 10.64 15.52
N GLY A 82 34.54 9.76 16.24
CA GLY A 82 34.33 9.62 17.67
C GLY A 82 35.51 10.10 18.53
N ILE A 83 35.65 9.54 19.74
CA ILE A 83 36.67 9.95 20.69
C ILE A 83 37.46 8.77 21.25
N ALA A 84 38.79 8.95 21.43
CA ALA A 84 39.67 7.98 22.08
C ALA A 84 40.25 8.52 23.38
N PHE A 85 40.25 7.68 24.43
CA PHE A 85 40.80 8.02 25.74
C PHE A 85 41.64 6.90 26.37
N THR A 86 42.46 7.31 27.34
CA THR A 86 43.16 6.35 28.19
C THR A 86 43.01 6.77 29.65
N SER A 87 43.08 5.79 30.55
CA SER A 87 43.05 6.03 31.99
C SER A 87 43.93 5.02 32.72
N THR A 88 44.68 5.50 33.72
CA THR A 88 45.62 4.68 34.47
C THR A 88 44.89 3.62 35.29
N SER A 89 45.38 2.37 35.22
CA SER A 89 44.78 1.25 35.93
C SER A 89 45.29 1.12 37.37
N GLN A 90 44.77 0.08 38.03
CA GLN A 90 45.09 -0.22 39.41
C GLN A 90 46.54 -0.70 39.54
N ALA A 91 47.01 -1.48 38.56
CA ALA A 91 48.37 -1.99 38.61
C ALA A 91 49.32 -1.05 37.88
N ASP A 92 50.61 -1.09 38.25
CA ASP A 92 51.64 -0.43 37.46
C ASP A 92 51.70 -1.08 36.08
N ASP A 93 52.00 -0.28 35.05
CA ASP A 93 52.18 -0.75 33.69
C ASP A 93 50.96 -1.53 33.21
N GLU A 94 49.79 -0.98 33.53
CA GLU A 94 48.50 -1.54 33.18
C GLU A 94 47.60 -0.35 32.82
N ALA A 95 46.67 -0.54 31.88
CA ALA A 95 45.84 0.58 31.47
C ALA A 95 44.44 0.13 31.09
N GLU A 96 43.50 1.06 31.25
CA GLU A 96 42.19 0.91 30.66
C GLU A 96 42.08 1.86 29.48
N VAL A 97 41.48 1.38 28.41
CA VAL A 97 41.30 2.26 27.27
C VAL A 97 39.83 2.30 26.92
N LEU A 98 39.43 3.48 26.43
CA LEU A 98 38.06 3.70 26.03
C LEU A 98 38.03 4.37 24.66
N TYR A 99 37.04 4.01 23.85
CA TYR A 99 36.86 4.69 22.58
C TYR A 99 35.39 4.55 22.18
N SER A 100 34.93 5.47 21.32
CA SER A 100 33.55 5.50 20.88
C SER A 100 33.21 4.24 20.09
N TYR A 101 31.92 3.88 20.03
CA TYR A 101 31.51 2.79 19.16
C TYR A 101 30.08 3.00 18.68
N GLU A 102 29.69 2.27 17.65
CA GLU A 102 28.32 2.32 17.17
C GLU A 102 27.59 1.02 17.49
N THR A 103 28.25 -0.08 17.14
CA THR A 103 27.69 -1.42 17.29
C THR A 103 28.61 -2.17 18.24
N GLU A 104 28.07 -2.97 19.17
CA GLU A 104 28.92 -3.57 20.18
C GLU A 104 29.91 -4.54 19.55
N ASP A 105 29.41 -5.47 18.73
CA ASP A 105 30.31 -6.50 18.24
C ASP A 105 31.48 -5.86 17.49
N ILE A 106 31.22 -4.77 16.79
CA ILE A 106 32.23 -4.15 15.98
C ILE A 106 33.21 -3.39 16.86
N GLY A 107 32.71 -2.66 17.84
CA GLY A 107 33.60 -1.92 18.73
C GLY A 107 34.55 -2.87 19.43
N LEU A 108 33.99 -4.01 19.88
CA LEU A 108 34.77 -4.98 20.61
C LEU A 108 35.87 -5.52 19.70
N GLU A 109 35.51 -5.85 18.47
CA GLU A 109 36.47 -6.42 17.54
C GLU A 109 37.56 -5.40 17.26
N ALA A 110 37.18 -4.14 17.08
CA ALA A 110 38.16 -3.12 16.77
C ALA A 110 39.23 -3.09 17.85
N GLY A 111 38.78 -3.26 19.10
CA GLY A 111 39.71 -3.29 20.20
C GLY A 111 40.69 -4.46 20.07
N GLU A 112 40.13 -5.66 19.88
CA GLU A 112 40.93 -6.88 19.80
C GLU A 112 41.89 -6.81 18.62
N VAL A 113 41.41 -6.27 17.49
CA VAL A 113 42.24 -6.18 16.31
C VAL A 113 43.32 -5.15 16.55
N ALA A 114 42.99 -4.00 17.13
CA ALA A 114 44.01 -3.01 17.41
C ALA A 114 45.14 -3.69 18.21
N CYS A 115 44.76 -4.52 19.17
CA CYS A 115 45.75 -5.25 19.94
C CYS A 115 46.54 -6.19 19.02
N ASP A 116 45.85 -6.99 18.20
CA ASP A 116 46.57 -7.95 17.36
C ASP A 116 47.58 -7.20 16.48
N MET A 117 47.17 -6.05 15.96
CA MET A 117 48.01 -5.29 15.04
C MET A 117 49.28 -4.85 15.75
N LEU A 118 49.12 -4.41 17.00
CA LEU A 118 50.23 -3.87 17.77
C LEU A 118 51.09 -5.02 18.30
N VAL A 119 50.45 -6.13 18.68
CA VAL A 119 51.16 -7.25 19.29
C VAL A 119 52.14 -7.79 18.26
N ALA A 120 51.66 -7.91 17.02
CA ALA A 120 52.41 -8.47 15.91
C ALA A 120 53.71 -7.70 15.67
N LEU A 121 53.74 -6.42 16.03
CA LEU A 121 54.95 -5.64 15.73
C LEU A 121 56.08 -6.08 16.66
N ALA A 122 55.72 -6.76 17.75
CA ALA A 122 56.67 -7.18 18.78
C ALA A 122 57.50 -8.35 18.23
N ARG A 123 57.02 -8.94 17.13
CA ARG A 123 57.67 -10.10 16.56
C ARG A 123 58.47 -9.67 15.34
N ALA A 124 58.52 -8.35 15.10
CA ALA A 124 59.17 -7.80 13.92
C ALA A 124 60.68 -7.91 14.04
N GLU A 125 61.17 -7.88 15.30
CA GLU A 125 62.59 -7.85 15.59
C GLU A 125 63.17 -6.54 15.06
N ALA A 126 64.33 -6.62 14.40
CA ALA A 126 65.02 -5.43 13.94
C ALA A 126 64.48 -4.99 12.58
N ASP A 127 63.20 -4.63 12.54
CA ASP A 127 62.57 -4.26 11.28
C ASP A 127 62.43 -2.75 11.21
N VAL A 128 62.00 -2.27 10.02
CA VAL A 128 61.74 -0.86 9.76
C VAL A 128 60.52 -0.68 8.86
N ARG A 129 59.81 -1.76 8.49
CA ARG A 129 58.65 -1.65 7.62
C ARG A 129 57.43 -2.39 8.17
N ALA A 130 56.24 -1.89 7.80
CA ALA A 130 54.99 -2.57 8.10
C ALA A 130 54.97 -3.91 7.36
N VAL A 131 54.56 -4.97 8.08
CA VAL A 131 54.47 -6.27 7.45
C VAL A 131 53.07 -6.82 7.65
N ASP A 132 52.38 -7.02 6.52
CA ASP A 132 51.06 -7.66 6.42
C ASP A 132 49.99 -7.03 7.31
N LEU A 133 50.05 -5.72 7.54
CA LEU A 133 49.10 -5.09 8.46
C LEU A 133 47.71 -5.10 7.84
N SER A 134 47.70 -5.05 6.50
CA SER A 134 46.49 -5.02 5.72
C SER A 134 45.69 -6.32 5.87
N HIS A 135 46.36 -7.39 6.35
CA HIS A 135 45.62 -8.62 6.52
C HIS A 135 44.66 -8.49 7.69
N HIS A 136 45.07 -7.73 8.71
CA HIS A 136 44.26 -7.56 9.90
C HIS A 136 43.10 -6.64 9.54
N ILE A 137 43.43 -5.67 8.69
CA ILE A 137 42.46 -4.68 8.28
C ILE A 137 41.37 -5.40 7.51
N ALA A 138 41.79 -6.25 6.57
CA ALA A 138 40.84 -6.97 5.74
C ALA A 138 39.92 -7.82 6.59
N ARG A 139 40.49 -8.51 7.59
CA ARG A 139 39.68 -9.40 8.40
C ARG A 139 38.63 -8.59 9.15
N TYR A 140 39.08 -7.47 9.70
CA TYR A 140 38.22 -6.62 10.50
C TYR A 140 37.06 -6.12 9.65
N LEU A 141 37.40 -5.61 8.46
CA LEU A 141 36.35 -5.08 7.59
C LEU A 141 35.43 -6.20 7.17
N ARG A 142 35.95 -7.40 6.85
CA ARG A 142 35.03 -8.44 6.39
C ARG A 142 33.97 -8.65 7.47
N TYR A 143 34.42 -8.68 8.73
CA TYR A 143 33.55 -8.91 9.86
C TYR A 143 32.57 -7.75 10.00
N ALA A 144 33.11 -6.53 10.03
CA ALA A 144 32.28 -5.35 10.26
C ALA A 144 31.22 -5.25 9.16
N ASP A 145 31.59 -5.50 7.91
CA ASP A 145 30.73 -5.24 6.77
C ASP A 145 29.55 -6.20 6.77
N LYS A 146 29.60 -7.24 7.59
CA LYS A 146 28.52 -8.20 7.61
C LYS A 146 27.53 -7.79 8.69
N ARG A 147 27.97 -6.83 9.51
CA ARG A 147 27.27 -6.44 10.72
C ARG A 147 26.76 -5.01 10.66
N THR A 148 27.39 -4.17 9.82
CA THR A 148 26.94 -2.80 9.66
C THR A 148 25.62 -2.81 8.89
N LEU A 149 24.98 -1.65 8.96
CA LEU A 149 23.66 -1.43 8.40
C LEU A 149 23.76 -1.10 6.91
N GLY A 150 22.82 -1.70 6.15
CA GLY A 150 22.78 -1.58 4.70
C GLY A 150 22.39 -0.18 4.26
N PRO A 151 22.84 0.29 3.08
CA PRO A 151 22.86 1.72 2.75
C PRO A 151 21.50 2.42 2.69
N SER A 152 20.45 1.68 2.36
CA SER A 152 19.17 2.36 2.32
C SER A 152 18.80 2.73 3.75
N ALA A 153 19.12 1.84 4.67
CA ALA A 153 18.78 2.07 6.05
C ALA A 153 19.78 3.05 6.66
N MET A 154 21.04 2.95 6.24
CA MET A 154 22.02 3.83 6.85
C MET A 154 21.68 5.27 6.52
N GLU A 155 21.25 5.53 5.30
CA GLU A 155 20.95 6.90 4.93
C GLU A 155 19.71 7.39 5.65
N LEU A 156 18.73 6.52 5.86
CA LEU A 156 17.57 6.94 6.64
C LEU A 156 17.97 7.27 8.06
N VAL A 157 18.85 6.46 8.63
CA VAL A 157 19.27 6.73 9.97
C VAL A 157 20.01 8.06 10.02
N LYS A 158 20.90 8.28 9.07
CA LYS A 158 21.62 9.54 9.12
C LYS A 158 20.63 10.70 9.12
N ALA A 159 19.59 10.60 8.30
CA ALA A 159 18.59 11.67 8.28
C ALA A 159 17.94 11.80 9.64
N ALA A 160 17.63 10.66 10.27
CA ALA A 160 17.03 10.68 11.59
C ALA A 160 17.98 11.37 12.56
N GLN A 161 19.28 11.15 12.39
CA GLN A 161 20.22 11.76 13.31
C GLN A 161 20.23 13.26 13.11
N GLU A 162 20.20 13.71 11.85
CA GLU A 162 20.22 15.13 11.54
C GLU A 162 19.01 15.79 12.16
N ARG A 163 17.89 15.06 12.20
CA ARG A 163 16.63 15.60 12.67
C ARG A 163 16.35 15.24 14.12
N ASP A 164 17.31 14.58 14.77
CA ASP A 164 17.26 14.20 16.17
C ASP A 164 16.04 13.32 16.45
N ILE A 165 15.81 12.35 15.57
CA ILE A 165 14.80 11.34 15.78
C ILE A 165 15.53 10.10 16.24
N PRO A 166 15.17 9.55 17.39
CA PRO A 166 15.86 8.40 17.95
C PRO A 166 15.45 7.19 17.12
N TRP A 167 16.33 6.19 17.09
CA TRP A 167 16.04 4.99 16.33
C TRP A 167 16.77 3.82 16.95
N TYR A 168 16.22 2.63 16.72
CA TYR A 168 16.75 1.41 17.30
C TYR A 168 16.73 0.29 16.27
N ARG A 169 17.77 -0.54 16.23
CA ARG A 169 17.66 -1.69 15.35
C ARG A 169 16.77 -2.71 16.02
N MET A 170 15.97 -3.41 15.23
CA MET A 170 15.22 -4.54 15.75
C MET A 170 15.24 -5.62 14.69
N ASN A 171 15.46 -6.87 15.08
CA ASN A 171 15.60 -7.91 14.06
C ASN A 171 16.72 -7.58 13.08
N ASP A 172 17.81 -6.97 13.59
CA ASP A 172 19.04 -6.79 12.84
C ASP A 172 18.73 -6.27 11.43
N ALA A 173 19.33 -6.89 10.42
CA ALA A 173 19.06 -6.59 9.02
C ALA A 173 18.98 -5.07 8.83
N SER A 174 17.88 -4.63 8.23
CA SER A 174 17.67 -3.23 7.88
C SER A 174 16.40 -2.70 8.56
N LEU A 175 15.89 -3.41 9.57
CA LEU A 175 14.64 -3.00 10.20
C LEU A 175 14.94 -2.17 11.43
N ILE A 176 14.40 -0.95 11.42
CA ILE A 176 14.67 0.03 12.47
C ILE A 176 13.37 0.60 13.03
N GLN A 177 13.27 0.64 14.36
CA GLN A 177 12.22 1.40 15.00
C GLN A 177 12.66 2.85 15.07
N VAL A 178 11.77 3.76 14.67
CA VAL A 178 12.10 5.17 14.74
C VAL A 178 11.06 5.86 15.59
N GLY A 179 11.53 6.74 16.45
CA GLY A 179 10.62 7.35 17.39
C GLY A 179 10.44 6.41 18.57
N GLN A 180 9.89 6.96 19.65
CA GLN A 180 9.79 6.23 20.90
C GLN A 180 8.33 6.08 21.35
N GLY A 181 8.12 5.09 22.19
CA GLY A 181 6.86 4.90 22.87
C GLY A 181 5.72 4.72 21.89
N LYS A 182 4.61 5.41 22.18
CA LYS A 182 3.41 5.26 21.39
C LYS A 182 3.56 5.98 20.05
N TYR A 183 4.68 6.66 19.85
CA TYR A 183 4.79 7.42 18.63
C TYR A 183 5.61 6.68 17.60
N GLN A 184 6.05 5.49 18.00
CA GLN A 184 6.97 4.73 17.17
C GLN A 184 6.40 4.46 15.78
N LYS A 185 7.27 4.66 14.80
CA LYS A 185 7.07 4.23 13.44
C LYS A 185 8.18 3.24 13.12
N ARG A 186 8.09 2.52 12.01
CA ARG A 186 9.16 1.62 11.64
C ARG A 186 9.58 1.89 10.22
N ILE A 187 10.85 1.60 9.94
CA ILE A 187 11.36 1.63 8.58
C ILE A 187 12.13 0.34 8.32
N GLU A 188 11.98 -0.21 7.12
CA GLU A 188 12.73 -1.39 6.73
C GLU A 188 13.38 -1.07 5.40
N ALA A 189 14.63 -0.65 5.46
CA ALA A 189 15.28 -0.05 4.30
C ALA A 189 14.33 1.05 3.80
N ALA A 190 13.86 0.97 2.56
CA ALA A 190 13.04 2.06 2.03
C ALA A 190 11.55 1.85 2.25
N LEU A 191 11.11 0.87 3.03
CA LEU A 191 9.68 0.80 3.34
C LEU A 191 9.40 1.46 4.68
N THR A 192 8.21 2.04 4.88
CA THR A 192 7.89 2.46 6.23
C THR A 192 6.73 1.65 6.78
N SER A 193 6.43 1.82 8.07
CA SER A 193 5.35 1.06 8.69
C SER A 193 4.02 1.50 8.13
N LYS A 194 4.03 2.58 7.34
CA LYS A 194 2.82 3.10 6.75
C LYS A 194 2.46 2.32 5.49
N THR A 195 3.49 1.73 4.87
CA THR A 195 3.33 1.07 3.59
C THR A 195 2.42 -0.14 3.72
N SER A 196 1.46 -0.23 2.81
CA SER A 196 0.47 -1.28 2.94
C SER A 196 1.03 -2.56 2.37
N HIS A 197 0.57 -3.66 2.95
CA HIS A 197 0.93 -4.98 2.49
C HIS A 197 0.36 -5.19 1.09
N ILE A 198 -0.85 -4.69 0.84
CA ILE A 198 -1.45 -4.93 -0.45
C ILE A 198 -0.63 -4.22 -1.53
N ALA A 199 -0.21 -2.99 -1.27
CA ALA A 199 0.55 -2.28 -2.30
C ALA A 199 1.82 -3.05 -2.62
N VAL A 200 2.42 -3.69 -1.63
CA VAL A 200 3.64 -4.43 -1.92
C VAL A 200 3.34 -5.64 -2.80
N GLU A 201 2.25 -6.35 -2.48
CA GLU A 201 1.81 -7.51 -3.25
C GLU A 201 1.58 -7.09 -4.70
N ILE A 202 0.94 -5.93 -4.86
CA ILE A 202 0.62 -5.48 -6.19
C ILE A 202 1.90 -5.17 -6.93
N ALA A 203 2.82 -4.46 -6.28
CA ALA A 203 4.06 -4.13 -6.96
C ALA A 203 4.76 -5.40 -7.45
N ALA A 204 4.71 -6.47 -6.64
CA ALA A 204 5.31 -7.73 -7.05
C ALA A 204 4.62 -8.32 -8.27
N ASP A 205 3.28 -8.19 -8.31
CA ASP A 205 2.51 -8.84 -9.36
C ASP A 205 2.50 -7.95 -10.60
N LYS A 206 3.49 -8.17 -11.47
CA LYS A 206 3.69 -7.29 -12.61
C LYS A 206 2.49 -7.29 -13.55
N ASN A 207 1.81 -8.43 -13.66
CA ASN A 207 0.70 -8.47 -14.58
C ASN A 207 -0.48 -7.69 -14.02
N MET A 208 -0.74 -7.86 -12.72
CA MET A 208 -1.84 -7.12 -12.16
C MET A 208 -1.53 -5.63 -12.20
N CYS A 209 -0.25 -5.33 -11.96
CA CYS A 209 0.22 -3.97 -11.91
C CYS A 209 -0.03 -3.31 -13.26
N ASN A 210 0.34 -4.03 -14.32
CA ASN A 210 0.11 -3.50 -15.66
C ASN A 210 -1.37 -3.23 -15.92
N GLN A 211 -2.26 -4.12 -15.48
CA GLN A 211 -3.67 -3.89 -15.76
C GLN A 211 -4.15 -2.64 -15.05
N LEU A 212 -3.75 -2.52 -13.78
CA LEU A 212 -4.24 -1.44 -12.95
C LEU A 212 -3.77 -0.11 -13.51
N LEU A 213 -2.51 -0.08 -13.95
CA LEU A 213 -1.97 1.18 -14.41
C LEU A 213 -2.50 1.49 -15.80
N GLY A 214 -2.66 0.45 -16.63
CA GLY A 214 -3.16 0.65 -17.97
C GLY A 214 -4.51 1.36 -17.95
N ASP A 215 -5.36 0.98 -17.01
CA ASP A 215 -6.70 1.53 -16.93
C ASP A 215 -6.71 2.99 -16.47
N LEU A 216 -5.56 3.49 -16.04
CA LEU A 216 -5.50 4.86 -15.56
C LEU A 216 -4.79 5.72 -16.60
N GLY A 217 -4.53 5.10 -17.76
CA GLY A 217 -3.95 5.76 -18.91
C GLY A 217 -2.44 5.90 -18.77
N LEU A 218 -1.84 5.05 -17.94
CA LEU A 218 -0.42 5.19 -17.75
C LEU A 218 0.29 4.42 -18.85
N PRO A 219 1.51 4.85 -19.21
CA PRO A 219 2.26 4.30 -20.34
C PRO A 219 2.78 2.92 -19.94
N VAL A 220 1.91 1.96 -20.07
CA VAL A 220 2.16 0.64 -19.58
C VAL A 220 2.15 -0.29 -20.78
N PRO A 221 3.26 -1.03 -20.98
CA PRO A 221 3.37 -1.97 -22.09
C PRO A 221 2.60 -3.22 -21.70
N LYS A 222 1.29 -3.08 -21.60
CA LYS A 222 0.48 -4.21 -21.20
C LYS A 222 0.39 -5.14 -22.40
N GLN A 223 -0.40 -4.74 -23.39
CA GLN A 223 -0.38 -5.36 -24.71
C GLN A 223 -0.28 -6.88 -24.57
N ARG A 224 0.64 -7.49 -25.34
CA ARG A 224 1.27 -8.79 -25.14
C ARG A 224 0.37 -10.03 -25.20
N VAL A 225 -0.56 -10.19 -26.15
CA VAL A 225 -1.28 -11.46 -26.15
C VAL A 225 -1.54 -12.00 -27.54
N VAL A 226 -1.08 -13.22 -27.84
CA VAL A 226 -1.58 -13.89 -29.01
C VAL A 226 -2.66 -14.86 -28.55
N TYR A 227 -3.91 -14.46 -28.71
CA TYR A 227 -4.97 -15.26 -28.12
C TYR A 227 -5.08 -16.57 -28.88
N ASP A 228 -5.02 -17.66 -28.13
CA ASP A 228 -5.13 -19.02 -28.65
C ASP A 228 -4.23 -19.25 -29.87
N GLU A 229 -3.03 -18.64 -29.86
CA GLU A 229 -2.05 -18.85 -30.91
C GLU A 229 -2.66 -18.57 -32.29
N ASP A 230 -3.49 -17.52 -32.34
CA ASP A 230 -4.04 -17.03 -33.59
C ASP A 230 -2.91 -16.36 -34.36
N GLU A 231 -3.19 -15.85 -35.56
CA GLU A 231 -2.11 -15.28 -36.32
C GLU A 231 -1.48 -14.08 -35.60
N ALA A 232 -0.20 -14.25 -35.25
CA ALA A 232 0.60 -13.25 -34.56
C ALA A 232 0.82 -12.05 -35.48
N VAL A 233 0.89 -12.31 -36.80
CA VAL A 233 1.11 -11.24 -37.76
C VAL A 233 -0.01 -10.22 -37.64
N SER A 234 -1.26 -10.69 -37.56
CA SER A 234 -2.36 -9.75 -37.44
C SER A 234 -2.11 -8.83 -36.25
N ALA A 235 -1.68 -9.41 -35.12
CA ALA A 235 -1.40 -8.56 -33.97
C ALA A 235 -0.26 -7.59 -34.30
N ALA A 236 0.81 -8.07 -34.93
CA ALA A 236 1.96 -7.21 -35.21
C ALA A 236 1.53 -6.01 -36.04
N ASN A 237 0.61 -6.26 -36.97
CA ASN A 237 0.16 -5.22 -37.87
C ASN A 237 -0.71 -4.21 -37.14
N ARG A 238 -1.43 -4.70 -36.11
CA ARG A 238 -2.32 -3.84 -35.35
C ARG A 238 -1.50 -3.00 -34.37
N ILE A 239 -0.41 -3.58 -33.90
CA ILE A 239 0.43 -2.93 -32.91
C ILE A 239 1.27 -1.85 -33.59
N GLY A 240 1.90 -2.22 -34.70
CA GLY A 240 2.77 -1.30 -35.42
C GLY A 240 4.24 -1.62 -35.18
N TYR A 241 4.96 -1.79 -36.29
CA TYR A 241 6.35 -2.16 -36.30
C TYR A 241 7.19 -0.98 -35.81
N PRO A 242 8.37 -1.18 -35.16
CA PRO A 242 8.94 -2.48 -34.84
C PRO A 242 8.25 -3.16 -33.66
N VAL A 243 8.23 -4.49 -33.70
CA VAL A 243 7.59 -5.27 -32.64
C VAL A 243 8.53 -6.33 -32.08
N VAL A 244 8.07 -6.90 -30.97
CA VAL A 244 8.79 -7.95 -30.26
C VAL A 244 7.90 -9.17 -30.12
N VAL A 245 8.45 -10.33 -30.49
CA VAL A 245 7.73 -11.58 -30.38
C VAL A 245 8.48 -12.48 -29.40
N LYS A 246 7.81 -12.78 -28.30
CA LYS A 246 8.47 -13.53 -27.27
C LYS A 246 7.50 -14.57 -26.72
N PRO A 247 8.03 -15.66 -26.15
CA PRO A 247 7.22 -16.62 -25.39
C PRO A 247 6.72 -15.93 -24.12
N LEU A 248 5.55 -16.34 -23.64
CA LEU A 248 5.00 -15.84 -22.40
C LEU A 248 5.83 -16.34 -21.21
N ASP A 249 6.23 -17.61 -21.24
CA ASP A 249 6.93 -18.24 -20.13
C ASP A 249 8.44 -17.99 -20.24
N GLY A 250 8.97 -17.16 -19.34
CA GLY A 250 10.35 -16.69 -19.42
C GLY A 250 11.39 -17.67 -18.87
N ASN A 251 11.46 -18.88 -19.44
CA ASN A 251 12.39 -19.90 -18.96
C ASN A 251 13.71 -19.85 -19.74
N GLY A 253 14.79 -21.66 -22.55
CA GLY A 253 14.74 -21.64 -24.03
C GLY A 253 14.02 -20.40 -24.55
N ARG A 254 14.14 -19.29 -23.81
CA ARG A 254 13.46 -18.04 -24.11
C ARG A 254 14.28 -17.20 -25.10
N GLY A 255 14.49 -17.76 -26.29
CA GLY A 255 14.93 -16.95 -27.41
C GLY A 255 13.88 -15.88 -27.68
N VAL A 256 14.31 -14.64 -27.92
CA VAL A 256 13.34 -13.58 -28.17
C VAL A 256 13.70 -12.85 -29.45
N SER A 257 12.67 -12.67 -30.29
CA SER A 257 12.81 -11.98 -31.55
C SER A 257 12.42 -10.51 -31.37
N VAL A 258 13.36 -9.62 -31.70
CA VAL A 258 13.15 -8.20 -31.46
C VAL A 258 13.40 -7.44 -32.76
N SER A 259 12.91 -6.20 -32.77
CA SER A 259 13.11 -5.26 -33.87
C SER A 259 12.59 -5.86 -35.16
N LEU A 260 11.39 -6.42 -35.10
CA LEU A 260 10.86 -7.07 -36.28
C LEU A 260 10.04 -6.04 -37.03
N THR A 261 10.37 -5.86 -38.31
CA THR A 261 9.76 -4.82 -39.12
C THR A 261 9.11 -5.39 -40.37
N ASP A 262 8.92 -6.71 -40.41
CA ASP A 262 8.34 -7.34 -41.59
C ASP A 262 7.52 -8.55 -41.17
N GLU A 263 6.43 -8.80 -41.90
CA GLU A 263 5.56 -9.94 -41.61
C GLU A 263 6.38 -11.24 -41.58
N GLN A 264 7.40 -11.34 -42.45
CA GLN A 264 8.20 -12.55 -42.54
C GLN A 264 9.01 -12.75 -41.26
N ALA A 265 9.45 -11.64 -40.67
CA ALA A 265 10.28 -11.71 -39.48
C ALA A 265 9.40 -12.22 -38.35
N VAL A 266 8.14 -11.81 -38.39
CA VAL A 266 7.17 -12.16 -37.38
C VAL A 266 6.79 -13.63 -37.56
N LYS A 267 6.55 -14.04 -38.80
CA LYS A 267 6.16 -15.42 -39.03
C LYS A 267 7.27 -16.32 -38.49
N LYS A 268 8.53 -15.96 -38.77
CA LYS A 268 9.64 -16.78 -38.32
C LYS A 268 9.66 -16.75 -36.80
N ALA A 269 9.53 -15.55 -36.25
CA ALA A 269 9.62 -15.38 -34.80
C ALA A 269 8.53 -16.21 -34.13
N TYR A 270 7.34 -16.23 -34.71
CA TYR A 270 6.25 -16.93 -34.10
C TYR A 270 6.62 -18.41 -34.00
N GLY A 271 7.06 -18.97 -35.12
CA GLY A 271 7.36 -20.40 -35.15
C GLY A 271 8.42 -20.77 -34.12
N LEU A 272 9.36 -19.84 -33.91
CA LEU A 272 10.46 -20.05 -32.98
C LEU A 272 9.97 -19.94 -31.54
N ALA A 273 9.05 -19.00 -31.28
CA ALA A 273 8.53 -18.77 -29.94
C ALA A 273 7.50 -19.82 -29.56
N GLU A 274 6.78 -20.35 -30.57
CA GLU A 274 5.60 -21.19 -30.38
C GLU A 274 5.83 -22.33 -29.38
N PRO A 275 6.90 -23.15 -29.52
CA PRO A 275 7.07 -24.32 -28.66
C PRO A 275 7.45 -24.03 -27.21
N GLU A 276 7.76 -22.76 -26.88
CA GLU A 276 8.24 -22.45 -25.53
C GLU A 276 7.12 -21.93 -24.65
N GLY A 277 6.70 -22.74 -23.69
CA GLY A 277 5.66 -22.36 -22.76
C GLY A 277 4.25 -22.52 -23.31
N SER A 278 3.28 -21.95 -22.59
CA SER A 278 1.86 -22.13 -22.84
C SER A 278 1.36 -21.15 -23.90
N ALA A 279 2.10 -20.05 -24.13
CA ALA A 279 1.63 -18.98 -25.00
C ALA A 279 2.78 -18.18 -25.58
N VAL A 280 2.46 -17.51 -26.70
CA VAL A 280 3.33 -16.54 -27.34
C VAL A 280 2.63 -15.18 -27.26
N ILE A 281 3.44 -14.13 -27.09
CA ILE A 281 2.91 -12.79 -26.86
C ILE A 281 3.65 -11.79 -27.74
N VAL A 282 2.94 -10.73 -28.15
CA VAL A 282 3.50 -9.73 -29.04
C VAL A 282 3.26 -8.35 -28.46
N GLU A 283 4.33 -7.55 -28.41
CA GLU A 283 4.23 -6.18 -27.93
C GLU A 283 5.10 -5.26 -28.79
N SER A 284 4.81 -3.96 -28.73
CA SER A 284 5.63 -2.98 -29.44
C SER A 284 7.02 -2.97 -28.83
N MET A 285 7.98 -2.64 -29.67
CA MET A 285 9.33 -2.56 -29.18
C MET A 285 9.52 -1.24 -28.46
N ILE A 286 10.02 -1.33 -27.23
CA ILE A 286 10.23 -0.12 -26.49
C ILE A 286 11.69 -0.07 -26.11
N ARG A 287 12.33 1.04 -26.47
CA ARG A 287 13.74 1.19 -26.25
C ARG A 287 13.97 2.45 -25.45
N GLY A 288 15.14 2.52 -24.86
CA GLY A 288 15.62 3.69 -24.17
C GLY A 288 16.46 3.27 -22.97
N ASP A 289 16.76 4.23 -22.12
CA ASP A 289 17.54 3.93 -20.94
C ASP A 289 16.58 3.62 -19.81
N ASP A 290 17.12 2.91 -18.83
CA ASP A 290 16.40 2.45 -17.68
C ASP A 290 16.37 3.53 -16.61
N HIS A 291 15.21 4.10 -16.28
CA HIS A 291 15.16 5.16 -15.29
C HIS A 291 14.42 4.70 -14.03
N ARG A 292 14.79 5.26 -12.88
CA ARG A 292 14.03 5.01 -11.68
C ARG A 292 13.49 6.34 -11.18
N LEU A 293 12.16 6.37 -11.01
CA LEU A 293 11.53 7.60 -10.58
C LEU A 293 10.99 7.35 -9.19
N LEU A 294 11.56 8.06 -8.20
CA LEU A 294 11.28 7.76 -6.80
C LEU A 294 10.30 8.77 -6.20
N VAL A 295 9.22 8.21 -5.69
CA VAL A 295 8.13 8.96 -5.10
C VAL A 295 8.06 8.62 -3.62
N VAL A 296 7.95 9.65 -2.79
CA VAL A 296 8.01 9.39 -1.37
C VAL A 296 6.73 9.81 -0.65
N ASN A 297 6.17 10.96 -1.04
CA ASN A 297 5.01 11.35 -0.28
C ASN A 297 3.95 11.91 -1.21
N GLY A 298 3.67 11.14 -2.28
CA GLY A 298 2.80 11.56 -3.36
C GLY A 298 3.47 12.68 -4.15
N GLU A 299 4.78 12.77 -3.93
CA GLU A 299 5.68 13.72 -4.54
C GLU A 299 6.91 12.94 -5.02
N LEU A 300 7.29 13.19 -6.28
CA LEU A 300 8.53 12.65 -6.82
C LEU A 300 9.66 13.41 -6.15
N VAL A 301 10.62 12.69 -5.61
CA VAL A 301 11.65 13.39 -4.86
C VAL A 301 12.98 13.23 -5.57
N ALA A 302 13.09 12.20 -6.41
CA ALA A 302 14.35 11.94 -7.06
C ALA A 302 14.09 11.11 -8.30
N ALA A 303 14.93 11.30 -9.31
CA ALA A 303 14.91 10.43 -10.46
C ALA A 303 16.35 10.28 -10.97
N ALA A 304 16.65 9.06 -11.45
CA ALA A 304 17.97 8.82 -12.00
C ALA A 304 17.90 7.86 -13.17
N ARG A 305 18.84 8.05 -14.10
CA ARG A 305 18.98 7.21 -15.26
C ARG A 305 20.08 6.18 -15.02
N ARG A 306 19.73 4.92 -15.26
CA ARG A 306 20.69 3.84 -15.15
C ARG A 306 21.32 3.67 -16.51
N VAL A 307 22.64 3.89 -16.54
CA VAL A 307 23.39 3.84 -17.76
C VAL A 307 24.34 2.66 -17.72
N PRO A 308 24.23 1.73 -18.70
CA PRO A 308 25.09 0.56 -18.76
C PRO A 308 26.51 1.05 -18.97
N GLY A 309 27.47 0.27 -18.47
CA GLY A 309 28.87 0.59 -18.68
C GLY A 309 29.09 0.90 -20.14
N HIS A 310 29.85 1.97 -20.38
CA HIS A 310 30.02 2.51 -21.71
C HIS A 310 31.29 3.36 -21.74
N VAL A 311 31.63 3.79 -22.94
CA VAL A 311 32.64 4.79 -23.13
C VAL A 311 32.05 5.85 -24.03
N ALA A 312 32.60 7.06 -23.97
CA ALA A 312 32.19 8.10 -24.91
C ALA A 312 33.39 8.49 -25.77
N GLY A 313 33.14 8.68 -27.06
CA GLY A 313 34.17 8.96 -28.04
C GLY A 313 34.69 10.39 -27.93
N ASP A 314 35.77 10.65 -28.66
CA ASP A 314 36.39 11.96 -28.68
C ASP A 314 37.08 12.12 -30.03
N GLY A 315 37.04 11.04 -30.82
CA GLY A 315 37.65 11.00 -32.13
C GLY A 315 39.17 10.81 -32.04
N ILE A 316 39.68 10.60 -30.83
CA ILE A 316 41.11 10.53 -30.58
C ILE A 316 41.50 9.14 -30.09
N HIS A 317 40.78 8.64 -29.08
CA HIS A 317 41.19 7.41 -28.41
C HIS A 317 40.38 6.21 -28.87
N THR A 318 41.06 5.06 -28.93
CA THR A 318 40.41 3.81 -29.31
C THR A 318 39.57 3.34 -28.14
N ILE A 319 38.72 2.36 -28.39
CA ILE A 319 37.94 1.87 -27.29
C ILE A 319 38.85 1.30 -26.20
N ARG A 320 39.88 0.53 -26.58
CA ARG A 320 40.77 0.02 -25.55
C ARG A 320 41.29 1.16 -24.68
N GLU A 321 41.65 2.27 -25.34
CA GLU A 321 42.24 3.40 -24.66
C GLU A 321 41.20 4.10 -23.80
N LEU A 322 39.97 4.19 -24.32
CA LEU A 322 38.89 4.86 -23.61
C LEU A 322 38.52 4.06 -22.35
N ILE A 323 38.56 2.73 -22.44
CA ILE A 323 38.25 1.93 -21.26
C ILE A 323 39.35 2.16 -20.25
N ALA A 324 40.60 2.17 -20.71
CA ALA A 324 41.73 2.42 -19.82
C ALA A 324 41.54 3.77 -19.13
N LEU A 325 41.02 4.77 -19.85
CA LEU A 325 40.78 6.07 -19.26
C LEU A 325 39.67 5.96 -18.22
N VAL A 326 38.63 5.21 -18.54
CA VAL A 326 37.50 5.08 -17.63
C VAL A 326 37.98 4.42 -16.34
N ASN A 327 38.88 3.45 -16.47
CA ASN A 327 39.29 2.72 -15.29
C ASN A 327 40.35 3.47 -14.52
N GLN A 328 40.63 4.72 -14.86
CA GLN A 328 41.47 5.55 -14.01
C GLN A 328 40.60 6.10 -12.88
N ASP A 329 39.29 5.92 -13.05
CA ASP A 329 38.27 6.40 -12.12
C ASP A 329 38.42 5.59 -10.84
N PRO A 330 38.81 6.25 -9.74
CA PRO A 330 39.17 5.58 -8.49
C PRO A 330 37.94 4.97 -7.84
N ARG A 331 36.76 5.27 -8.37
CA ARG A 331 35.55 4.77 -7.76
C ARG A 331 35.27 3.37 -8.26
N ARG A 332 36.05 2.96 -9.26
CA ARG A 332 35.82 1.69 -9.91
C ARG A 332 36.80 0.63 -9.41
N GLY A 333 36.21 -0.45 -8.89
CA GLY A 333 36.96 -1.56 -8.34
C GLY A 333 36.04 -2.39 -7.47
N VAL A 334 36.61 -3.32 -6.70
CA VAL A 334 35.76 -4.14 -5.86
C VAL A 334 36.23 -4.06 -4.41
N GLY A 335 37.06 -3.04 -4.13
CA GLY A 335 37.52 -2.76 -2.79
C GLY A 335 36.40 -2.18 -1.93
N HIS A 336 36.65 -2.11 -0.63
CA HIS A 336 35.69 -1.67 0.35
C HIS A 336 35.12 -0.32 -0.06
N GLU A 337 35.99 0.56 -0.54
CA GLU A 337 35.65 1.94 -0.88
C GLU A 337 35.17 2.09 -2.32
N ASN A 338 35.12 1.00 -3.08
CA ASN A 338 34.80 1.12 -4.50
C ASN A 338 33.33 0.87 -4.78
N VAL A 339 32.65 1.93 -5.18
CA VAL A 339 31.22 1.95 -5.37
C VAL A 339 30.85 1.31 -6.71
N LEU A 340 31.61 1.64 -7.75
CA LEU A 340 31.37 1.13 -9.09
C LEU A 340 32.34 0.00 -9.37
N THR A 341 32.04 -0.84 -10.34
CA THR A 341 33.05 -1.82 -10.70
C THR A 341 33.75 -1.36 -11.97
N ARG A 342 34.85 -2.03 -12.32
CA ARG A 342 35.65 -1.65 -13.46
C ARG A 342 34.89 -2.00 -14.72
N LEU A 343 35.23 -1.26 -15.77
CA LEU A 343 34.70 -1.54 -17.09
C LEU A 343 35.66 -2.51 -17.75
N GLU A 344 35.14 -3.67 -18.17
CA GLU A 344 35.99 -4.73 -18.70
C GLU A 344 35.54 -5.09 -20.11
N LEU A 345 36.52 -5.39 -20.97
CA LEU A 345 36.30 -5.71 -22.37
C LEU A 345 36.04 -7.21 -22.48
N ASP A 346 34.86 -7.64 -22.02
CA ASP A 346 34.49 -9.04 -22.00
C ASP A 346 33.75 -9.38 -23.30
N GLU A 347 33.24 -10.60 -23.34
CA GLU A 347 32.55 -11.17 -24.48
C GLU A 347 31.30 -10.35 -24.82
N GLN A 348 30.57 -9.89 -23.81
CA GLN A 348 29.34 -9.18 -24.09
C GLN A 348 29.70 -7.87 -24.78
N ALA A 349 30.76 -7.23 -24.28
CA ALA A 349 31.22 -5.96 -24.84
C ALA A 349 31.60 -6.16 -26.29
N ILE A 350 32.27 -7.29 -26.57
CA ILE A 350 32.72 -7.54 -27.92
C ILE A 350 31.51 -7.78 -28.82
N ARG A 351 30.54 -8.57 -28.36
CA ARG A 351 29.36 -8.82 -29.17
C ARG A 351 28.69 -7.51 -29.51
N LEU A 352 28.63 -6.61 -28.53
CA LEU A 352 27.95 -5.35 -28.79
C LEU A 352 28.75 -4.52 -29.78
N LEU A 353 30.08 -4.48 -29.64
CA LEU A 353 30.84 -3.69 -30.57
C LEU A 353 30.62 -4.23 -31.98
N GLN A 354 30.60 -5.55 -32.15
CA GLN A 354 30.36 -6.08 -33.48
C GLN A 354 29.01 -5.60 -34.00
N SER A 355 28.00 -5.59 -33.13
CA SER A 355 26.65 -5.17 -33.49
C SER A 355 26.62 -3.70 -33.89
N TYR A 356 27.65 -2.94 -33.50
CA TYR A 356 27.69 -1.52 -33.78
C TYR A 356 28.63 -1.23 -34.95
N GLY A 357 29.31 -2.28 -35.45
CA GLY A 357 30.30 -2.13 -36.51
C GLY A 357 31.64 -1.58 -36.02
N TYR A 358 31.97 -1.87 -34.77
CA TYR A 358 33.22 -1.41 -34.17
C TYR A 358 34.04 -2.59 -33.64
N THR A 359 35.34 -2.34 -33.46
CA THR A 359 36.16 -3.27 -32.73
C THR A 359 36.88 -2.54 -31.60
N ALA A 360 37.62 -3.30 -30.80
CA ALA A 360 38.33 -2.78 -29.66
C ALA A 360 39.29 -1.65 -30.08
N ASP A 361 39.78 -1.72 -31.31
CA ASP A 361 40.80 -0.80 -31.77
C ASP A 361 40.20 0.36 -32.54
N SER A 362 38.87 0.44 -32.57
CA SER A 362 38.16 1.50 -33.26
C SER A 362 38.18 2.77 -32.42
N ILE A 363 38.01 3.93 -33.09
CA ILE A 363 37.97 5.26 -32.46
C ILE A 363 36.64 5.93 -32.73
N PRO A 364 35.71 5.89 -31.76
CA PRO A 364 34.44 6.59 -31.87
C PRO A 364 34.66 8.10 -31.80
N PRO A 365 33.79 8.86 -32.52
CA PRO A 365 33.85 10.32 -32.60
C PRO A 365 33.35 11.03 -31.34
N SER A 366 33.69 12.30 -31.22
CA SER A 366 33.31 13.07 -30.03
C SER A 366 31.79 13.01 -29.80
N GLY A 367 31.45 12.63 -28.57
CA GLY A 367 30.07 12.67 -28.09
C GLY A 367 29.28 11.39 -28.39
N GLU A 368 29.87 10.42 -29.07
CA GLU A 368 29.12 9.19 -29.27
C GLU A 368 29.28 8.30 -28.05
N GLU A 369 28.15 7.86 -27.49
CA GLU A 369 28.21 6.93 -26.38
C GLU A 369 28.12 5.51 -26.93
N VAL A 370 29.05 4.68 -26.48
CA VAL A 370 29.10 3.32 -26.93
C VAL A 370 28.84 2.43 -25.73
N TYR A 371 27.72 1.74 -25.76
CA TYR A 371 27.40 0.92 -24.60
C TYR A 371 28.15 -0.40 -24.75
N LEU A 372 28.83 -0.82 -23.67
CA LEU A 372 29.56 -2.07 -23.73
C LEU A 372 28.79 -3.13 -22.95
N ARG A 373 27.58 -2.77 -22.56
CA ARG A 373 26.75 -3.67 -21.78
C ARG A 373 25.33 -3.62 -22.30
N LYS A 374 24.67 -4.77 -22.22
CA LYS A 374 23.33 -4.94 -22.78
C LYS A 374 22.29 -4.36 -21.81
N THR A 375 22.64 -4.30 -20.52
CA THR A 375 21.72 -3.81 -19.51
C THR A 375 22.54 -3.14 -18.42
N ALA A 376 21.95 -2.19 -17.72
CA ALA A 376 22.69 -1.50 -16.66
C ALA A 376 22.71 -2.31 -15.37
N ASN A 377 23.91 -2.38 -14.79
CA ASN A 377 24.13 -2.88 -13.45
C ASN A 377 25.30 -2.08 -12.92
N ILE A 378 25.60 -2.25 -11.63
CA ILE A 378 26.69 -1.49 -11.06
C ILE A 378 27.89 -2.42 -11.08
N SER A 379 27.56 -3.66 -10.78
CA SER A 379 28.52 -4.71 -10.64
C SER A 379 29.14 -5.07 -12.00
N THR A 380 28.50 -4.67 -13.10
CA THR A 380 28.99 -4.99 -14.43
C THR A 380 29.76 -3.80 -15.00
N GLY A 381 29.79 -2.74 -14.21
CA GLY A 381 30.26 -1.46 -14.69
C GLY A 381 29.05 -0.73 -15.23
N GLY A 382 28.83 0.46 -14.69
CA GLY A 382 27.64 1.22 -15.06
C GLY A 382 27.46 2.35 -14.06
N THR A 383 26.52 3.25 -14.36
CA THR A 383 26.41 4.46 -13.57
C THR A 383 24.95 4.85 -13.35
N ALA A 384 24.74 5.59 -12.27
CA ALA A 384 23.47 6.24 -12.00
C ALA A 384 23.65 7.74 -12.22
N VAL A 385 22.76 8.30 -13.04
CA VAL A 385 22.86 9.69 -13.41
C VAL A 385 21.64 10.46 -12.92
N ASP A 386 21.88 11.53 -12.15
CA ASP A 386 20.78 12.31 -11.64
C ASP A 386 20.11 13.07 -12.78
N VAL A 387 18.79 12.92 -12.86
CA VAL A 387 18.04 13.67 -13.85
C VAL A 387 16.87 14.33 -13.16
N THR A 388 16.94 14.41 -11.83
CA THR A 388 15.82 14.91 -11.05
C THR A 388 15.33 16.26 -11.56
N ASP A 389 16.25 17.13 -11.98
CA ASP A 389 15.87 18.50 -12.30
C ASP A 389 15.33 18.65 -13.72
N VAL A 390 15.36 17.59 -14.53
CA VAL A 390 15.10 17.78 -15.94
C VAL A 390 13.98 16.85 -16.40
N ILE A 391 13.31 16.24 -15.43
CA ILE A 391 12.16 15.40 -15.73
C ILE A 391 11.07 16.29 -16.32
N HIS A 392 10.56 15.88 -17.48
CA HIS A 392 9.39 16.57 -17.97
C HIS A 392 8.26 16.41 -16.97
N PRO A 393 7.59 17.53 -16.63
CA PRO A 393 6.47 17.50 -15.69
C PRO A 393 5.42 16.41 -15.93
N ASP A 394 5.20 16.03 -17.18
CA ASP A 394 4.20 14.99 -17.42
C ASP A 394 4.69 13.67 -16.85
N ASN A 395 6.01 13.48 -16.88
CA ASN A 395 6.58 12.22 -16.44
C ASN A 395 6.60 12.23 -14.93
N LYS A 396 6.77 13.42 -14.36
CA LYS A 396 6.76 13.57 -12.92
C LYS A 396 5.37 13.19 -12.43
N LEU A 397 4.35 13.74 -13.08
CA LEU A 397 2.99 13.48 -12.68
C LEU A 397 2.66 12.01 -12.89
N MET A 398 3.17 11.43 -13.98
CA MET A 398 2.96 10.02 -14.27
C MET A 398 3.43 9.19 -13.10
N ALA A 399 4.65 9.47 -12.64
CA ALA A 399 5.27 8.67 -11.60
C ALA A 399 4.41 8.78 -10.35
N GLU A 400 4.01 10.00 -10.04
CA GLU A 400 3.28 10.23 -8.81
C GLU A 400 1.98 9.44 -8.86
N ARG A 401 1.36 9.49 -10.03
CA ARG A 401 0.07 8.87 -10.24
C ARG A 401 0.21 7.36 -10.13
N ALA A 402 1.27 6.81 -10.74
CA ALA A 402 1.44 5.36 -10.74
C ALA A 402 1.62 4.82 -9.32
N ILE A 403 2.41 5.54 -8.52
CA ILE A 403 2.71 5.03 -7.19
C ILE A 403 1.45 5.11 -6.37
N LEU A 404 0.68 6.20 -6.55
CA LEU A 404 -0.58 6.41 -5.87
C LEU A 404 -1.53 5.25 -6.21
N ALA A 405 -1.56 4.91 -7.50
CA ALA A 405 -2.45 3.89 -8.00
C ALA A 405 -2.16 2.57 -7.30
N VAL A 406 -0.88 2.27 -7.12
CA VAL A 406 -0.51 1.03 -6.46
C VAL A 406 -0.87 1.14 -5.00
N GLY A 407 -0.57 2.32 -4.42
CA GLY A 407 -0.88 2.58 -3.02
C GLY A 407 0.34 2.45 -2.11
N LEU A 408 1.53 2.66 -2.66
CA LEU A 408 2.73 2.66 -1.81
C LEU A 408 2.91 4.03 -1.16
N ASP A 409 3.44 4.05 0.07
CA ASP A 409 3.92 5.26 0.70
C ASP A 409 5.14 5.71 -0.07
N VAL A 410 6.07 4.78 -0.26
CA VAL A 410 7.32 4.99 -0.93
C VAL A 410 7.43 3.94 -2.02
N GLY A 411 7.70 4.38 -3.23
CA GLY A 411 8.05 3.43 -4.27
C GLY A 411 8.69 4.12 -5.44
N ALA A 412 9.13 3.32 -6.39
CA ALA A 412 9.73 3.90 -7.57
C ALA A 412 9.20 3.23 -8.82
N VAL A 413 9.20 4.03 -9.87
CA VAL A 413 8.78 3.54 -11.15
C VAL A 413 10.01 3.18 -11.96
N ASP A 414 10.02 1.95 -12.48
CA ASP A 414 11.02 1.50 -13.41
C ASP A 414 10.48 1.92 -14.76
N PHE A 415 11.07 2.97 -15.32
CA PHE A 415 10.52 3.65 -16.48
C PHE A 415 11.54 3.78 -17.60
N LEU A 416 11.15 3.26 -18.75
CA LEU A 416 12.06 3.15 -19.87
C LEU A 416 11.71 4.24 -20.88
N THR A 417 12.72 5.00 -21.28
CA THR A 417 12.50 6.04 -22.27
C THR A 417 13.80 6.48 -22.90
N THR A 418 13.65 7.02 -24.09
CA THR A 418 14.79 7.44 -24.88
C THR A 418 15.25 8.80 -24.38
N ASP A 419 14.30 9.57 -23.82
CA ASP A 419 14.60 10.90 -23.33
C ASP A 419 13.57 11.32 -22.29
N ILE A 420 13.99 11.32 -21.03
CA ILE A 420 13.15 11.65 -19.90
C ILE A 420 12.78 13.13 -19.91
N THR A 421 13.49 13.91 -20.73
CA THR A 421 13.28 15.33 -20.84
C THR A 421 12.00 15.58 -21.62
N LYS A 422 11.52 14.56 -22.33
CA LYS A 422 10.33 14.74 -23.13
C LYS A 422 9.18 13.97 -22.50
N SER A 423 7.96 14.44 -22.73
CA SER A 423 6.81 13.77 -22.15
C SER A 423 6.60 12.38 -22.71
N TYR A 424 6.14 11.50 -21.81
CA TYR A 424 5.79 10.12 -22.14
C TYR A 424 4.65 10.09 -23.15
N ARG A 425 3.90 11.19 -23.24
CA ARG A 425 2.82 11.22 -24.20
C ARG A 425 3.38 11.16 -25.62
N GLU A 426 4.54 11.80 -25.80
CA GLU A 426 5.14 12.04 -27.11
C GLU A 426 6.24 11.02 -27.36
N THR A 427 6.90 10.56 -26.30
CA THR A 427 7.90 9.53 -26.49
C THR A 427 7.32 8.21 -26.01
N LEU A 428 7.29 7.15 -26.83
CA LEU A 428 6.80 5.90 -26.27
C LEU A 428 7.79 5.35 -25.22
N GLY A 429 7.66 5.92 -24.02
CA GLY A 429 8.31 5.41 -22.84
C GLY A 429 7.37 4.39 -22.20
N ALA A 430 7.84 3.69 -21.18
CA ALA A 430 6.93 2.72 -20.59
C ALA A 430 7.32 2.40 -19.15
N ILE A 431 6.28 2.10 -18.37
CA ILE A 431 6.51 1.62 -17.04
C ILE A 431 6.73 0.12 -17.15
N CYS A 432 7.86 -0.33 -16.64
CA CYS A 432 8.22 -1.73 -16.74
C CYS A 432 7.73 -2.41 -15.47
N GLU A 433 8.04 -1.78 -14.34
CA GLU A 433 7.63 -2.34 -13.07
C GLU A 433 7.57 -1.28 -11.99
N ILE A 434 6.92 -1.65 -10.89
CA ILE A 434 6.91 -0.80 -9.72
C ILE A 434 7.78 -1.43 -8.64
N ASN A 435 8.68 -0.62 -8.10
CA ASN A 435 9.59 -1.10 -7.07
C ASN A 435 9.14 -0.67 -5.68
N ALA A 436 8.64 -1.60 -4.88
CA ALA A 436 8.35 -1.31 -3.49
C ALA A 436 9.65 -1.44 -2.74
N GLY A 437 9.92 -0.52 -1.83
CA GLY A 437 11.15 -0.63 -1.08
C GLY A 437 12.34 -0.51 -2.02
N PRO A 438 12.37 0.55 -2.86
CA PRO A 438 13.42 0.73 -3.85
C PRO A 438 14.73 1.13 -3.16
N GLY A 439 15.85 0.85 -3.82
CA GLY A 439 17.15 1.24 -3.31
C GLY A 439 17.26 2.76 -3.34
N LEU A 440 17.85 3.36 -2.31
CA LEU A 440 18.05 4.80 -2.31
C LEU A 440 19.46 5.13 -2.76
N ARG A 441 20.24 4.06 -2.97
CA ARG A 441 21.65 4.07 -3.28
C ARG A 441 21.93 4.91 -4.53
N MET A 442 21.00 4.91 -5.48
CA MET A 442 21.31 5.54 -6.76
C MET A 442 20.84 6.99 -6.77
N HIS A 443 20.16 7.42 -5.71
CA HIS A 443 19.64 8.77 -5.68
C HIS A 443 20.45 9.57 -4.68
N ILE A 444 21.00 8.87 -3.72
CA ILE A 444 21.88 9.50 -2.77
C ILE A 444 23.28 9.12 -3.21
N SER A 445 24.10 10.13 -3.44
CA SER A 445 25.40 9.84 -4.02
C SER A 445 25.25 9.02 -5.30
N PRO A 446 24.56 9.54 -6.33
CA PRO A 446 24.51 8.90 -7.65
C PRO A 446 25.88 9.11 -8.28
N SER A 447 26.12 8.40 -9.39
CA SER A 447 27.43 8.37 -9.99
C SER A 447 27.76 9.73 -10.58
N GLU A 448 26.76 10.35 -11.20
CA GLU A 448 26.94 11.64 -11.81
C GLU A 448 25.77 12.55 -11.45
N GLY A 449 26.04 13.83 -11.21
CA GLY A 449 24.95 14.74 -10.90
C GLY A 449 24.78 14.95 -9.40
N LYS A 450 23.77 15.73 -9.03
CA LYS A 450 23.59 16.12 -7.65
C LYS A 450 22.80 15.03 -6.92
N PRO A 451 23.10 14.84 -5.62
CA PRO A 451 22.35 13.92 -4.77
C PRO A 451 21.07 14.57 -4.27
N ARG A 452 20.16 13.74 -3.77
CA ARG A 452 18.89 14.21 -3.24
C ARG A 452 18.68 13.67 -1.82
N ASP A 453 18.22 14.50 -0.88
CA ASP A 453 18.03 14.03 0.49
C ASP A 453 16.75 13.21 0.62
N VAL A 454 16.80 12.01 0.09
CA VAL A 454 15.62 11.18 0.03
C VAL A 454 15.34 10.62 1.42
N GLY A 455 16.41 10.34 2.16
CA GLY A 455 16.24 9.86 3.52
C GLY A 455 15.42 10.87 4.31
N GLY A 456 15.77 12.15 4.11
CA GLY A 456 15.06 13.22 4.75
C GLY A 456 13.58 13.18 4.39
N LYS A 457 13.32 13.06 3.10
CA LYS A 457 11.93 13.10 2.67
C LYS A 457 11.14 12.01 3.39
N ILE A 458 11.76 10.85 3.57
CA ILE A 458 11.02 9.77 4.19
C ILE A 458 10.81 10.07 5.66
N MET A 459 11.85 10.53 6.35
CA MET A 459 11.68 10.77 7.77
C MET A 459 10.71 11.92 7.99
N ASP A 460 10.69 12.87 7.07
CA ASP A 460 9.81 14.02 7.19
C ASP A 460 8.38 13.57 6.97
N MET A 461 8.21 12.54 6.14
CA MET A 461 6.89 11.96 5.92
C MET A 461 6.38 11.37 7.23
N LEU A 462 7.26 10.64 7.92
CA LEU A 462 6.91 9.89 9.11
C LEU A 462 6.68 10.84 10.29
N PHE A 463 7.54 11.84 10.40
CA PHE A 463 7.51 12.73 11.55
C PHE A 463 7.56 14.17 11.07
N PRO A 464 6.43 14.69 10.53
CA PRO A 464 6.42 16.03 9.98
C PRO A 464 6.63 16.96 11.17
N ALA A 465 7.15 18.18 10.93
CA ALA A 465 7.40 19.09 12.04
C ALA A 465 6.11 19.37 12.83
N GLY A 466 4.99 19.46 12.12
CA GLY A 466 3.70 19.65 12.77
C GLY A 466 3.44 18.43 13.66
N SER A 467 3.29 18.64 14.97
CA SER A 467 3.06 17.54 15.90
C SER A 467 4.12 16.47 15.71
N GLN A 468 5.38 16.93 15.63
CA GLN A 468 6.47 16.01 15.48
C GLN A 468 6.72 15.28 16.79
N CYS A 469 5.83 14.35 17.10
CA CYS A 469 5.91 13.69 18.38
C CYS A 469 6.86 12.52 18.23
N ARG A 470 8.15 12.84 18.16
CA ARG A 470 9.17 11.83 17.99
C ARG A 470 9.36 11.07 19.30
N VAL A 471 9.14 11.69 20.47
CA VAL A 471 9.54 11.07 21.73
C VAL A 471 8.48 11.26 22.82
N PRO A 472 8.37 10.30 23.77
CA PRO A 472 7.68 10.51 25.03
C PRO A 472 8.69 11.29 25.86
N ILE A 473 8.15 11.96 26.87
CA ILE A 473 9.05 12.74 27.68
C ILE A 473 9.74 11.79 28.66
N ALA A 474 11.07 11.90 28.79
CA ALA A 474 11.78 11.01 29.72
C ALA A 474 12.25 11.80 30.93
N ALA A 475 11.91 11.27 32.12
CA ALA A 475 12.44 11.81 33.36
C ALA A 475 13.23 10.73 34.09
N LEU A 476 14.29 11.14 34.82
CA LEU A 476 15.01 10.22 35.67
C LEU A 476 15.26 10.80 37.06
N THR A 477 14.99 9.96 38.07
CA THR A 477 15.25 10.31 39.45
C THR A 477 16.51 9.60 39.94
N GLY A 478 17.48 10.40 40.39
CA GLY A 478 18.70 9.96 41.05
C GLY A 478 18.39 9.64 42.51
N THR A 479 17.88 8.42 42.72
CA THR A 479 17.39 7.99 44.02
C THR A 479 18.53 7.52 44.91
N ASN A 480 18.20 7.31 46.18
CA ASN A 480 19.15 6.89 47.21
C ASN A 480 18.56 5.65 47.89
N GLY A 481 18.06 4.72 47.07
CA GLY A 481 17.57 3.43 47.52
C GLY A 481 16.05 3.36 47.60
N LYS A 482 15.37 4.50 47.38
CA LYS A 482 13.92 4.55 47.49
C LYS A 482 13.27 4.80 46.13
N THR A 483 12.30 3.95 45.80
CA THR A 483 11.52 4.04 44.58
C THR A 483 10.33 4.97 44.77
N THR A 484 10.16 5.48 45.99
CA THR A 484 9.00 6.25 46.38
C THR A 484 8.87 7.52 45.53
N CYS A 485 9.98 8.25 45.33
CA CYS A 485 9.85 9.49 44.60
C CYS A 485 9.30 9.19 43.21
N ALA A 486 9.90 8.17 42.59
CA ALA A 486 9.53 7.76 41.24
C ALA A 486 8.07 7.32 41.23
N ARG A 487 7.62 6.62 42.27
CA ARG A 487 6.24 6.16 42.27
C ARG A 487 5.32 7.35 42.42
N MET A 488 5.71 8.33 43.23
CA MET A 488 4.85 9.50 43.40
C MET A 488 4.72 10.19 42.05
N LEU A 489 5.85 10.31 41.34
CA LEU A 489 5.80 11.04 40.08
C LEU A 489 4.97 10.27 39.06
N SER A 490 5.19 8.96 38.98
CA SER A 490 4.47 8.21 37.96
C SER A 490 2.99 8.24 38.31
N HIS A 491 2.72 8.29 39.61
CA HIS A 491 1.35 8.29 40.05
C HIS A 491 0.68 9.59 39.63
N ILE A 492 1.37 10.73 39.81
CA ILE A 492 0.80 12.00 39.41
C ILE A 492 0.43 11.91 37.93
N LEU A 493 1.40 11.42 37.16
CA LEU A 493 1.29 11.38 35.72
C LEU A 493 0.16 10.46 35.31
N LYS A 494 0.02 9.30 35.97
CA LYS A 494 -1.05 8.38 35.63
C LYS A 494 -2.40 9.05 35.88
N MET A 495 -2.51 9.70 37.04
CA MET A 495 -3.79 10.32 37.39
C MET A 495 -4.08 11.44 36.40
N ALA A 496 -2.99 12.05 35.90
CA ALA A 496 -3.05 13.18 34.99
C ALA A 496 -3.45 12.73 33.58
N GLY A 497 -3.50 11.42 33.36
CA GLY A 497 -3.94 10.89 32.07
C GLY A 497 -2.79 10.42 31.18
N HIS A 498 -1.61 10.19 31.74
CA HIS A 498 -0.55 9.61 30.94
C HIS A 498 -0.46 8.11 31.13
N VAL A 499 -0.11 7.40 30.05
CA VAL A 499 0.39 6.06 30.21
C VAL A 499 1.88 6.17 30.45
N VAL A 500 2.26 5.80 31.66
CA VAL A 500 3.62 6.06 32.05
C VAL A 500 4.36 4.75 32.13
N GLY A 501 5.55 4.72 31.56
CA GLY A 501 6.44 3.59 31.74
C GLY A 501 7.46 3.97 32.79
N GLN A 502 7.74 3.03 33.69
CA GLN A 502 8.73 3.35 34.70
C GLN A 502 9.50 2.10 35.07
N THR A 503 10.70 2.35 35.55
CA THR A 503 11.53 1.26 36.00
C THR A 503 11.70 1.42 37.50
N SER A 504 11.87 0.28 38.19
CA SER A 504 12.05 0.23 39.64
C SER A 504 13.37 -0.45 39.96
N THR A 505 14.17 -0.73 38.92
CA THR A 505 15.49 -1.36 38.98
C THR A 505 15.41 -2.87 39.19
N ASP A 506 14.26 -3.37 39.64
CA ASP A 506 14.09 -4.81 39.74
C ASP A 506 12.86 -5.21 38.93
N ALA A 507 12.28 -4.20 38.26
CA ALA A 507 11.06 -4.37 37.49
C ALA A 507 10.85 -3.22 36.49
N VAL A 508 10.06 -3.52 35.45
CA VAL A 508 9.57 -2.51 34.53
C VAL A 508 8.05 -2.55 34.55
N LEU A 509 7.47 -1.36 34.66
CA LEU A 509 6.03 -1.22 34.80
C LEU A 509 5.51 -0.29 33.71
N ILE A 510 4.33 -0.65 33.21
CA ILE A 510 3.61 0.13 32.23
C ILE A 510 2.24 0.40 32.81
N ASP A 511 1.86 1.68 32.87
CA ASP A 511 0.63 2.04 33.56
C ASP A 511 0.78 1.51 34.99
N GLY A 512 -0.24 0.85 35.52
CA GLY A 512 -0.16 0.37 36.89
C GLY A 512 0.39 -1.06 36.99
N ASN A 513 0.77 -1.62 35.85
CA ASN A 513 1.05 -3.05 35.80
C ASN A 513 2.54 -3.30 35.67
N VAL A 514 2.98 -4.43 36.22
CA VAL A 514 4.37 -4.79 36.05
C VAL A 514 4.47 -5.77 34.89
N THR A 515 5.44 -5.53 34.02
CA THR A 515 5.57 -6.33 32.81
C THR A 515 6.83 -7.19 32.89
N VAL A 516 7.88 -6.63 33.48
CA VAL A 516 9.17 -7.30 33.45
C VAL A 516 9.73 -7.33 34.86
N LYS A 517 10.23 -8.51 35.27
CA LYS A 517 10.94 -8.65 36.52
C LYS A 517 12.35 -9.14 36.23
N GLY A 518 13.33 -8.72 37.05
CA GLY A 518 14.69 -9.18 36.90
C GLY A 518 15.68 -8.06 37.20
N ASP A 519 16.96 -8.28 36.88
CA ASP A 519 17.92 -7.23 37.11
C ASP A 519 17.73 -6.19 36.02
N MET A 520 16.95 -5.15 36.32
CA MET A 520 16.56 -4.21 35.29
C MET A 520 17.58 -3.08 35.22
N THR A 521 18.72 -3.42 34.64
CA THR A 521 19.83 -2.50 34.55
C THR A 521 19.46 -1.40 33.59
N GLY A 522 20.19 -0.27 33.65
CA GLY A 522 19.90 0.89 32.81
C GLY A 522 19.51 0.51 31.38
N PRO A 523 20.44 -0.13 30.62
CA PRO A 523 20.22 -0.41 29.20
C PRO A 523 18.89 -1.09 28.92
N VAL A 524 18.67 -2.20 29.63
CA VAL A 524 17.54 -3.04 29.28
C VAL A 524 16.28 -2.31 29.71
N SER A 525 16.30 -1.71 30.90
CA SER A 525 15.05 -1.22 31.44
C SER A 525 14.56 -0.06 30.58
N ALA A 526 15.50 0.76 30.12
CA ALA A 526 15.10 1.89 29.32
C ALA A 526 14.48 1.39 28.03
N LYS A 527 15.15 0.41 27.42
CA LYS A 527 14.67 -0.08 26.15
C LYS A 527 13.27 -0.69 26.32
N MET A 528 13.06 -1.41 27.40
CA MET A 528 11.78 -2.07 27.63
C MET A 528 10.68 -1.00 27.59
N VAL A 529 10.98 0.17 28.14
CA VAL A 529 9.95 1.19 28.27
C VAL A 529 9.84 1.97 26.98
N LEU A 530 11.00 2.40 26.46
CA LEU A 530 11.02 3.31 25.34
C LEU A 530 10.41 2.66 24.11
N ARG A 531 10.47 1.34 24.01
CA ARG A 531 9.95 0.67 22.82
C ARG A 531 8.50 0.23 23.01
N ASP A 532 7.93 0.56 24.17
CA ASP A 532 6.60 0.07 24.49
C ASP A 532 5.58 0.96 23.78
N PRO A 533 4.75 0.36 22.92
CA PRO A 533 3.82 1.12 22.07
C PRO A 533 2.70 1.87 22.78
N SER A 534 2.55 1.67 24.10
CA SER A 534 1.48 2.36 24.81
C SER A 534 1.94 3.61 25.57
N VAL A 535 3.23 3.87 25.60
CA VAL A 535 3.78 4.86 26.52
C VAL A 535 3.78 6.30 26.03
N ASP A 536 3.31 7.23 26.89
CA ASP A 536 3.32 8.66 26.65
C ASP A 536 4.57 9.29 27.26
N ILE A 537 4.95 8.75 28.42
CA ILE A 537 5.97 9.41 29.22
C ILE A 537 6.71 8.34 30.01
N ALA A 538 7.99 8.60 30.32
CA ALA A 538 8.79 7.63 31.05
C ALA A 538 9.40 8.23 32.31
N VAL A 539 9.47 7.40 33.37
CA VAL A 539 9.98 7.80 34.67
C VAL A 539 11.35 7.18 34.97
N LEU A 540 11.57 5.94 34.55
CA LEU A 540 12.90 5.33 34.48
C LEU A 540 13.76 5.43 35.75
N GLU A 541 13.37 4.87 36.91
CA GLU A 541 14.36 4.91 37.98
C GLU A 541 15.61 4.11 37.60
N THR A 542 16.80 4.70 37.82
CA THR A 542 18.04 4.04 37.39
C THR A 542 18.87 3.54 38.57
N ALA A 543 19.28 2.26 38.48
CA ALA A 543 20.15 1.63 39.48
C ALA A 543 21.53 2.26 39.44
N ARG A 544 22.10 2.50 40.62
CA ARG A 544 23.44 3.04 40.73
C ARG A 544 24.41 2.08 40.04
N GLY A 545 24.15 0.77 40.18
CA GLY A 545 25.00 -0.25 39.59
C GLY A 545 24.91 -0.24 38.07
N GLY A 546 23.78 0.24 37.54
CA GLY A 546 23.59 0.29 36.11
C GLY A 546 24.53 1.33 35.51
N ILE A 547 24.58 2.47 36.20
CA ILE A 547 25.42 3.54 35.70
C ILE A 547 26.87 3.09 35.69
N VAL A 548 27.22 2.31 36.72
CA VAL A 548 28.59 1.86 36.89
C VAL A 548 28.96 0.82 35.84
N ARG A 549 28.04 -0.12 35.58
CA ARG A 549 28.36 -1.25 34.72
C ARG A 549 28.17 -0.94 33.23
N SER A 550 27.06 -0.29 32.87
CA SER A 550 26.68 -0.15 31.48
C SER A 550 26.31 1.29 31.11
N GLY A 551 26.22 2.14 32.12
CA GLY A 551 25.85 3.53 31.86
C GLY A 551 24.34 3.67 31.79
N LEU A 552 23.90 4.84 31.31
CA LEU A 552 22.47 5.09 31.27
C LEU A 552 21.90 4.31 30.12
N GLY A 553 20.63 3.91 30.25
CA GLY A 553 20.02 3.12 29.19
C GLY A 553 19.43 3.99 28.09
N TYR A 554 19.58 5.31 28.27
CA TYR A 554 19.02 6.28 27.36
C TYR A 554 20.06 7.38 27.22
N MET A 555 19.96 8.21 26.19
CA MET A 555 21.06 9.10 25.89
C MET A 555 20.93 10.42 26.65
N PHE A 556 19.70 10.83 26.94
CA PHE A 556 19.50 12.04 27.70
C PHE A 556 18.09 12.04 28.27
N CYS A 557 17.85 12.90 29.26
CA CYS A 557 16.51 12.99 29.81
C CYS A 557 16.06 14.45 29.73
N ASP A 558 14.75 14.65 29.72
CA ASP A 558 14.23 15.99 29.59
C ASP A 558 14.27 16.63 30.95
N VAL A 559 13.92 15.82 31.95
CA VAL A 559 13.91 16.30 33.31
C VAL A 559 14.61 15.25 34.16
N GLY A 560 15.40 15.73 35.10
CA GLY A 560 16.09 14.75 35.92
C GLY A 560 16.44 15.37 37.26
N ALA A 561 16.66 14.50 38.25
CA ALA A 561 16.78 14.99 39.59
C ALA A 561 17.81 14.17 40.37
N VAL A 562 18.50 14.86 41.28
CA VAL A 562 19.35 14.18 42.23
C VAL A 562 18.90 14.56 43.64
N LEU A 563 18.56 13.52 44.42
CA LEU A 563 17.82 13.72 45.65
C LEU A 563 18.75 13.72 46.87
N ASN A 564 19.84 12.98 46.79
CA ASN A 564 20.66 12.77 47.96
C ASN A 564 22.01 12.27 47.45
N VAL A 565 22.93 12.01 48.38
CA VAL A 565 24.21 11.50 47.91
C VAL A 565 24.48 10.12 48.48
N THR A 566 24.51 10.00 49.80
CA THR A 566 24.96 8.71 50.30
C THR A 566 24.07 8.16 51.39
N SER A 567 24.38 6.92 51.78
CA SER A 567 23.79 6.19 52.87
C SER A 567 24.70 5.02 53.19
N ASP A 568 24.40 4.35 54.30
CA ASP A 568 25.01 3.08 54.62
C ASP A 568 24.24 2.03 53.81
N HIS A 569 24.77 1.68 52.64
CA HIS A 569 24.07 0.83 51.70
C HIS A 569 25.07 0.08 50.83
N LEU A 570 24.55 -0.77 49.92
CA LEU A 570 25.38 -1.54 49.01
C LEU A 570 26.31 -0.62 48.22
N GLY A 571 27.60 -0.97 48.21
CA GLY A 571 28.62 -0.21 47.51
C GLY A 571 28.61 -0.50 46.01
N LEU A 572 29.41 0.26 45.28
CA LEU A 572 29.58 0.07 43.85
C LEU A 572 31.06 -0.24 43.69
N GLY A 573 31.80 0.23 44.69
CA GLY A 573 33.25 0.19 44.68
C GLY A 573 33.81 1.60 44.52
N GLY A 574 35.12 1.67 44.29
CA GLY A 574 35.84 2.93 44.39
C GLY A 574 35.68 3.47 45.81
N VAL A 575 35.18 4.70 45.95
CA VAL A 575 35.18 5.34 47.26
C VAL A 575 33.98 4.88 48.11
N ASP A 576 32.79 4.86 47.51
CA ASP A 576 31.57 4.47 48.19
C ASP A 576 31.30 5.33 49.42
N THR A 577 31.57 6.64 49.34
CA THR A 577 31.18 7.55 50.47
C THR A 577 30.49 8.74 49.82
N LEU A 578 30.87 9.96 50.19
CA LEU A 578 30.29 11.14 49.50
C LEU A 578 30.97 11.25 48.14
N ASP A 579 32.19 10.72 47.99
CA ASP A 579 32.83 10.71 46.69
C ASP A 579 32.40 9.44 45.96
N GLU A 580 32.82 9.33 44.71
CA GLU A 580 32.42 8.24 43.83
C GLU A 580 30.96 8.45 43.45
N LEU A 581 30.07 8.29 44.43
CA LEU A 581 28.64 8.37 44.20
C LEU A 581 28.32 9.73 43.61
N ALA A 582 28.99 10.77 44.09
CA ALA A 582 28.72 12.09 43.53
C ALA A 582 28.92 12.08 42.01
N LYS A 583 30.00 11.41 41.59
CA LYS A 583 30.34 11.45 40.18
C LYS A 583 29.46 10.48 39.40
N VAL A 584 29.04 9.39 40.06
CA VAL A 584 28.16 8.41 39.46
C VAL A 584 26.81 9.04 39.17
N LYS A 585 26.29 9.80 40.12
CA LYS A 585 24.96 10.37 39.99
C LYS A 585 24.99 11.63 39.14
N ARG A 586 26.13 12.34 39.14
CA ARG A 586 26.22 13.61 38.44
C ARG A 586 25.84 13.42 36.98
N VAL A 587 26.18 12.26 36.42
CA VAL A 587 25.98 11.95 35.01
C VAL A 587 24.55 12.25 34.57
N ILE A 588 23.60 12.19 35.51
CA ILE A 588 22.22 12.44 35.15
C ILE A 588 22.07 13.92 34.90
N ALA A 589 22.66 14.72 35.79
CA ALA A 589 22.57 16.17 35.68
C ALA A 589 23.19 16.58 34.34
N GLU A 590 24.28 15.89 33.98
CA GLU A 590 25.08 16.17 32.81
C GLU A 590 24.28 15.96 31.52
N VAL A 591 23.18 15.20 31.59
CA VAL A 591 22.45 14.89 30.37
C VAL A 591 21.01 15.35 30.48
N THR A 592 20.74 16.19 31.47
CA THR A 592 19.38 16.69 31.58
C THR A 592 19.25 17.89 30.67
N ARG A 593 18.20 17.91 29.84
CA ARG A 593 18.09 18.95 28.83
C ARG A 593 17.25 20.14 29.30
N ASP A 594 16.08 19.86 29.87
CA ASP A 594 15.16 20.95 30.18
C ASP A 594 15.39 21.40 31.61
N THR A 595 14.97 20.57 32.55
CA THR A 595 15.07 21.01 33.93
C THR A 595 15.78 19.96 34.77
N VAL A 596 16.79 20.45 35.50
CA VAL A 596 17.49 19.58 36.42
C VAL A 596 17.09 20.04 37.81
N VAL A 597 16.78 19.06 38.65
CA VAL A 597 16.26 19.36 39.97
C VAL A 597 17.27 18.88 40.99
N LEU A 598 17.80 19.80 41.80
CA LEU A 598 18.88 19.44 42.70
C LEU A 598 18.53 19.69 44.17
N ASN A 599 18.96 18.77 45.03
CA ASN A 599 18.81 18.94 46.46
C ASN A 599 19.83 19.98 46.92
N ALA A 600 19.34 21.16 47.28
CA ALA A 600 20.25 22.24 47.60
C ALA A 600 20.73 22.14 49.05
N ASP A 601 20.18 21.17 49.79
CA ASP A 601 20.52 20.97 51.19
C ASP A 601 21.62 19.92 51.27
N ASN A 602 22.19 19.58 50.12
CA ASN A 602 23.23 18.57 50.04
C ASN A 602 24.35 19.12 49.17
N GLU A 603 25.54 19.31 49.78
CA GLU A 603 26.64 20.03 49.13
C GLU A 603 27.08 19.32 47.84
N TYR A 604 27.15 17.99 47.93
CA TYR A 604 27.68 17.19 46.84
C TYR A 604 26.68 17.22 45.67
N THR A 605 25.40 17.31 46.01
CA THR A 605 24.37 17.31 44.99
C THR A 605 24.32 18.70 44.35
N LEU A 606 24.42 19.71 45.20
CA LEU A 606 24.24 21.09 44.76
C LEU A 606 25.27 21.46 43.69
N LYS A 607 26.50 20.97 43.88
CA LYS A 607 27.59 21.33 43.00
C LYS A 607 27.36 20.89 41.55
N MET A 608 26.47 19.91 41.35
CA MET A 608 26.22 19.32 40.04
C MET A 608 25.65 20.35 39.07
N ALA A 609 25.08 21.42 39.63
CA ALA A 609 24.43 22.45 38.83
C ALA A 609 25.44 23.08 37.86
N ALA A 610 26.72 23.01 38.22
CA ALA A 610 27.80 23.61 37.46
C ALA A 610 28.08 22.82 36.18
N HIS A 611 27.60 21.59 36.10
CA HIS A 611 27.95 20.74 34.97
C HIS A 611 26.74 20.50 34.06
N SER A 612 25.55 20.59 34.63
CA SER A 612 24.36 20.31 33.84
C SER A 612 24.18 21.30 32.70
N PRO A 613 23.82 20.82 31.49
CA PRO A 613 23.48 21.68 30.36
C PRO A 613 22.00 22.04 30.30
N ALA A 614 21.28 21.71 31.38
CA ALA A 614 19.84 21.91 31.40
C ALA A 614 19.51 23.41 31.27
N LYS A 615 18.42 23.68 30.53
CA LYS A 615 17.93 25.04 30.33
C LYS A 615 17.59 25.69 31.67
N HIS A 616 17.03 24.91 32.60
CA HIS A 616 16.57 25.43 33.87
C HIS A 616 17.16 24.63 35.02
N ILE A 617 17.59 25.34 36.06
CA ILE A 617 18.01 24.68 37.28
C ILE A 617 16.99 24.97 38.36
N MET A 618 16.42 23.89 38.89
CA MET A 618 15.43 24.03 39.92
C MET A 618 16.08 23.57 41.21
N TYR A 619 15.99 24.42 42.25
CA TYR A 619 16.55 23.96 43.51
C TYR A 619 15.45 23.50 44.46
N VAL A 620 15.75 22.44 45.21
CA VAL A 620 14.81 21.99 46.22
C VAL A 620 15.46 22.15 47.58
N THR A 621 14.75 22.81 48.50
CA THR A 621 15.30 23.04 49.82
C THR A 621 14.22 23.08 50.88
N ARG A 622 14.64 22.73 52.10
CA ARG A 622 13.77 22.83 53.26
C ARG A 622 14.04 24.11 54.03
N ASN A 623 14.98 24.93 53.53
CA ASN A 623 15.40 26.15 54.20
C ASN A 623 14.97 27.38 53.40
N PRO A 624 13.88 28.05 53.83
CA PRO A 624 13.33 29.19 53.11
C PRO A 624 14.35 30.31 52.91
N GLU A 625 15.41 30.30 53.73
CA GLU A 625 16.45 31.30 53.61
C GLU A 625 17.78 30.59 53.48
N HIS A 626 17.99 30.02 52.29
CA HIS A 626 19.16 29.20 51.99
C HIS A 626 20.22 30.07 51.31
N THR A 627 19.99 31.39 51.33
CA THR A 627 20.83 32.38 50.69
C THR A 627 20.77 32.23 49.17
N LEU A 628 21.25 31.07 48.72
CA LEU A 628 21.48 30.86 47.31
C LEU A 628 20.14 30.72 46.62
N VAL A 629 19.25 29.98 47.27
CA VAL A 629 17.97 29.71 46.64
C VAL A 629 17.19 31.01 46.50
N ARG A 630 17.18 31.85 47.55
CA ARG A 630 16.41 33.08 47.48
C ARG A 630 16.90 33.95 46.32
N GLU A 631 18.23 34.00 46.12
CA GLU A 631 18.76 34.77 45.02
C GLU A 631 18.26 34.21 43.69
N HIS A 632 18.39 32.90 43.51
CA HIS A 632 17.95 32.29 42.22
C HIS A 632 16.46 32.60 42.04
N ILE A 633 15.68 32.58 43.13
CA ILE A 633 14.26 32.88 43.06
C ILE A 633 14.04 34.33 42.61
N ARG A 634 14.77 35.26 43.23
CA ARG A 634 14.61 36.68 42.94
C ARG A 634 14.81 36.93 41.45
N LEU A 635 15.70 36.15 40.83
CA LEU A 635 16.04 36.33 39.43
C LEU A 635 15.03 35.62 38.52
N GLY A 636 14.11 34.86 39.11
CA GLY A 636 13.10 34.16 38.32
C GLY A 636 13.38 32.68 38.10
N LYS A 637 14.43 32.15 38.72
CA LYS A 637 14.71 30.74 38.50
C LYS A 637 13.80 29.90 39.39
N ARG A 638 13.74 28.62 39.04
CA ARG A 638 12.80 27.69 39.65
C ARG A 638 13.33 27.16 40.97
N ALA A 639 12.41 26.93 41.91
CA ALA A 639 12.72 26.25 43.16
C ALA A 639 11.47 25.62 43.77
N VAL A 640 11.70 24.60 44.61
CA VAL A 640 10.63 24.06 45.41
C VAL A 640 11.04 24.21 46.86
N VAL A 641 10.22 24.95 47.60
CA VAL A 641 10.63 25.31 48.95
C VAL A 641 9.55 24.90 49.94
N LEU A 642 9.97 24.25 51.04
CA LEU A 642 9.06 24.04 52.14
C LEU A 642 9.10 25.26 53.06
N GLU A 643 7.92 25.83 53.31
CA GLU A 643 7.85 27.06 54.08
C GLU A 643 6.74 27.00 55.13
N GLN A 644 6.99 27.62 56.30
CA GLN A 644 5.87 27.95 57.18
C GLN A 644 5.34 29.31 56.79
N GLY A 645 4.35 29.84 57.52
CA GLY A 645 3.77 31.11 57.15
C GLY A 645 2.30 31.18 57.52
N LEU A 646 1.61 32.21 57.03
CA LEU A 646 0.21 32.40 57.40
C LEU A 646 -0.69 31.40 56.69
N ASN A 647 -0.15 30.63 55.75
CA ASN A 647 -0.95 29.61 55.12
C ASN A 647 -0.52 28.23 55.60
N GLY A 648 0.19 28.17 56.72
CA GLY A 648 0.55 26.88 57.31
C GLY A 648 1.85 26.29 56.75
N GLU A 649 2.15 25.04 57.11
CA GLU A 649 3.34 24.38 56.62
C GLU A 649 3.04 23.82 55.25
N GLN A 650 3.60 24.47 54.22
CA GLN A 650 3.24 24.17 52.85
C GLN A 650 4.46 24.09 51.94
N ILE A 651 4.28 23.39 50.82
CA ILE A 651 5.26 23.41 49.77
C ILE A 651 4.81 24.43 48.73
N VAL A 652 5.74 25.33 48.41
CA VAL A 652 5.51 26.37 47.42
C VAL A 652 6.54 26.24 46.30
N ILE A 653 6.03 26.38 45.08
CA ILE A 653 6.90 26.35 43.92
C ILE A 653 7.22 27.78 43.51
N TYR A 654 8.46 28.00 43.15
CA TYR A 654 8.80 29.30 42.62
C TYR A 654 9.18 29.18 41.15
N ASP A 655 8.71 30.15 40.37
CA ASP A 655 9.02 30.28 38.97
C ASP A 655 8.75 31.72 38.57
N ASN A 656 9.72 32.34 37.90
CA ASN A 656 9.57 33.70 37.38
C ASN A 656 9.33 34.70 38.50
N GLY A 657 9.88 34.40 39.69
CA GLY A 657 9.91 35.34 40.80
C GLY A 657 8.60 35.35 41.56
N MET A 658 7.72 34.40 41.26
CA MET A 658 6.43 34.36 41.94
C MET A 658 6.30 33.07 42.76
N GLN A 659 5.60 33.20 43.89
CA GLN A 659 5.22 32.05 44.69
C GLN A 659 4.06 31.34 44.01
N ILE A 660 4.18 30.02 43.92
CA ILE A 660 3.12 29.20 43.39
C ILE A 660 2.83 28.14 44.43
N PRO A 661 2.06 28.48 45.48
CA PRO A 661 1.87 27.59 46.61
C PRO A 661 1.12 26.36 46.14
N LEU A 662 1.60 25.21 46.58
CA LEU A 662 1.10 23.95 46.04
C LEU A 662 0.21 23.26 47.04
N THR A 663 0.77 22.82 48.17
CA THR A 663 -0.09 22.11 49.12
C THR A 663 0.51 22.05 50.52
N TRP A 664 -0.27 21.52 51.45
CA TRP A 664 0.16 21.29 52.81
C TRP A 664 0.89 19.97 52.94
N THR A 665 1.91 19.95 53.77
CA THR A 665 2.61 18.72 54.05
C THR A 665 1.68 17.72 54.75
N HIS A 666 0.71 18.24 55.49
CA HIS A 666 -0.16 17.38 56.27
C HIS A 666 -1.20 16.73 55.38
N LEU A 667 -1.21 17.13 54.11
CA LEU A 667 -2.23 16.63 53.21
C LEU A 667 -1.57 15.60 52.28
N ILE A 668 -0.33 15.22 52.60
CA ILE A 668 0.34 14.18 51.85
C ILE A 668 0.51 12.96 52.74
N PRO A 669 -0.28 11.91 52.47
CA PRO A 669 -0.35 10.70 53.29
C PRO A 669 0.97 9.93 53.44
N ALA A 670 1.96 10.22 52.60
CA ALA A 670 3.23 9.54 52.76
C ALA A 670 4.00 10.12 53.95
N THR A 671 3.53 11.26 54.46
CA THR A 671 4.11 11.79 55.68
C THR A 671 3.15 11.47 56.80
N LEU A 672 3.58 11.64 58.06
CA LEU A 672 2.64 11.53 59.16
C LEU A 672 2.58 12.93 59.70
N GLU A 673 1.71 13.73 59.09
CA GLU A 673 1.63 15.17 59.32
C GLU A 673 3.01 15.81 59.28
N GLY A 674 3.74 15.54 58.19
CA GLY A 674 5.08 16.08 57.93
C GLY A 674 6.20 15.88 58.96
N LYS A 675 6.46 14.63 59.38
CA LYS A 675 7.50 14.31 60.33
C LYS A 675 8.16 13.10 59.71
N ALA A 676 8.37 13.21 58.40
CA ALA A 676 8.81 12.13 57.56
C ALA A 676 9.64 12.74 56.44
N LEU A 677 10.82 13.23 56.82
CA LEU A 677 11.61 14.08 55.95
C LEU A 677 11.92 13.36 54.64
N HIS A 678 12.07 12.04 54.69
CA HIS A 678 12.41 11.33 53.46
C HIS A 678 11.22 11.35 52.50
N ASN A 679 9.99 11.39 53.03
CA ASN A 679 8.88 11.42 52.10
C ASN A 679 8.59 12.85 51.70
N VAL A 680 8.97 13.78 52.57
CA VAL A 680 8.81 15.16 52.20
C VAL A 680 9.73 15.41 51.01
N GLU A 681 10.96 14.92 51.09
CA GLU A 681 11.86 15.11 49.97
C GLU A 681 11.26 14.44 48.75
N ASN A 682 10.77 13.21 48.90
CA ASN A 682 10.22 12.50 47.77
C ASN A 682 9.13 13.30 47.09
N ALA A 683 8.26 13.91 47.90
CA ALA A 683 7.14 14.69 47.39
C ALA A 683 7.62 15.99 46.75
N MET A 684 8.61 16.63 47.35
CA MET A 684 9.03 17.92 46.83
C MET A 684 9.68 17.69 45.48
N PHE A 685 10.43 16.59 45.37
CA PHE A 685 11.05 16.31 44.09
C PHE A 685 10.02 15.86 43.07
N ALA A 686 9.09 15.01 43.49
CA ALA A 686 8.10 14.55 42.54
C ALA A 686 7.31 15.74 42.01
N ALA A 687 6.99 16.67 42.92
CA ALA A 687 6.20 17.83 42.54
C ALA A 687 7.03 18.71 41.63
N GLY A 688 8.32 18.86 41.97
CA GLY A 688 9.22 19.70 41.19
C GLY A 688 9.29 19.19 39.75
N MET A 689 9.47 17.89 39.65
CA MET A 689 9.56 17.26 38.35
C MET A 689 8.23 17.41 37.62
N ALA A 690 7.12 17.15 38.31
CA ALA A 690 5.83 17.26 37.65
C ALA A 690 5.63 18.66 37.11
N TYR A 691 6.05 19.66 37.89
CA TYR A 691 5.88 21.02 37.44
C TYR A 691 6.73 21.25 36.20
N ALA A 692 7.98 20.79 36.23
CA ALA A 692 8.88 20.97 35.11
C ALA A 692 8.31 20.32 33.85
N LEU A 693 7.58 19.21 34.05
CA LEU A 693 6.98 18.44 32.98
C LEU A 693 5.65 19.03 32.53
N GLY A 694 5.24 20.15 33.16
CA GLY A 694 4.09 20.92 32.72
C GLY A 694 2.76 20.38 33.25
N LYS A 695 2.78 19.73 34.40
CA LYS A 695 1.51 19.30 34.96
C LYS A 695 0.94 20.47 35.72
N THR A 696 -0.37 20.48 35.89
CA THR A 696 -1.00 21.59 36.59
C THR A 696 -0.87 21.36 38.07
N LEU A 697 -1.10 22.42 38.84
CA LEU A 697 -0.98 22.30 40.28
C LEU A 697 -2.08 21.40 40.80
N ASP A 698 -3.24 21.45 40.14
CA ASP A 698 -4.34 20.62 40.60
C ASP A 698 -3.99 19.14 40.41
N GLN A 699 -3.29 18.85 39.30
CA GLN A 699 -2.92 17.48 39.02
C GLN A 699 -1.86 17.01 40.01
N ILE A 700 -0.96 17.93 40.39
CA ILE A 700 0.08 17.57 41.31
C ILE A 700 -0.50 17.36 42.71
N ARG A 701 -1.34 18.30 43.13
CA ARG A 701 -1.98 18.21 44.44
C ARG A 701 -2.80 16.92 44.49
N SER A 702 -3.56 16.65 43.43
CA SER A 702 -4.45 15.52 43.43
C SER A 702 -3.62 14.23 43.53
N GLY A 703 -2.53 14.17 42.76
CA GLY A 703 -1.67 13.01 42.75
C GLY A 703 -1.10 12.75 44.13
N LEU A 704 -0.54 13.79 44.76
CA LEU A 704 0.06 13.57 46.05
C LEU A 704 -0.99 13.19 47.08
N ARG A 705 -2.20 13.76 46.99
CA ARG A 705 -3.26 13.42 47.91
C ARG A 705 -3.65 11.95 47.72
N THR A 706 -3.84 11.58 46.45
CA THR A 706 -4.34 10.26 46.18
C THR A 706 -3.14 9.35 46.01
N PHE A 707 -2.30 9.25 47.04
CA PHE A 707 -1.13 8.42 46.90
C PHE A 707 -1.09 7.45 48.07
N ASP A 708 -0.91 6.18 47.73
CA ASP A 708 -1.13 5.12 48.71
C ASP A 708 -0.03 4.09 48.54
N ASN A 709 1.01 4.16 49.36
CA ASN A 709 2.18 3.33 49.08
C ASN A 709 2.05 1.97 49.79
N THR A 710 1.04 1.22 49.32
CA THR A 710 0.67 -0.11 49.76
C THR A 710 -0.46 -0.65 48.87
N MET B 1 -30.36 -26.78 -25.33
CA MET B 1 -30.91 -25.91 -26.39
C MET B 1 -29.77 -25.18 -27.10
N ASN B 2 -29.81 -25.13 -28.44
CA ASN B 2 -28.79 -24.44 -29.21
C ASN B 2 -28.94 -22.94 -28.98
N ILE B 3 -27.94 -22.36 -28.34
CA ILE B 3 -27.95 -20.94 -28.02
C ILE B 3 -27.18 -20.21 -29.10
N ILE B 4 -27.78 -19.13 -29.61
CA ILE B 4 -27.32 -18.51 -30.84
C ILE B 4 -26.47 -17.29 -30.55
N SER B 5 -27.04 -16.34 -29.80
CA SER B 5 -26.35 -15.07 -29.60
C SER B 5 -26.72 -14.43 -28.26
N THR B 6 -25.69 -14.10 -27.49
CA THR B 6 -25.92 -13.64 -26.13
C THR B 6 -25.06 -12.41 -25.82
N SER B 7 -25.53 -11.66 -24.85
CA SER B 7 -24.75 -10.60 -24.24
C SER B 7 -25.16 -10.55 -22.76
N VAL B 8 -24.30 -9.94 -21.95
CA VAL B 8 -24.64 -9.83 -20.55
C VAL B 8 -24.67 -8.36 -20.15
N PHE B 9 -25.72 -8.00 -19.43
CA PHE B 9 -25.85 -6.64 -18.98
C PHE B 9 -25.25 -6.53 -17.59
N VAL B 10 -24.50 -5.45 -17.40
CA VAL B 10 -23.90 -5.25 -16.10
C VAL B 10 -24.68 -4.15 -15.38
N GLY B 11 -25.30 -3.26 -16.18
CA GLY B 11 -26.06 -2.13 -15.60
C GLY B 11 -27.36 -1.85 -16.33
N PRO B 12 -28.11 -0.78 -15.96
CA PRO B 12 -29.42 -0.46 -16.52
C PRO B 12 -29.78 -0.62 -18.01
N ASN B 13 -30.93 -1.24 -18.28
CA ASN B 13 -31.47 -1.40 -19.65
C ASN B 13 -32.89 -1.86 -19.36
N THR B 14 -33.04 -2.90 -18.54
CA THR B 14 -34.31 -3.38 -18.05
C THR B 14 -34.00 -3.97 -16.68
N PHE B 15 -33.67 -3.10 -15.72
CA PHE B 15 -33.43 -3.42 -14.31
C PHE B 15 -32.00 -3.80 -13.91
N ALA B 16 -31.03 -3.90 -14.84
CA ALA B 16 -29.63 -4.12 -14.45
C ALA B 16 -29.33 -5.46 -13.77
N ARG B 17 -29.96 -6.56 -14.17
CA ARG B 17 -29.74 -7.76 -13.38
C ARG B 17 -29.24 -8.97 -14.17
N THR B 18 -29.43 -8.99 -15.49
CA THR B 18 -29.52 -10.28 -16.17
C THR B 18 -28.58 -10.43 -17.38
N PRO B 19 -28.17 -11.69 -17.72
CA PRO B 19 -27.69 -11.99 -19.06
C PRO B 19 -28.93 -12.16 -19.94
N LEU B 20 -28.74 -11.91 -21.24
CA LEU B 20 -29.80 -12.09 -22.22
C LEU B 20 -29.43 -13.22 -23.16
N ILE B 21 -30.33 -14.22 -23.25
CA ILE B 21 -30.02 -15.42 -23.99
C ILE B 21 -31.00 -15.65 -25.14
N ARG B 22 -30.46 -15.71 -26.36
CA ARG B 22 -31.28 -16.05 -27.52
C ARG B 22 -30.94 -17.47 -27.94
N LEU B 23 -31.87 -18.41 -27.68
CA LEU B 23 -31.70 -19.80 -28.05
C LEU B 23 -32.79 -20.22 -29.05
N THR B 24 -32.87 -21.52 -29.32
CA THR B 24 -33.90 -22.07 -30.20
C THR B 24 -34.64 -23.22 -29.49
N ILE B 27 -32.55 -30.25 -30.66
CA ILE B 27 -33.14 -31.05 -31.77
C ILE B 27 -34.30 -30.27 -32.37
N ASP B 28 -34.11 -29.74 -33.58
CA ASP B 28 -35.10 -28.90 -34.27
C ASP B 28 -36.48 -29.57 -34.29
N PRO B 29 -36.58 -30.88 -34.61
CA PRO B 29 -37.85 -31.61 -34.51
C PRO B 29 -38.63 -31.58 -33.20
N HIS B 30 -38.01 -31.13 -32.11
CA HIS B 30 -38.70 -31.06 -30.84
C HIS B 30 -38.79 -29.63 -30.34
N TYR B 31 -38.67 -28.67 -31.27
CA TYR B 31 -38.69 -27.26 -30.96
C TYR B 31 -39.84 -26.87 -30.03
N ALA B 32 -41.08 -27.26 -30.37
CA ALA B 32 -42.20 -26.97 -29.50
C ALA B 32 -42.63 -28.26 -28.79
N GLU B 33 -42.38 -29.36 -29.48
CA GLU B 33 -42.92 -30.67 -29.18
C GLU B 33 -42.28 -31.26 -27.93
N LYS B 34 -41.06 -30.88 -27.56
CA LYS B 34 -40.50 -31.53 -26.38
C LYS B 34 -41.44 -31.33 -25.19
N LEU B 35 -41.85 -30.08 -24.96
CA LEU B 35 -42.70 -29.77 -23.83
C LEU B 35 -44.15 -30.11 -24.14
N ASN B 36 -44.56 -29.95 -25.39
CA ASN B 36 -45.96 -30.25 -25.70
C ASN B 36 -46.24 -31.73 -25.44
N THR B 37 -45.23 -32.57 -25.70
CA THR B 37 -45.33 -34.00 -25.53
C THR B 37 -45.35 -34.35 -24.04
N LEU B 38 -44.51 -33.67 -23.25
CA LEU B 38 -44.28 -34.05 -21.87
C LEU B 38 -45.32 -33.45 -20.92
N GLY B 39 -45.68 -32.17 -21.14
CA GLY B 39 -46.52 -31.45 -20.20
C GLY B 39 -45.72 -31.04 -18.96
N SER B 40 -46.42 -30.65 -17.88
CA SER B 40 -45.75 -30.08 -16.72
C SER B 40 -45.38 -31.13 -15.68
N GLU B 41 -46.06 -32.28 -15.69
CA GLU B 41 -45.80 -33.28 -14.66
C GLU B 41 -44.58 -34.10 -15.03
N VAL B 42 -43.50 -33.39 -15.37
CA VAL B 42 -42.20 -33.96 -15.64
C VAL B 42 -41.23 -33.06 -14.89
N TYR B 43 -41.79 -31.93 -14.43
CA TYR B 43 -41.03 -30.96 -13.66
C TYR B 43 -40.94 -31.48 -12.23
N GLN B 44 -41.52 -32.66 -12.00
CA GLN B 44 -41.53 -33.34 -10.73
C GLN B 44 -40.10 -33.55 -10.22
N ALA B 45 -39.15 -33.77 -11.14
CA ALA B 45 -37.77 -33.91 -10.72
C ALA B 45 -37.24 -32.55 -10.26
N LEU B 46 -37.64 -31.52 -10.99
CA LEU B 46 -37.17 -30.16 -10.76
C LEU B 46 -37.78 -29.66 -9.46
N ASP B 47 -38.98 -30.15 -9.14
CA ASP B 47 -39.67 -29.77 -7.90
C ASP B 47 -38.87 -30.22 -6.68
N GLN B 48 -37.88 -31.09 -6.87
CA GLN B 48 -37.07 -31.59 -5.77
C GLN B 48 -35.68 -30.96 -5.79
N VAL B 49 -35.10 -30.79 -6.98
CA VAL B 49 -33.74 -30.26 -7.06
C VAL B 49 -33.73 -28.72 -7.03
N VAL B 50 -34.76 -28.10 -7.60
CA VAL B 50 -34.90 -26.64 -7.63
C VAL B 50 -36.31 -26.25 -7.14
N PRO B 51 -36.61 -26.50 -5.85
CA PRO B 51 -37.98 -26.67 -5.37
C PRO B 51 -38.91 -25.46 -5.46
N GLY B 52 -38.35 -24.27 -5.65
CA GLY B 52 -39.14 -23.05 -5.79
C GLY B 52 -40.02 -23.09 -7.04
N MET B 53 -39.65 -23.98 -7.97
CA MET B 53 -40.35 -24.16 -9.23
C MET B 53 -41.73 -24.77 -9.01
N SER B 54 -41.91 -25.46 -7.87
CA SER B 54 -43.14 -26.17 -7.53
C SER B 54 -44.28 -25.20 -7.29
N SER B 55 -43.96 -23.90 -7.18
CA SER B 55 -44.91 -22.84 -6.90
C SER B 55 -45.91 -22.65 -8.04
N ASP B 56 -45.57 -23.10 -9.26
CA ASP B 56 -46.49 -22.95 -10.39
C ASP B 56 -46.46 -24.15 -11.32
N PRO B 57 -47.36 -25.13 -11.07
CA PRO B 57 -47.49 -26.35 -11.89
C PRO B 57 -47.93 -26.17 -13.34
N VAL B 58 -48.31 -24.95 -13.73
CA VAL B 58 -48.75 -24.73 -15.09
C VAL B 58 -47.82 -23.75 -15.82
N GLU B 59 -46.68 -23.41 -15.22
CA GLU B 59 -45.78 -22.45 -15.85
C GLU B 59 -44.99 -23.14 -16.97
N GLN B 60 -45.65 -23.36 -18.12
CA GLN B 60 -45.10 -24.22 -19.14
C GLN B 60 -44.32 -23.44 -20.20
N ALA B 61 -44.45 -22.12 -20.24
CA ALA B 61 -43.75 -21.43 -21.31
C ALA B 61 -42.25 -21.71 -21.16
N PRO B 62 -41.60 -22.28 -22.18
CA PRO B 62 -40.21 -22.77 -22.07
C PRO B 62 -39.23 -21.65 -21.70
N GLY B 63 -39.58 -20.42 -22.08
CA GLY B 63 -38.74 -19.27 -21.75
C GLY B 63 -38.63 -19.09 -20.24
N MET B 64 -39.77 -19.28 -19.57
CA MET B 64 -39.87 -19.09 -18.14
C MET B 64 -39.18 -20.26 -17.45
N LEU B 65 -39.31 -21.45 -18.07
CA LEU B 65 -38.74 -22.65 -17.50
C LEU B 65 -37.22 -22.52 -17.48
N ILE B 66 -36.64 -22.09 -18.62
CA ILE B 66 -35.19 -22.01 -18.69
C ILE B 66 -34.69 -20.92 -17.77
N ALA B 67 -35.36 -19.75 -17.81
CA ALA B 67 -34.92 -18.64 -16.98
C ALA B 67 -35.00 -19.04 -15.51
N ARG B 68 -36.07 -19.73 -15.13
CA ARG B 68 -36.22 -20.08 -13.73
C ARG B 68 -35.18 -21.11 -13.34
N LEU B 69 -34.94 -22.08 -14.22
CA LEU B 69 -33.97 -23.10 -13.87
C LEU B 69 -32.58 -22.46 -13.74
N ALA B 70 -32.20 -21.59 -14.68
CA ALA B 70 -30.89 -20.96 -14.61
C ALA B 70 -30.77 -20.15 -13.31
N LEU B 71 -31.85 -19.48 -12.93
CA LEU B 71 -31.87 -18.68 -11.72
C LEU B 71 -31.66 -19.58 -10.50
N LYS B 72 -32.37 -20.71 -10.49
CA LYS B 72 -32.31 -21.60 -9.35
C LYS B 72 -30.94 -22.28 -9.30
N LEU B 73 -30.32 -22.53 -10.45
CA LEU B 73 -28.98 -23.10 -10.40
C LEU B 73 -28.07 -22.14 -9.64
N GLN B 74 -28.22 -20.85 -9.91
CA GLN B 74 -27.37 -19.90 -9.20
C GLN B 74 -27.76 -19.88 -7.73
N HIS B 75 -29.06 -20.05 -7.42
CA HIS B 75 -29.50 -20.10 -6.04
C HIS B 75 -28.84 -21.27 -5.32
N LEU B 76 -28.77 -22.42 -6.00
CA LEU B 76 -28.13 -23.60 -5.42
C LEU B 76 -26.68 -23.28 -5.10
N ALA B 77 -26.06 -22.48 -5.97
CA ALA B 77 -24.67 -22.06 -5.82
C ALA B 77 -24.50 -20.97 -4.77
N GLY B 78 -25.61 -20.50 -4.18
CA GLY B 78 -25.58 -19.56 -3.06
C GLY B 78 -26.07 -18.15 -3.39
N MET B 79 -26.64 -17.95 -4.58
CA MET B 79 -27.13 -16.63 -4.96
C MET B 79 -28.50 -16.39 -4.32
N GLU B 80 -28.79 -15.11 -4.01
CA GLU B 80 -30.10 -14.69 -3.56
C GLU B 80 -31.08 -14.76 -4.73
N GLY B 81 -32.33 -14.37 -4.48
CA GLY B 81 -33.38 -14.43 -5.48
C GLY B 81 -33.20 -13.38 -6.57
N GLY B 82 -34.05 -13.43 -7.61
CA GLY B 82 -33.95 -12.47 -8.69
C GLY B 82 -34.96 -12.72 -9.81
N ILE B 83 -34.62 -12.21 -10.99
CA ILE B 83 -35.45 -12.23 -12.18
C ILE B 83 -35.34 -13.56 -12.91
N ALA B 84 -36.51 -14.05 -13.34
CA ALA B 84 -36.67 -15.16 -14.26
C ALA B 84 -37.76 -14.72 -15.23
N PHE B 85 -37.33 -14.18 -16.38
CA PHE B 85 -38.19 -13.39 -17.27
C PHE B 85 -38.08 -13.81 -18.74
N THR B 86 -39.22 -13.83 -19.44
CA THR B 86 -39.21 -14.22 -20.85
C THR B 86 -39.76 -13.10 -21.72
N SER B 87 -39.21 -12.98 -22.93
CA SER B 87 -39.61 -11.95 -23.86
C SER B 87 -39.54 -12.44 -25.31
N THR B 88 -40.53 -12.03 -26.12
CA THR B 88 -40.68 -12.47 -27.50
C THR B 88 -39.47 -12.07 -28.35
N SER B 89 -38.98 -13.04 -29.14
CA SER B 89 -37.80 -12.90 -30.00
C SER B 89 -38.15 -12.28 -31.35
N GLN B 90 -37.12 -12.18 -32.20
CA GLN B 90 -37.23 -11.66 -33.55
C GLN B 90 -37.74 -12.77 -34.47
N ALA B 91 -37.58 -14.03 -34.04
CA ALA B 91 -38.01 -15.18 -34.82
C ALA B 91 -39.44 -15.55 -34.46
N ASP B 92 -40.15 -16.18 -35.41
CA ASP B 92 -41.51 -16.62 -35.15
C ASP B 92 -41.51 -17.67 -34.03
N ASP B 93 -42.46 -17.52 -33.11
CA ASP B 93 -42.75 -18.50 -32.07
C ASP B 93 -41.50 -18.81 -31.24
N GLU B 94 -40.75 -17.76 -30.90
CA GLU B 94 -39.52 -17.84 -30.12
C GLU B 94 -39.54 -16.74 -29.07
N ALA B 95 -38.89 -16.99 -27.92
CA ALA B 95 -38.73 -15.97 -26.90
C ALA B 95 -37.30 -16.00 -26.32
N GLU B 96 -36.84 -14.82 -25.91
CA GLU B 96 -35.52 -14.67 -25.33
C GLU B 96 -35.61 -14.92 -23.82
N VAL B 97 -34.51 -15.39 -23.26
CA VAL B 97 -34.48 -15.84 -21.88
C VAL B 97 -33.62 -14.89 -21.04
N LEU B 98 -34.18 -14.37 -19.94
CA LEU B 98 -33.47 -13.39 -19.11
C LEU B 98 -33.54 -13.82 -17.64
N TYR B 99 -32.42 -13.71 -16.92
CA TYR B 99 -32.46 -14.07 -15.51
C TYR B 99 -31.38 -13.35 -14.73
N SER B 100 -31.59 -13.14 -13.42
CA SER B 100 -30.58 -12.47 -12.61
C SER B 100 -29.30 -13.30 -12.53
N TYR B 101 -28.14 -12.61 -12.42
CA TYR B 101 -26.90 -13.35 -12.25
C TYR B 101 -26.00 -12.73 -11.21
N GLU B 102 -25.11 -13.55 -10.65
CA GLU B 102 -24.18 -13.05 -9.65
C GLU B 102 -22.90 -12.57 -10.32
N THR B 103 -22.25 -13.49 -11.05
CA THR B 103 -21.04 -13.20 -11.79
C THR B 103 -21.30 -13.62 -13.23
N GLU B 104 -20.53 -13.08 -14.18
CA GLU B 104 -20.75 -13.33 -15.59
C GLU B 104 -20.55 -14.81 -15.92
N ASP B 105 -19.42 -15.37 -15.50
CA ASP B 105 -19.09 -16.70 -15.95
C ASP B 105 -20.08 -17.72 -15.42
N ILE B 106 -20.52 -17.52 -14.18
CA ILE B 106 -21.40 -18.48 -13.55
C ILE B 106 -22.80 -18.36 -14.13
N GLY B 107 -23.28 -17.12 -14.32
CA GLY B 107 -24.60 -16.93 -14.88
C GLY B 107 -24.68 -17.56 -16.27
N LEU B 108 -23.62 -17.39 -17.06
CA LEU B 108 -23.63 -17.94 -18.41
C LEU B 108 -23.74 -19.46 -18.35
N GLU B 109 -22.97 -20.07 -17.45
CA GLU B 109 -23.02 -21.52 -17.35
C GLU B 109 -24.42 -21.94 -16.92
N ALA B 110 -25.01 -21.23 -15.95
CA ALA B 110 -26.32 -21.61 -15.45
C ALA B 110 -27.31 -21.70 -16.61
N GLY B 111 -27.18 -20.75 -17.54
CA GLY B 111 -28.04 -20.76 -18.71
C GLY B 111 -27.85 -22.04 -19.53
N GLU B 112 -26.60 -22.33 -19.88
CA GLU B 112 -26.27 -23.46 -20.72
C GLU B 112 -26.65 -24.77 -20.04
N VAL B 113 -26.41 -24.84 -18.72
CA VAL B 113 -26.70 -26.04 -17.97
C VAL B 113 -28.22 -26.22 -17.88
N ALA B 114 -28.95 -25.13 -17.60
CA ALA B 114 -30.40 -25.21 -17.58
C ALA B 114 -30.88 -25.83 -18.89
N CYS B 115 -30.30 -25.38 -20.00
CA CYS B 115 -30.71 -25.90 -21.33
C CYS B 115 -30.46 -27.41 -21.39
N ASP B 116 -29.29 -27.88 -20.94
CA ASP B 116 -28.96 -29.29 -21.04
C ASP B 116 -29.88 -30.12 -20.14
N MET B 117 -30.19 -29.60 -18.95
CA MET B 117 -31.04 -30.35 -17.98
C MET B 117 -32.43 -30.53 -18.57
N LEU B 118 -32.94 -29.53 -19.28
CA LEU B 118 -34.32 -29.61 -19.83
C LEU B 118 -34.32 -30.52 -21.07
N VAL B 119 -33.20 -30.57 -21.79
CA VAL B 119 -33.07 -31.51 -22.89
C VAL B 119 -33.22 -32.93 -22.33
N ALA B 120 -32.57 -33.18 -21.18
CA ALA B 120 -32.56 -34.55 -20.60
C ALA B 120 -33.92 -34.95 -20.04
N LEU B 121 -34.93 -34.08 -20.12
CA LEU B 121 -36.29 -34.47 -19.66
C LEU B 121 -36.79 -35.64 -20.51
N ALA B 122 -36.28 -35.81 -21.73
CA ALA B 122 -36.61 -36.95 -22.57
C ALA B 122 -35.47 -37.26 -23.53
N ARG B 123 -34.98 -38.50 -23.42
CA ARG B 123 -33.91 -39.03 -24.24
C ARG B 123 -34.41 -40.35 -24.81
N ALA B 124 -33.84 -40.79 -25.94
CA ALA B 124 -34.34 -41.95 -26.68
C ALA B 124 -35.84 -41.77 -26.93
N GLU B 125 -36.64 -42.83 -26.84
CA GLU B 125 -38.08 -42.72 -27.04
C GLU B 125 -38.71 -41.96 -25.88
N ALA B 126 -38.25 -42.25 -24.66
CA ALA B 126 -38.70 -41.56 -23.46
C ALA B 126 -37.71 -41.88 -22.34
N ASP B 127 -37.37 -40.87 -21.55
CA ASP B 127 -36.46 -41.04 -20.42
C ASP B 127 -36.74 -39.90 -19.45
N VAL B 128 -37.85 -40.00 -18.69
CA VAL B 128 -38.40 -38.84 -18.03
C VAL B 128 -38.08 -38.81 -16.54
N ARG B 129 -38.10 -39.97 -15.89
CA ARG B 129 -37.93 -40.00 -14.44
C ARG B 129 -36.81 -40.96 -14.07
N ALA B 130 -36.29 -40.79 -12.84
CA ALA B 130 -35.14 -41.52 -12.34
C ALA B 130 -33.96 -41.38 -13.30
N VAL B 131 -33.69 -40.13 -13.69
CA VAL B 131 -32.63 -39.81 -14.63
C VAL B 131 -31.58 -38.94 -13.93
N ASP B 132 -30.36 -38.96 -14.47
CA ASP B 132 -29.24 -38.27 -13.87
C ASP B 132 -29.26 -36.78 -14.23
N LEU B 133 -30.10 -36.00 -13.56
CA LEU B 133 -30.07 -34.52 -13.78
C LEU B 133 -29.01 -33.97 -12.83
N SER B 134 -28.66 -34.72 -11.78
CA SER B 134 -27.68 -34.30 -10.80
C SER B 134 -26.28 -34.31 -11.40
N HIS B 135 -26.08 -34.99 -12.53
CA HIS B 135 -24.78 -34.99 -13.19
C HIS B 135 -24.48 -33.58 -13.72
N HIS B 136 -25.51 -32.93 -14.27
CA HIS B 136 -25.38 -31.59 -14.81
C HIS B 136 -25.21 -30.63 -13.64
N ILE B 137 -25.91 -30.93 -12.55
CA ILE B 137 -25.86 -30.08 -11.38
C ILE B 137 -24.46 -30.10 -10.82
N ALA B 138 -23.88 -31.30 -10.71
CA ALA B 138 -22.54 -31.45 -10.18
C ALA B 138 -21.55 -30.68 -11.03
N ARG B 139 -21.70 -30.76 -12.37
CA ARG B 139 -20.75 -30.11 -13.26
C ARG B 139 -20.81 -28.61 -13.01
N TYR B 140 -22.03 -28.09 -12.92
CA TYR B 140 -22.27 -26.68 -12.75
C TYR B 140 -21.65 -26.19 -11.45
N LEU B 141 -21.94 -26.90 -10.35
CA LEU B 141 -21.49 -26.42 -9.06
C LEU B 141 -19.97 -26.49 -9.00
N ARG B 142 -19.37 -27.55 -9.54
CA ARG B 142 -17.92 -27.63 -9.46
C ARG B 142 -17.31 -26.38 -10.11
N TYR B 143 -17.87 -25.97 -11.24
CA TYR B 143 -17.41 -24.77 -11.93
C TYR B 143 -17.54 -23.56 -11.01
N ALA B 144 -18.74 -23.34 -10.49
CA ALA B 144 -19.04 -22.20 -9.63
C ALA B 144 -18.09 -22.14 -8.44
N ASP B 145 -17.83 -23.29 -7.81
CA ASP B 145 -17.07 -23.40 -6.59
C ASP B 145 -15.63 -22.93 -6.77
N LYS B 146 -15.20 -22.82 -8.02
CA LYS B 146 -13.82 -22.48 -8.33
C LYS B 146 -13.77 -21.06 -8.88
N ARG B 147 -14.95 -20.45 -9.07
CA ARG B 147 -15.05 -19.13 -9.67
C ARG B 147 -15.56 -18.09 -8.68
N THR B 148 -16.23 -18.53 -7.61
CA THR B 148 -16.89 -17.67 -6.64
C THR B 148 -15.91 -17.20 -5.56
N LEU B 149 -16.45 -16.45 -4.59
CA LEU B 149 -15.67 -15.83 -3.53
C LEU B 149 -15.42 -16.81 -2.39
N GLY B 150 -14.24 -16.67 -1.78
CA GLY B 150 -13.91 -17.38 -0.55
C GLY B 150 -14.63 -16.76 0.64
N PRO B 151 -14.70 -17.48 1.79
CA PRO B 151 -15.53 -17.05 2.92
C PRO B 151 -15.14 -15.73 3.58
N SER B 152 -13.84 -15.39 3.51
CA SER B 152 -13.44 -14.15 4.12
C SER B 152 -14.06 -13.02 3.31
N ALA B 153 -14.09 -13.22 1.99
CA ALA B 153 -14.60 -12.20 1.12
C ALA B 153 -16.12 -12.20 1.21
N MET B 154 -16.73 -13.38 1.28
CA MET B 154 -18.18 -13.39 1.24
C MET B 154 -18.74 -12.61 2.42
N GLU B 155 -18.10 -12.78 3.57
CA GLU B 155 -18.62 -12.13 4.76
C GLU B 155 -18.39 -10.62 4.68
N LEU B 156 -17.24 -10.22 4.17
CA LEU B 156 -16.96 -8.80 4.08
C LEU B 156 -17.89 -8.15 3.07
N VAL B 157 -18.18 -8.86 1.99
CA VAL B 157 -19.06 -8.28 1.00
C VAL B 157 -20.44 -8.13 1.61
N LYS B 158 -20.91 -9.15 2.33
CA LYS B 158 -22.23 -9.00 2.91
C LYS B 158 -22.28 -7.76 3.79
N ALA B 159 -21.20 -7.51 4.54
CA ALA B 159 -21.18 -6.32 5.38
C ALA B 159 -21.28 -5.08 4.50
N ALA B 160 -20.54 -5.10 3.39
CA ALA B 160 -20.56 -3.98 2.47
C ALA B 160 -21.98 -3.81 1.92
N GLN B 161 -22.68 -4.92 1.68
CA GLN B 161 -24.01 -4.78 1.14
C GLN B 161 -24.91 -4.10 2.16
N GLU B 162 -24.80 -4.52 3.42
CA GLU B 162 -25.65 -3.98 4.48
C GLU B 162 -25.42 -2.47 4.59
N ARG B 163 -24.16 -2.07 4.38
CA ARG B 163 -23.76 -0.70 4.59
C ARG B 163 -23.71 0.08 3.28
N ASP B 164 -24.18 -0.53 2.18
CA ASP B 164 -24.28 0.11 0.88
C ASP B 164 -22.90 0.60 0.42
N ILE B 165 -21.88 -0.19 0.71
CA ILE B 165 -20.53 0.11 0.28
C ILE B 165 -20.29 -0.72 -0.96
N PRO B 166 -19.93 -0.07 -2.08
CA PRO B 166 -19.78 -0.78 -3.33
C PRO B 166 -18.49 -1.58 -3.22
N TRP B 167 -18.39 -2.64 -4.02
CA TRP B 167 -17.15 -3.37 -4.04
C TRP B 167 -16.95 -3.92 -5.44
N TYR B 168 -15.69 -4.15 -5.75
CA TYR B 168 -15.32 -4.67 -7.06
C TYR B 168 -14.23 -5.72 -6.90
N ARG B 169 -14.27 -6.80 -7.67
CA ARG B 169 -13.13 -7.69 -7.61
C ARG B 169 -11.97 -7.02 -8.36
N MET B 170 -10.79 -7.03 -7.75
CA MET B 170 -9.62 -6.49 -8.41
C MET B 170 -8.88 -7.64 -9.06
N ASN B 171 -8.94 -8.82 -8.45
CA ASN B 171 -8.30 -9.98 -9.04
C ASN B 171 -9.28 -11.14 -9.03
N ASP B 172 -8.76 -12.33 -9.34
CA ASP B 172 -9.58 -13.51 -9.50
C ASP B 172 -9.63 -14.29 -8.19
N ALA B 173 -9.16 -13.66 -7.11
CA ALA B 173 -9.14 -14.33 -5.83
C ALA B 173 -9.96 -13.50 -4.84
N SER B 174 -9.28 -12.98 -3.82
CA SER B 174 -9.96 -12.35 -2.70
C SER B 174 -9.58 -10.87 -2.57
N LEU B 175 -8.90 -10.30 -3.57
CA LEU B 175 -8.58 -8.88 -3.49
C LEU B 175 -9.68 -8.06 -4.16
N ILE B 176 -10.29 -7.24 -3.31
CA ILE B 176 -11.52 -6.53 -3.61
C ILE B 176 -11.33 -5.06 -3.28
N GLN B 177 -11.72 -4.20 -4.22
CA GLN B 177 -11.78 -2.78 -3.94
C GLN B 177 -13.11 -2.52 -3.26
N VAL B 178 -13.08 -1.74 -2.19
CA VAL B 178 -14.31 -1.60 -1.42
C VAL B 178 -14.76 -0.17 -1.28
N GLY B 179 -14.53 0.63 -2.30
CA GLY B 179 -15.10 1.96 -2.33
C GLY B 179 -14.81 2.53 -3.69
N GLN B 180 -15.27 3.76 -3.94
CA GLN B 180 -14.99 4.34 -5.24
C GLN B 180 -13.82 5.32 -5.16
N GLY B 181 -13.39 5.79 -6.33
CA GLY B 181 -12.17 6.56 -6.45
C GLY B 181 -12.10 7.63 -5.37
N LYS B 182 -10.88 7.99 -4.97
CA LYS B 182 -10.60 9.02 -3.98
C LYS B 182 -10.85 8.47 -2.58
N TYR B 183 -11.86 7.61 -2.45
CA TYR B 183 -12.19 7.15 -1.12
C TYR B 183 -11.83 5.70 -0.98
N GLN B 184 -11.54 5.09 -2.13
CA GLN B 184 -11.41 3.65 -2.23
C GLN B 184 -10.39 3.10 -1.25
N LYS B 185 -10.83 2.01 -0.62
CA LYS B 185 -9.98 1.20 0.24
C LYS B 185 -9.95 -0.17 -0.41
N ARG B 186 -9.05 -1.04 0.04
CA ARG B 186 -9.02 -2.39 -0.47
C ARG B 186 -9.04 -3.37 0.68
N ILE B 187 -9.52 -4.58 0.39
CA ILE B 187 -9.40 -5.69 1.30
C ILE B 187 -8.86 -6.90 0.53
N GLU B 188 -8.05 -7.72 1.21
CA GLU B 188 -7.65 -9.01 0.67
C GLU B 188 -7.99 -10.06 1.71
N ALA B 189 -9.17 -10.66 1.53
CA ALA B 189 -9.75 -11.45 2.61
C ALA B 189 -9.72 -10.60 3.87
N ALA B 190 -9.05 -11.06 4.92
CA ALA B 190 -9.09 -10.36 6.20
C ALA B 190 -8.01 -9.30 6.32
N LEU B 191 -7.20 -9.04 5.28
CA LEU B 191 -6.29 -7.92 5.36
C LEU B 191 -6.93 -6.68 4.74
N THR B 192 -6.47 -5.51 5.15
CA THR B 192 -6.96 -4.27 4.60
C THR B 192 -5.81 -3.51 3.96
N SER B 193 -6.15 -2.49 3.17
CA SER B 193 -5.12 -1.68 2.53
C SER B 193 -4.37 -0.87 3.58
N LYS B 194 -4.92 -0.86 4.79
CA LYS B 194 -4.36 -0.13 5.90
C LYS B 194 -3.27 -0.97 6.54
N THR B 195 -3.41 -2.30 6.44
CA THR B 195 -2.54 -3.20 7.17
C THR B 195 -1.11 -3.04 6.67
N SER B 196 -0.19 -2.82 7.61
CA SER B 196 1.16 -2.53 7.19
C SER B 196 1.88 -3.79 6.77
N HIS B 197 2.78 -3.60 5.81
CA HIS B 197 3.55 -4.71 5.28
C HIS B 197 4.48 -5.22 6.38
N ILE B 198 5.04 -4.28 7.17
CA ILE B 198 5.99 -4.73 8.17
C ILE B 198 5.27 -5.56 9.23
N ALA B 199 4.09 -5.13 9.64
CA ALA B 199 3.39 -5.90 10.66
C ALA B 199 3.12 -7.31 10.16
N VAL B 200 2.84 -7.45 8.86
CA VAL B 200 2.56 -8.79 8.37
C VAL B 200 3.83 -9.62 8.43
N GLU B 201 4.97 -9.02 8.01
CA GLU B 201 6.26 -9.70 8.03
C GLU B 201 6.59 -10.12 9.45
N ILE B 202 6.30 -9.24 10.41
CA ILE B 202 6.63 -9.57 11.77
C ILE B 202 5.74 -10.69 12.25
N ALA B 203 4.44 -10.63 11.96
CA ALA B 203 3.57 -11.71 12.39
C ALA B 203 4.07 -13.05 11.85
N ALA B 204 4.53 -13.05 10.61
CA ALA B 204 5.05 -14.24 9.97
C ALA B 204 6.31 -14.74 10.67
N ASP B 205 7.17 -13.80 11.13
CA ASP B 205 8.43 -14.18 11.74
C ASP B 205 8.14 -14.55 13.19
N LYS B 206 7.86 -15.82 13.40
CA LYS B 206 7.37 -16.30 14.69
C LYS B 206 8.44 -16.11 15.76
N ASN B 207 9.71 -16.17 15.40
CA ASN B 207 10.74 -16.02 16.41
C ASN B 207 10.82 -14.56 16.83
N MET B 208 10.79 -13.65 15.85
CA MET B 208 10.85 -12.25 16.23
C MET B 208 9.61 -11.89 17.03
N CYS B 209 8.48 -12.46 16.60
CA CYS B 209 7.21 -12.19 17.22
C CYS B 209 7.27 -12.60 18.69
N ASN B 210 7.78 -13.80 18.95
CA ASN B 210 7.94 -14.26 20.31
C ASN B 210 8.78 -13.28 21.13
N GLN B 211 9.91 -12.86 20.56
CA GLN B 211 10.82 -11.99 21.29
C GLN B 211 10.14 -10.65 21.54
N LEU B 212 9.46 -10.13 20.52
CA LEU B 212 8.86 -8.82 20.57
C LEU B 212 7.81 -8.79 21.67
N LEU B 213 7.00 -9.84 21.72
CA LEU B 213 5.90 -9.84 22.67
C LEU B 213 6.43 -10.14 24.07
N GLY B 214 7.42 -11.03 24.14
CA GLY B 214 7.98 -11.38 25.43
C GLY B 214 8.50 -10.14 26.15
N ASP B 215 9.13 -9.24 25.38
CA ASP B 215 9.75 -8.07 25.98
C ASP B 215 8.71 -7.03 26.41
N LEU B 216 7.44 -7.27 26.08
CA LEU B 216 6.39 -6.36 26.50
C LEU B 216 5.61 -6.99 27.65
N GLY B 217 6.15 -8.11 28.14
CA GLY B 217 5.62 -8.83 29.28
C GLY B 217 4.44 -9.72 28.88
N LEU B 218 4.35 -10.03 27.61
CA LEU B 218 3.22 -10.85 27.22
C LEU B 218 3.58 -12.30 27.44
N PRO B 219 2.54 -13.13 27.71
CA PRO B 219 2.73 -14.54 28.00
C PRO B 219 3.07 -15.28 26.71
N VAL B 220 4.37 -15.37 26.47
CA VAL B 220 4.86 -16.16 25.36
C VAL B 220 5.72 -17.25 25.99
N PRO B 221 5.92 -18.38 25.31
CA PRO B 221 6.84 -19.41 25.79
C PRO B 221 8.29 -18.98 25.62
N LYS B 222 9.16 -19.44 26.52
CA LYS B 222 10.58 -19.29 26.28
C LYS B 222 10.95 -20.23 25.13
N GLN B 223 11.74 -19.74 24.18
CA GLN B 223 12.15 -20.60 23.08
C GLN B 223 13.57 -20.31 22.59
N ARG B 224 14.15 -21.33 21.95
CA ARG B 224 15.47 -21.32 21.35
C ARG B 224 15.41 -21.97 19.97
N VAL B 225 16.25 -21.49 19.04
CA VAL B 225 16.24 -21.98 17.67
C VAL B 225 17.24 -23.12 17.49
N VAL B 226 16.82 -24.18 16.81
CA VAL B 226 17.75 -25.23 16.48
C VAL B 226 18.24 -24.93 15.08
N TYR B 227 19.56 -24.86 14.95
CA TYR B 227 20.08 -24.73 13.60
C TYR B 227 20.25 -26.14 13.08
N ASP B 228 19.52 -26.46 12.01
CA ASP B 228 19.42 -27.84 11.52
C ASP B 228 19.11 -28.76 12.69
N GLU B 229 20.01 -29.69 13.00
CA GLU B 229 19.83 -30.61 14.11
C GLU B 229 20.97 -30.45 15.11
N ASP B 230 21.61 -29.26 15.10
CA ASP B 230 22.84 -29.05 15.84
C ASP B 230 22.64 -29.31 17.32
N GLU B 231 23.60 -30.04 17.89
CA GLU B 231 23.72 -30.36 19.30
C GLU B 231 22.90 -31.59 19.70
N ALA B 232 22.05 -32.09 18.79
CA ALA B 232 21.14 -33.20 19.07
C ALA B 232 20.16 -32.90 20.22
N VAL B 233 20.65 -32.66 21.43
CA VAL B 233 19.80 -32.20 22.53
C VAL B 233 20.54 -31.06 23.24
N SER B 234 19.89 -29.90 23.40
CA SER B 234 20.58 -28.79 24.04
C SER B 234 19.62 -27.82 24.74
N ALA B 235 18.85 -27.09 23.94
CA ALA B 235 18.09 -25.94 24.42
C ALA B 235 17.15 -26.34 25.56
N ALA B 236 16.56 -27.53 25.43
CA ALA B 236 15.58 -28.01 26.44
C ALA B 236 16.19 -27.99 27.85
N ASN B 237 17.51 -28.07 27.95
CA ASN B 237 18.13 -28.13 29.27
C ASN B 237 18.18 -26.75 29.93
N ARG B 238 17.84 -25.70 29.16
CA ARG B 238 17.77 -24.34 29.67
C ARG B 238 16.32 -23.89 29.80
N ILE B 239 15.39 -24.78 29.41
CA ILE B 239 13.97 -24.47 29.32
C ILE B 239 13.19 -25.27 30.37
N GLY B 240 13.48 -26.58 30.44
CA GLY B 240 12.71 -27.48 31.28
C GLY B 240 12.27 -28.70 30.48
N TYR B 241 11.86 -29.76 31.18
CA TYR B 241 11.48 -31.01 30.55
C TYR B 241 10.21 -30.89 29.70
N PRO B 242 9.18 -30.11 30.12
CA PRO B 242 7.93 -30.01 29.34
C PRO B 242 8.10 -29.10 28.14
N VAL B 243 8.69 -29.67 27.07
CA VAL B 243 8.96 -28.92 25.84
C VAL B 243 8.47 -29.66 24.61
N VAL B 244 8.38 -28.91 23.51
CA VAL B 244 8.02 -29.45 22.21
C VAL B 244 9.04 -28.97 21.18
N VAL B 245 9.11 -29.68 20.06
CA VAL B 245 9.97 -29.32 18.95
C VAL B 245 9.17 -29.35 17.64
N ASP B 249 7.80 -23.48 9.14
CA ASP B 249 7.93 -23.19 7.72
C ASP B 249 6.66 -23.48 6.92
N GLY B 250 5.52 -23.07 7.48
CA GLY B 250 4.22 -23.19 6.84
C GLY B 250 3.62 -24.60 6.92
N ASN B 251 4.15 -25.45 7.81
CA ASN B 251 3.64 -26.79 7.93
C ASN B 251 2.14 -26.83 8.25
N HIS B 252 1.40 -27.67 7.52
CA HIS B 252 -0.02 -27.87 7.75
C HIS B 252 -0.33 -29.29 8.23
N GLY B 253 0.64 -30.21 8.15
CA GLY B 253 0.44 -31.56 8.63
C GLY B 253 0.96 -31.73 10.05
N SER B 257 6.57 -34.81 17.70
CA SER B 257 7.60 -34.51 18.74
C SER B 257 6.99 -33.65 19.85
N VAL B 258 6.30 -34.33 20.77
CA VAL B 258 5.59 -33.65 21.85
C VAL B 258 5.99 -34.30 23.17
N SER B 259 5.97 -33.49 24.25
CA SER B 259 6.20 -33.98 25.60
C SER B 259 7.57 -34.64 25.70
N LEU B 260 8.58 -33.91 25.23
CA LEU B 260 9.90 -34.51 25.11
C LEU B 260 10.69 -34.40 26.41
N THR B 261 10.23 -35.13 27.42
CA THR B 261 10.89 -35.17 28.72
C THR B 261 12.05 -36.17 28.66
N ASP B 262 12.07 -36.95 27.59
CA ASP B 262 13.13 -37.88 27.27
C ASP B 262 14.13 -37.21 26.35
N GLU B 263 15.38 -37.05 26.83
CA GLU B 263 16.42 -36.42 26.02
C GLU B 263 16.56 -37.10 24.66
N GLN B 264 16.34 -38.41 24.60
CA GLN B 264 16.46 -39.16 23.35
C GLN B 264 15.37 -38.76 22.37
N ALA B 265 14.18 -38.43 22.90
CA ALA B 265 13.07 -38.05 22.05
C ALA B 265 13.41 -36.71 21.40
N VAL B 266 14.14 -35.86 22.14
CA VAL B 266 14.56 -34.54 21.60
C VAL B 266 15.69 -34.75 20.58
N LYS B 267 16.59 -35.72 20.80
CA LYS B 267 17.60 -35.98 19.80
C LYS B 267 16.92 -36.34 18.48
N LYS B 268 15.87 -37.18 18.59
CA LYS B 268 15.11 -37.57 17.43
C LYS B 268 14.50 -36.31 16.82
N ALA B 269 13.89 -35.47 17.66
CA ALA B 269 13.20 -34.32 17.14
C ALA B 269 14.14 -33.40 16.34
N TYR B 270 15.34 -33.17 16.87
CA TYR B 270 16.26 -32.28 16.17
C TYR B 270 16.54 -32.83 14.77
N GLY B 271 16.74 -34.15 14.68
CA GLY B 271 17.04 -34.79 13.42
C GLY B 271 15.81 -35.35 12.70
N LEU B 272 14.58 -35.04 13.18
CA LEU B 272 13.37 -35.66 12.65
C LEU B 272 12.38 -34.63 12.10
N ALA B 273 12.16 -33.53 12.84
CA ALA B 273 11.02 -32.66 12.58
C ALA B 273 11.30 -31.73 11.40
N GLU B 274 11.50 -32.31 10.21
CA GLU B 274 11.76 -31.50 9.04
C GLU B 274 10.92 -31.89 7.83
N PRO B 275 9.58 -32.10 7.94
CA PRO B 275 8.76 -32.37 6.76
C PRO B 275 8.71 -31.15 5.82
N GLU B 276 8.99 -29.98 6.40
CA GLU B 276 9.06 -28.72 5.67
C GLU B 276 10.48 -28.19 5.69
N GLY B 277 11.46 -29.05 5.99
CA GLY B 277 12.86 -28.65 5.99
C GLY B 277 13.30 -28.01 7.31
N SER B 278 14.50 -27.40 7.26
CA SER B 278 15.23 -26.97 8.44
C SER B 278 14.72 -25.63 8.99
N ALA B 279 13.61 -25.68 9.72
CA ALA B 279 13.08 -24.52 10.44
C ALA B 279 12.57 -24.93 11.82
N VAL B 280 13.48 -25.52 12.62
CA VAL B 280 13.06 -26.23 13.82
C VAL B 280 13.45 -25.46 15.07
N ILE B 281 12.54 -25.46 16.05
CA ILE B 281 12.76 -24.73 17.29
C ILE B 281 12.39 -25.58 18.49
N VAL B 282 12.92 -25.20 19.65
CA VAL B 282 12.59 -25.79 20.94
C VAL B 282 11.86 -24.77 21.79
N GLU B 283 10.69 -25.13 22.30
CA GLU B 283 9.94 -24.17 23.10
C GLU B 283 9.30 -24.82 24.32
N SER B 284 9.11 -24.00 25.36
CA SER B 284 8.37 -24.39 26.53
C SER B 284 6.96 -24.80 26.12
N MET B 285 6.50 -25.90 26.69
CA MET B 285 5.20 -26.44 26.31
C MET B 285 4.19 -26.07 27.39
N ILE B 286 3.05 -25.58 26.94
CA ILE B 286 1.91 -25.52 27.83
C ILE B 286 0.80 -26.28 27.15
N ARG B 287 -0.20 -26.59 27.95
CA ARG B 287 -1.32 -27.37 27.46
C ARG B 287 -2.58 -26.59 27.73
N GLY B 288 -3.62 -26.94 26.98
CA GLY B 288 -4.88 -26.25 27.04
C GLY B 288 -5.49 -26.16 25.65
N ASP B 289 -6.61 -25.44 25.57
CA ASP B 289 -7.33 -25.39 24.33
C ASP B 289 -6.87 -24.20 23.51
N ASP B 290 -7.11 -24.34 22.20
CA ASP B 290 -6.72 -23.37 21.20
C ASP B 290 -7.80 -22.31 21.07
N HIS B 291 -7.43 -21.09 21.44
CA HIS B 291 -8.35 -19.97 21.32
C HIS B 291 -7.83 -18.99 20.28
N ARG B 292 -8.76 -18.42 19.53
CA ARG B 292 -8.38 -17.39 18.57
C ARG B 292 -9.04 -16.09 19.01
N LEU B 293 -8.20 -15.08 19.23
CA LEU B 293 -8.70 -13.84 19.77
C LEU B 293 -8.56 -12.80 18.68
N LEU B 294 -9.70 -12.30 18.20
CA LEU B 294 -9.72 -11.46 17.00
C LEU B 294 -9.87 -9.99 17.36
N VAL B 295 -8.88 -9.22 16.90
CA VAL B 295 -8.78 -7.81 17.15
C VAL B 295 -8.92 -7.09 15.82
N VAL B 296 -9.75 -6.04 15.81
CA VAL B 296 -10.02 -5.37 14.55
C VAL B 296 -9.58 -3.92 14.58
N ASN B 297 -9.82 -3.24 15.69
CA ASN B 297 -9.56 -1.82 15.65
C ASN B 297 -8.89 -1.37 16.94
N GLY B 298 -7.88 -2.15 17.38
CA GLY B 298 -7.24 -1.96 18.67
C GLY B 298 -8.22 -2.36 19.77
N GLU B 299 -9.24 -3.09 19.32
CA GLU B 299 -10.35 -3.61 20.10
C GLU B 299 -10.58 -5.05 19.67
N LEU B 300 -10.69 -5.93 20.68
CA LEU B 300 -11.06 -7.31 20.44
C LEU B 300 -12.54 -7.32 20.13
N VAL B 301 -12.90 -8.00 19.05
CA VAL B 301 -14.29 -7.97 18.66
C VAL B 301 -14.90 -9.35 18.79
N ALA B 302 -14.04 -10.36 18.79
CA ALA B 302 -14.54 -11.71 18.85
C ALA B 302 -13.45 -12.61 19.41
N ALA B 303 -13.87 -13.69 20.03
CA ALA B 303 -12.95 -14.72 20.44
C ALA B 303 -13.70 -16.04 20.38
N ALA B 304 -12.99 -17.11 20.02
CA ALA B 304 -13.62 -18.42 19.99
C ALA B 304 -12.61 -19.50 20.35
N ARG B 305 -13.14 -20.60 20.92
CA ARG B 305 -12.38 -21.78 21.24
C ARG B 305 -12.52 -22.80 20.11
N ARG B 306 -11.37 -23.26 19.63
CA ARG B 306 -11.37 -24.34 18.66
C ARG B 306 -11.45 -25.62 19.47
N VAL B 307 -12.34 -26.50 19.04
CA VAL B 307 -12.65 -27.67 19.83
C VAL B 307 -12.25 -28.93 19.08
N PRO B 308 -11.33 -29.73 19.64
CA PRO B 308 -10.94 -31.00 19.05
C PRO B 308 -12.14 -31.92 19.02
N GLY B 309 -12.19 -32.81 18.02
CA GLY B 309 -13.25 -33.81 17.99
C GLY B 309 -13.23 -34.53 19.33
N HIS B 310 -14.42 -34.75 19.89
CA HIS B 310 -14.50 -35.25 21.26
C HIS B 310 -15.82 -35.95 21.55
N VAL B 311 -15.82 -36.65 22.69
CA VAL B 311 -17.01 -37.26 23.23
C VAL B 311 -17.54 -36.33 24.31
N ALA B 312 -18.83 -36.00 24.21
CA ALA B 312 -19.48 -35.14 25.18
C ALA B 312 -19.56 -35.84 26.54
N GLY B 315 -22.36 -40.24 29.77
CA GLY B 315 -22.49 -41.24 30.85
C GLY B 315 -23.76 -42.08 30.71
N ILE B 316 -24.42 -41.98 29.57
CA ILE B 316 -25.61 -42.76 29.30
C ILE B 316 -25.31 -43.84 28.26
N HIS B 317 -24.66 -43.43 27.17
CA HIS B 317 -24.45 -44.29 26.02
C HIS B 317 -23.05 -44.91 25.98
N THR B 318 -22.95 -46.06 25.30
CA THR B 318 -21.68 -46.70 25.04
C THR B 318 -20.95 -45.89 23.96
N ILE B 319 -19.66 -46.17 23.75
CA ILE B 319 -19.00 -45.38 22.72
C ILE B 319 -19.62 -45.68 21.36
N ARG B 320 -19.88 -46.95 21.02
CA ARG B 320 -20.47 -47.19 19.71
C ARG B 320 -21.73 -46.35 19.53
N GLU B 321 -22.54 -46.29 20.60
CA GLU B 321 -23.78 -45.54 20.57
C GLU B 321 -23.50 -44.04 20.48
N LEU B 322 -22.49 -43.56 21.21
CA LEU B 322 -22.17 -42.14 21.24
C LEU B 322 -21.66 -41.68 19.87
N ILE B 323 -20.85 -42.50 19.21
CA ILE B 323 -20.32 -42.11 17.91
C ILE B 323 -21.50 -42.01 16.95
N ALA B 324 -22.39 -43.01 17.02
CA ALA B 324 -23.58 -43.02 16.18
C ALA B 324 -24.44 -41.80 16.50
N LEU B 325 -24.58 -41.49 17.79
CA LEU B 325 -25.42 -40.39 18.25
C LEU B 325 -24.90 -39.08 17.65
N VAL B 326 -23.58 -38.97 17.58
CA VAL B 326 -22.93 -37.81 17.01
C VAL B 326 -23.10 -37.82 15.49
N ASN B 327 -22.88 -38.96 14.84
CA ASN B 327 -22.96 -39.01 13.39
C ASN B 327 -24.39 -38.82 12.90
N GLN B 328 -25.36 -39.13 13.77
CA GLN B 328 -26.76 -39.06 13.43
C GLN B 328 -27.30 -37.67 13.77
N ASP B 329 -26.44 -36.82 14.33
CA ASP B 329 -26.78 -35.45 14.70
C ASP B 329 -27.04 -34.66 13.42
N PRO B 330 -28.30 -34.18 13.23
CA PRO B 330 -28.69 -33.49 12.00
C PRO B 330 -28.05 -32.11 11.93
N ARG B 331 -26.72 -32.12 11.89
CA ARG B 331 -25.92 -30.92 11.67
C ARG B 331 -25.48 -30.96 10.21
N ARG B 332 -25.47 -32.18 9.70
CA ARG B 332 -24.96 -32.34 8.33
C ARG B 332 -25.42 -33.66 7.72
N GLY B 333 -25.64 -33.64 6.43
CA GLY B 333 -25.87 -34.85 5.66
C GLY B 333 -24.53 -35.38 5.19
N VAL B 334 -23.88 -34.61 4.31
CA VAL B 334 -22.54 -34.94 3.86
C VAL B 334 -21.66 -33.69 4.02
N GLY B 335 -20.34 -33.91 4.01
CA GLY B 335 -19.39 -32.82 4.13
C GLY B 335 -19.35 -31.98 2.86
N HIS B 336 -18.79 -30.77 2.99
CA HIS B 336 -18.70 -29.82 1.89
C HIS B 336 -20.07 -29.26 1.53
N GLU B 337 -20.98 -30.12 1.06
CA GLU B 337 -22.31 -29.69 0.63
C GLU B 337 -23.06 -29.06 1.81
N ASN B 338 -22.95 -29.67 3.00
CA ASN B 338 -23.58 -29.12 4.18
C ASN B 338 -22.52 -28.53 5.08
N VAL B 339 -21.32 -28.32 4.51
CA VAL B 339 -20.14 -27.81 5.18
C VAL B 339 -19.58 -28.82 6.18
N LEU B 340 -20.40 -29.17 7.19
CA LEU B 340 -19.97 -29.89 8.38
C LEU B 340 -19.87 -31.39 8.16
N THR B 341 -18.98 -32.01 8.95
CA THR B 341 -18.83 -33.45 9.03
C THR B 341 -18.69 -33.85 10.49
N ARG B 342 -18.74 -35.16 10.74
CA ARG B 342 -18.48 -35.75 12.03
C ARG B 342 -17.57 -36.96 11.80
N LEU B 343 -16.91 -37.42 12.87
CA LEU B 343 -15.87 -38.43 12.75
C LEU B 343 -16.36 -39.85 13.04
N GLU B 344 -15.64 -40.82 12.44
CA GLU B 344 -15.63 -42.20 12.88
C GLU B 344 -14.44 -42.42 13.81
N LEU B 345 -14.53 -43.46 14.65
CA LEU B 345 -13.47 -43.84 15.56
C LEU B 345 -12.24 -44.34 14.78
N ASP B 346 -11.07 -43.98 15.29
CA ASP B 346 -9.78 -44.37 14.72
C ASP B 346 -8.80 -44.71 15.85
N GLU B 347 -7.61 -45.17 15.48
CA GLU B 347 -6.60 -45.64 16.43
C GLU B 347 -6.13 -44.50 17.32
N GLN B 348 -5.98 -43.31 16.74
CA GLN B 348 -5.47 -42.21 17.53
C GLN B 348 -6.50 -41.85 18.59
N ALA B 349 -7.77 -41.89 18.20
CA ALA B 349 -8.87 -41.60 19.12
C ALA B 349 -8.87 -42.60 20.27
N ILE B 350 -8.58 -43.85 19.95
CA ILE B 350 -8.55 -44.88 20.97
C ILE B 350 -7.39 -44.61 21.92
N ARG B 351 -6.22 -44.28 21.37
CA ARG B 351 -5.09 -44.00 22.24
C ARG B 351 -5.45 -42.84 23.18
N LEU B 352 -6.16 -41.83 22.64
CA LEU B 352 -6.55 -40.70 23.46
C LEU B 352 -7.49 -41.17 24.57
N LEU B 353 -8.49 -42.00 24.26
CA LEU B 353 -9.44 -42.38 25.30
C LEU B 353 -8.75 -43.20 26.39
N GLN B 354 -7.75 -44.00 26.00
CA GLN B 354 -7.00 -44.79 26.96
C GLN B 354 -6.39 -43.89 28.02
N SER B 355 -5.91 -42.70 27.62
CA SER B 355 -5.22 -41.79 28.52
C SER B 355 -6.13 -41.26 29.62
N TYR B 356 -7.45 -41.42 29.45
CA TYR B 356 -8.41 -40.94 30.45
C TYR B 356 -8.95 -42.12 31.27
N GLY B 357 -8.46 -43.33 30.98
CA GLY B 357 -8.90 -44.52 31.69
C GLY B 357 -10.21 -45.07 31.14
N TYR B 358 -10.49 -44.84 29.86
CA TYR B 358 -11.70 -45.40 29.28
C TYR B 358 -11.43 -46.66 28.47
N THR B 359 -12.49 -47.42 28.25
CA THR B 359 -12.35 -48.60 27.40
C THR B 359 -12.76 -48.21 25.99
N ALA B 360 -12.38 -49.05 25.03
CA ALA B 360 -12.63 -48.82 23.61
C ALA B 360 -14.11 -48.54 23.36
N ASP B 361 -14.98 -49.06 24.23
CA ASP B 361 -16.40 -48.96 23.98
C ASP B 361 -17.16 -48.29 25.12
N SER B 362 -16.51 -47.62 26.09
CA SER B 362 -17.36 -47.11 27.16
C SER B 362 -16.84 -45.92 27.96
N ILE B 363 -17.78 -44.99 28.22
CA ILE B 363 -17.61 -43.80 29.07
C ILE B 363 -18.69 -43.79 30.15
N PRO B 364 -18.53 -44.53 31.25
CA PRO B 364 -19.53 -44.52 32.33
C PRO B 364 -19.89 -43.19 33.00
N PRO B 365 -18.93 -42.23 33.17
CA PRO B 365 -19.19 -40.93 33.79
C PRO B 365 -19.92 -39.92 32.91
N SER B 366 -20.60 -38.99 33.60
CA SER B 366 -21.16 -37.80 32.98
C SER B 366 -20.22 -36.65 33.32
N GLY B 367 -20.09 -35.68 32.40
CA GLY B 367 -19.34 -34.47 32.64
C GLY B 367 -17.84 -34.59 32.34
N GLU B 368 -17.41 -35.80 31.93
CA GLU B 368 -16.04 -36.09 31.56
C GLU B 368 -15.92 -36.18 30.03
N GLU B 369 -15.33 -35.16 29.41
CA GLU B 369 -15.24 -35.11 27.97
C GLU B 369 -13.94 -35.77 27.51
N VAL B 370 -13.98 -36.42 26.34
CA VAL B 370 -12.82 -37.14 25.84
C VAL B 370 -12.43 -36.61 24.47
N TYR B 371 -11.18 -36.22 24.30
CA TYR B 371 -10.77 -35.83 22.96
C TYR B 371 -10.49 -37.08 22.13
N LEU B 372 -11.00 -37.05 20.91
CA LEU B 372 -10.83 -38.13 19.95
C LEU B 372 -9.89 -37.67 18.85
N ARG B 373 -9.66 -36.35 18.79
CA ARG B 373 -8.80 -35.77 17.77
C ARG B 373 -7.86 -34.76 18.42
N LYS B 374 -6.82 -34.35 17.69
CA LYS B 374 -5.73 -33.62 18.29
C LYS B 374 -5.66 -32.18 17.79
N THR B 375 -6.08 -31.92 16.54
CA THR B 375 -5.80 -30.63 15.92
C THR B 375 -7.08 -29.83 15.65
N ALA B 376 -8.22 -30.38 16.05
CA ALA B 376 -9.50 -29.71 15.86
C ALA B 376 -9.73 -29.39 14.38
N ASN B 377 -9.38 -30.35 13.52
CA ASN B 377 -9.52 -30.19 12.09
C ASN B 377 -10.97 -29.83 11.77
N ILE B 378 -11.13 -29.15 10.64
CA ILE B 378 -12.42 -28.65 10.19
C ILE B 378 -13.39 -29.81 9.95
N SER B 379 -12.92 -30.85 9.26
CA SER B 379 -13.82 -31.90 8.80
C SER B 379 -13.49 -33.23 9.46
N THR B 380 -12.23 -33.45 9.83
CA THR B 380 -11.81 -34.73 10.36
C THR B 380 -11.63 -34.59 11.87
N GLY B 381 -12.02 -33.42 12.35
CA GLY B 381 -11.79 -33.03 13.73
C GLY B 381 -13.06 -32.64 14.46
N GLY B 382 -13.24 -31.33 14.67
CA GLY B 382 -14.24 -30.87 15.62
C GLY B 382 -14.96 -29.60 15.19
N THR B 383 -15.00 -28.62 16.12
CA THR B 383 -15.90 -27.48 16.02
C THR B 383 -15.33 -26.21 16.65
N ALA B 384 -16.16 -25.18 16.79
CA ALA B 384 -15.77 -23.91 17.39
C ALA B 384 -16.91 -23.25 18.15
N VAL B 385 -16.57 -22.67 19.31
CA VAL B 385 -17.52 -22.09 20.23
C VAL B 385 -17.12 -20.67 20.65
N ASP B 386 -18.12 -19.79 20.68
CA ASP B 386 -17.93 -18.41 21.06
C ASP B 386 -17.50 -18.29 22.52
N VAL B 387 -16.45 -17.50 22.76
CA VAL B 387 -16.04 -17.25 24.13
C VAL B 387 -15.94 -15.74 24.34
N THR B 388 -16.45 -15.00 23.37
CA THR B 388 -16.29 -13.55 23.38
C THR B 388 -16.81 -12.97 24.70
N ASP B 389 -17.90 -13.51 25.23
CA ASP B 389 -18.54 -12.92 26.39
C ASP B 389 -17.94 -13.39 27.71
N VAL B 390 -16.97 -14.29 27.69
CA VAL B 390 -16.58 -14.90 28.94
C VAL B 390 -15.10 -14.67 29.20
N ILE B 391 -14.37 -14.25 28.15
CA ILE B 391 -12.95 -14.07 28.27
C ILE B 391 -12.61 -13.08 29.38
N HIS B 392 -11.67 -13.48 30.22
CA HIS B 392 -11.27 -12.62 31.30
C HIS B 392 -10.70 -11.34 30.73
N PRO B 393 -11.13 -10.19 31.26
CA PRO B 393 -10.65 -8.88 30.82
C PRO B 393 -9.13 -8.75 30.68
N ASP B 394 -8.37 -9.45 31.52
CA ASP B 394 -6.92 -9.32 31.40
C ASP B 394 -6.45 -9.94 30.09
N ASN B 395 -7.16 -10.98 29.67
CA ASN B 395 -6.77 -11.70 28.48
C ASN B 395 -7.19 -10.88 27.27
N LYS B 396 -8.31 -10.17 27.43
CA LYS B 396 -8.81 -9.32 26.37
C LYS B 396 -7.78 -8.23 26.11
N LEU B 397 -7.33 -7.61 27.20
CA LEU B 397 -6.37 -6.53 27.10
C LEU B 397 -5.05 -7.05 26.52
N MET B 398 -4.67 -8.25 26.94
CA MET B 398 -3.44 -8.88 26.47
C MET B 398 -3.48 -8.96 24.95
N ALA B 399 -4.60 -9.48 24.42
CA ALA B 399 -4.71 -9.73 22.99
C ALA B 399 -4.61 -8.40 22.27
N GLU B 400 -5.30 -7.39 22.79
CA GLU B 400 -5.34 -6.12 22.11
C GLU B 400 -3.92 -5.55 22.08
N ARG B 401 -3.22 -5.72 23.19
CA ARG B 401 -1.87 -5.20 23.33
C ARG B 401 -0.95 -5.93 22.36
N ALA B 402 -1.09 -7.26 22.26
CA ALA B 402 -0.23 -8.05 21.38
C ALA B 402 -0.37 -7.62 19.93
N ILE B 403 -1.61 -7.41 19.49
CA ILE B 403 -1.83 -7.11 18.09
C ILE B 403 -1.26 -5.73 17.80
N LEU B 404 -1.47 -4.81 18.75
CA LEU B 404 -0.98 -3.45 18.61
C LEU B 404 0.54 -3.47 18.59
N ALA B 405 1.13 -4.32 19.43
CA ALA B 405 2.57 -4.42 19.53
C ALA B 405 3.17 -4.84 18.19
N VAL B 406 2.50 -5.78 17.52
CA VAL B 406 2.98 -6.21 16.22
C VAL B 406 2.75 -5.07 15.23
N GLY B 407 1.58 -4.44 15.32
CA GLY B 407 1.24 -3.33 14.46
C GLY B 407 0.25 -3.70 13.37
N LEU B 408 -0.47 -4.82 13.55
CA LEU B 408 -1.56 -5.11 12.63
C LEU B 408 -2.76 -4.28 13.06
N ASP B 409 -3.54 -3.78 12.09
CA ASP B 409 -4.79 -3.16 12.47
C ASP B 409 -5.76 -4.30 12.79
N VAL B 410 -5.75 -5.29 11.89
CA VAL B 410 -6.58 -6.46 12.03
C VAL B 410 -5.70 -7.69 12.12
N GLY B 411 -5.93 -8.49 13.16
CA GLY B 411 -5.18 -9.72 13.34
C GLY B 411 -5.74 -10.55 14.49
N ALA B 412 -5.22 -11.76 14.65
CA ALA B 412 -5.74 -12.59 15.72
C ALA B 412 -4.61 -13.26 16.49
N VAL B 413 -4.90 -13.53 17.75
CA VAL B 413 -3.94 -14.19 18.60
C VAL B 413 -4.33 -15.64 18.73
N ASP B 414 -3.36 -16.51 18.42
CA ASP B 414 -3.48 -17.93 18.63
C ASP B 414 -2.92 -18.15 20.02
N PHE B 415 -3.81 -18.49 20.95
CA PHE B 415 -3.51 -18.51 22.37
C PHE B 415 -3.99 -19.79 23.05
N LEU B 416 -3.16 -20.36 23.94
CA LEU B 416 -3.60 -21.54 24.66
C LEU B 416 -3.86 -21.22 26.13
N THR B 417 -4.90 -21.87 26.66
CA THR B 417 -5.13 -21.86 28.09
C THR B 417 -6.03 -23.01 28.52
N THR B 418 -5.98 -23.29 29.82
CA THR B 418 -6.82 -24.33 30.38
C THR B 418 -8.20 -23.75 30.65
N ASP B 419 -8.26 -22.44 30.89
CA ASP B 419 -9.51 -21.78 31.24
C ASP B 419 -9.46 -20.29 30.89
N ILE B 420 -10.14 -19.97 29.79
CA ILE B 420 -10.14 -18.66 29.16
C ILE B 420 -10.81 -17.62 30.05
N THR B 421 -11.52 -18.07 31.09
CA THR B 421 -12.28 -17.15 31.92
C THR B 421 -11.40 -16.66 33.07
N LYS B 422 -10.17 -17.17 33.14
CA LYS B 422 -9.28 -16.72 34.19
C LYS B 422 -8.08 -16.03 33.54
N SER B 423 -7.52 -15.07 34.27
CA SER B 423 -6.42 -14.27 33.75
C SER B 423 -5.16 -15.09 33.51
N TYR B 424 -4.46 -14.73 32.44
CA TYR B 424 -3.22 -15.35 32.02
C TYR B 424 -2.14 -15.16 33.08
N ARG B 425 -2.36 -14.16 33.94
CA ARG B 425 -1.40 -13.87 34.99
C ARG B 425 -1.33 -15.04 35.96
N GLU B 426 -2.48 -15.69 36.17
CA GLU B 426 -2.63 -16.75 37.16
C GLU B 426 -2.65 -18.11 36.45
N THR B 427 -3.34 -18.17 35.32
CA THR B 427 -3.39 -19.41 34.57
C THR B 427 -2.36 -19.29 33.46
N LEU B 428 -1.31 -20.10 33.57
CA LEU B 428 -0.15 -19.81 32.75
C LEU B 428 -0.35 -20.38 31.35
N GLY B 429 -1.22 -19.72 30.59
CA GLY B 429 -1.37 -19.95 29.17
C GLY B 429 -0.36 -19.12 28.39
N ALA B 430 -0.49 -19.11 27.06
CA ALA B 430 0.52 -18.41 26.28
C ALA B 430 0.06 -18.17 24.86
N ILE B 431 0.67 -17.15 24.28
CA ILE B 431 0.48 -16.80 22.89
C ILE B 431 1.43 -17.68 22.07
N CYS B 432 0.84 -18.33 21.09
CA CYS B 432 1.57 -19.18 20.18
C CYS B 432 1.98 -18.38 18.95
N GLU B 433 0.98 -17.78 18.30
CA GLU B 433 1.20 -17.18 17.00
C GLU B 433 0.31 -15.96 16.81
N ILE B 434 0.78 -15.03 15.99
CA ILE B 434 -0.05 -13.92 15.57
C ILE B 434 -0.42 -14.13 14.12
N ASN B 435 -1.73 -14.07 13.87
CA ASN B 435 -2.25 -14.36 12.57
C ASN B 435 -2.57 -13.10 11.78
N ALA B 436 -1.83 -12.94 10.68
CA ALA B 436 -2.10 -11.86 9.76
C ALA B 436 -3.00 -12.44 8.69
N GLY B 437 -4.13 -11.77 8.48
CA GLY B 437 -5.10 -12.27 7.51
C GLY B 437 -5.81 -13.51 8.07
N PRO B 438 -6.31 -13.42 9.31
CA PRO B 438 -6.91 -14.57 9.99
C PRO B 438 -8.27 -14.88 9.39
N GLY B 439 -8.69 -16.14 9.52
CA GLY B 439 -10.00 -16.58 9.06
C GLY B 439 -11.07 -15.89 9.89
N LEU B 440 -12.17 -15.52 9.24
CA LEU B 440 -13.25 -14.87 9.94
C LEU B 440 -14.33 -15.88 10.31
N ARG B 441 -14.42 -16.97 9.52
CA ARG B 441 -15.58 -17.84 9.55
C ARG B 441 -15.75 -18.50 10.92
N MET B 442 -14.65 -18.72 11.65
CA MET B 442 -14.84 -19.45 12.89
C MET B 442 -15.52 -18.59 13.95
N HIS B 443 -15.72 -17.30 13.67
CA HIS B 443 -16.39 -16.41 14.60
C HIS B 443 -17.78 -16.08 14.10
N ILE B 444 -18.14 -16.67 12.95
CA ILE B 444 -19.39 -16.34 12.30
C ILE B 444 -20.16 -17.63 12.17
N SER B 445 -21.41 -17.64 12.62
CA SER B 445 -22.16 -18.87 12.62
C SER B 445 -21.30 -19.98 13.25
N PRO B 446 -20.79 -19.80 14.49
CA PRO B 446 -20.03 -20.85 15.17
C PRO B 446 -21.05 -21.92 15.54
N SER B 447 -20.57 -23.10 15.94
CA SER B 447 -21.51 -24.18 16.20
C SER B 447 -22.23 -23.91 17.51
N GLU B 448 -21.52 -23.26 18.44
CA GLU B 448 -22.10 -22.95 19.73
C GLU B 448 -21.77 -21.51 20.09
N GLY B 449 -22.77 -20.80 20.62
CA GLY B 449 -22.58 -19.41 21.01
C GLY B 449 -23.08 -18.45 19.93
N LYS B 450 -23.11 -17.16 20.29
CA LYS B 450 -23.63 -16.15 19.39
C LYS B 450 -22.59 -15.86 18.32
N PRO B 451 -23.03 -15.49 17.10
CA PRO B 451 -22.14 -15.04 16.04
C PRO B 451 -21.74 -13.60 16.31
N ARG B 452 -20.62 -13.20 15.70
CA ARG B 452 -20.13 -11.84 15.86
C ARG B 452 -19.98 -11.19 14.48
N ASP B 453 -20.48 -9.95 14.34
CA ASP B 453 -20.41 -9.30 13.04
C ASP B 453 -19.02 -8.69 12.82
N VAL B 454 -18.05 -9.58 12.59
CA VAL B 454 -16.68 -9.11 12.50
C VAL B 454 -16.47 -8.47 11.14
N GLY B 455 -17.20 -8.95 10.12
CA GLY B 455 -17.10 -8.33 8.81
C GLY B 455 -17.50 -6.86 8.94
N GLY B 456 -18.59 -6.64 9.67
CA GLY B 456 -19.05 -5.29 9.93
C GLY B 456 -17.96 -4.48 10.59
N LYS B 457 -17.35 -5.03 11.64
CA LYS B 457 -16.37 -4.25 12.37
C LYS B 457 -15.27 -3.78 11.44
N ILE B 458 -14.87 -4.64 10.51
CA ILE B 458 -13.80 -4.27 9.60
C ILE B 458 -14.30 -3.18 8.65
N MET B 459 -15.50 -3.37 8.08
CA MET B 459 -15.95 -2.37 7.13
C MET B 459 -16.22 -1.04 7.82
N ASP B 460 -16.62 -1.09 9.10
CA ASP B 460 -16.89 0.12 9.87
C ASP B 460 -15.57 0.83 10.12
N MET B 461 -14.51 0.04 10.35
CA MET B 461 -13.19 0.59 10.57
C MET B 461 -12.75 1.39 9.34
N LEU B 462 -13.00 0.81 8.18
CA LEU B 462 -12.56 1.39 6.92
C LEU B 462 -13.42 2.60 6.56
N PHE B 463 -14.73 2.48 6.79
CA PHE B 463 -15.66 3.53 6.43
C PHE B 463 -16.58 3.84 7.59
N PRO B 464 -16.08 4.55 8.62
CA PRO B 464 -16.91 4.86 9.78
C PRO B 464 -18.00 5.79 9.28
N ALA B 465 -19.19 5.67 9.89
CA ALA B 465 -20.37 6.38 9.41
C ALA B 465 -20.11 7.88 9.38
N GLY B 466 -19.34 8.38 10.36
CA GLY B 466 -19.06 9.80 10.53
C GLY B 466 -18.45 10.41 9.27
N SER B 467 -17.77 9.59 8.48
CA SER B 467 -17.23 10.09 7.23
C SER B 467 -17.32 8.98 6.21
N GLN B 468 -18.50 8.39 6.11
CA GLN B 468 -18.65 7.19 5.32
C GLN B 468 -18.72 7.58 3.85
N CYS B 469 -17.55 7.96 3.33
CA CYS B 469 -17.49 8.41 1.96
C CYS B 469 -17.33 7.19 1.09
N ARG B 470 -18.46 6.49 0.92
CA ARG B 470 -18.52 5.26 0.17
C ARG B 470 -18.30 5.55 -1.30
N VAL B 471 -18.84 6.68 -1.81
CA VAL B 471 -18.93 6.89 -3.25
C VAL B 471 -18.67 8.36 -3.59
N PRO B 472 -18.13 8.64 -4.81
CA PRO B 472 -18.13 9.98 -5.38
C PRO B 472 -19.53 10.15 -5.91
N ILE B 473 -19.88 11.39 -6.19
CA ILE B 473 -21.20 11.60 -6.74
C ILE B 473 -21.18 11.24 -8.22
N ALA B 474 -22.18 10.47 -8.68
CA ALA B 474 -22.22 10.10 -10.10
C ALA B 474 -23.29 10.89 -10.84
N ALA B 475 -22.88 11.59 -11.88
CA ALA B 475 -23.80 12.30 -12.75
C ALA B 475 -23.76 11.67 -14.13
N LEU B 476 -24.90 11.64 -14.84
CA LEU B 476 -24.90 11.10 -16.19
C LEU B 476 -25.78 11.87 -17.17
N THR B 477 -25.20 12.19 -18.33
CA THR B 477 -25.95 12.74 -19.44
C THR B 477 -26.12 11.68 -20.52
N GLY B 478 -27.35 11.52 -21.01
CA GLY B 478 -27.73 10.49 -21.97
C GLY B 478 -27.78 10.95 -23.42
N THR B 479 -27.26 12.14 -23.71
CA THR B 479 -27.38 12.75 -25.02
C THR B 479 -26.15 12.46 -25.89
N ASN B 480 -26.15 13.10 -27.07
CA ASN B 480 -25.07 12.98 -28.04
C ASN B 480 -24.54 14.37 -28.41
N GLY B 481 -24.68 15.34 -27.49
CA GLY B 481 -24.38 16.75 -27.73
C GLY B 481 -22.89 17.13 -27.76
N LYS B 482 -22.15 16.41 -28.62
CA LYS B 482 -20.78 16.72 -28.98
C LYS B 482 -19.87 16.79 -27.75
N THR B 483 -20.22 16.04 -26.68
CA THR B 483 -19.45 15.96 -25.44
C THR B 483 -19.45 17.28 -24.68
N THR B 484 -20.01 18.32 -25.29
CA THR B 484 -19.83 19.67 -24.79
C THR B 484 -20.52 19.85 -23.44
N CYS B 485 -21.72 19.30 -23.29
CA CYS B 485 -22.40 19.52 -22.03
C CYS B 485 -21.55 18.95 -20.90
N ALA B 486 -21.05 17.73 -21.11
CA ALA B 486 -20.26 17.05 -20.11
C ALA B 486 -18.98 17.86 -19.83
N ARG B 487 -18.38 18.41 -20.87
CA ARG B 487 -17.15 19.15 -20.66
C ARG B 487 -17.44 20.42 -19.87
N MET B 488 -18.58 21.06 -20.17
CA MET B 488 -18.90 22.27 -19.45
C MET B 488 -19.08 21.91 -17.97
N LEU B 489 -19.77 20.80 -17.70
CA LEU B 489 -20.05 20.46 -16.32
C LEU B 489 -18.76 20.12 -15.60
N SER B 490 -17.89 19.34 -16.25
CA SER B 490 -16.67 18.96 -15.56
C SER B 490 -15.84 20.20 -15.30
N HIS B 491 -15.92 21.17 -16.22
CA HIS B 491 -15.16 22.39 -16.01
C HIS B 491 -15.69 23.15 -14.80
N ILE B 492 -17.01 23.24 -14.66
CA ILE B 492 -17.60 23.93 -13.51
C ILE B 492 -17.06 23.30 -12.23
N LEU B 493 -17.17 21.97 -12.20
CA LEU B 493 -16.81 21.22 -11.03
C LEU B 493 -15.31 21.37 -10.75
N LYS B 494 -14.47 21.37 -11.80
CA LYS B 494 -13.04 21.52 -11.58
C LYS B 494 -12.77 22.89 -10.96
N MET B 495 -13.43 23.94 -11.47
CA MET B 495 -13.19 25.26 -10.92
C MET B 495 -13.61 25.30 -9.45
N ALA B 496 -14.63 24.50 -9.13
CA ALA B 496 -15.20 24.41 -7.80
C ALA B 496 -14.29 23.61 -6.86
N GLY B 497 -13.25 22.99 -7.42
CA GLY B 497 -12.26 22.26 -6.62
C GLY B 497 -12.42 20.74 -6.66
N HIS B 498 -13.17 20.20 -7.62
CA HIS B 498 -13.27 18.75 -7.71
C HIS B 498 -12.29 18.14 -8.70
N VAL B 499 -11.90 16.92 -8.41
CA VAL B 499 -11.29 16.10 -9.43
C VAL B 499 -12.41 15.32 -10.09
N VAL B 500 -12.58 15.56 -11.37
CA VAL B 500 -13.72 15.02 -12.06
C VAL B 500 -13.28 13.88 -12.95
N GLY B 501 -14.05 12.81 -12.93
CA GLY B 501 -13.85 11.72 -13.85
C GLY B 501 -14.95 11.67 -14.90
N GLN B 502 -14.59 11.74 -16.18
CA GLN B 502 -15.68 11.75 -17.14
C GLN B 502 -15.33 10.89 -18.33
N THR B 503 -16.37 10.34 -18.92
CA THR B 503 -16.21 9.56 -20.12
C THR B 503 -16.77 10.40 -21.26
N SER B 504 -16.25 10.19 -22.47
CA SER B 504 -16.66 10.88 -23.68
C SER B 504 -17.04 9.86 -24.75
N THR B 505 -17.15 8.59 -24.33
CA THR B 505 -17.54 7.45 -25.15
C THR B 505 -16.39 6.95 -26.04
N ASP B 506 -15.46 7.84 -26.41
CA ASP B 506 -14.29 7.39 -27.15
C ASP B 506 -13.04 7.83 -26.40
N ALA B 507 -13.24 8.21 -25.14
CA ALA B 507 -12.18 8.73 -24.29
C ALA B 507 -12.60 8.70 -22.83
N VAL B 508 -11.59 8.67 -21.95
CA VAL B 508 -11.79 8.94 -20.55
C VAL B 508 -10.87 10.08 -20.16
N LEU B 509 -11.47 11.03 -19.44
CA LEU B 509 -10.74 12.17 -18.92
C LEU B 509 -10.77 12.17 -17.39
N ILE B 510 -9.61 12.49 -16.84
CA ILE B 510 -9.45 12.66 -15.42
C ILE B 510 -8.91 14.07 -15.24
N ASP B 511 -9.58 14.84 -14.38
CA ASP B 511 -9.26 16.24 -14.27
C ASP B 511 -9.42 16.83 -15.67
N GLY B 512 -8.42 17.55 -16.18
CA GLY B 512 -8.58 18.17 -17.48
C GLY B 512 -8.03 17.34 -18.63
N ASN B 513 -7.56 16.12 -18.32
CA ASN B 513 -6.68 15.45 -19.27
C ASN B 513 -7.26 14.17 -19.80
N VAL B 514 -7.03 13.96 -21.10
CA VAL B 514 -7.36 12.66 -21.65
C VAL B 514 -6.28 11.72 -21.15
N THR B 515 -6.75 10.62 -20.58
CA THR B 515 -5.86 9.57 -20.12
C THR B 515 -6.00 8.37 -21.05
N VAL B 516 -7.24 8.13 -21.47
CA VAL B 516 -7.53 6.99 -22.31
C VAL B 516 -8.27 7.49 -23.55
N LYS B 517 -7.78 7.11 -24.72
CA LYS B 517 -8.43 7.44 -25.97
C LYS B 517 -8.60 6.12 -26.72
N GLY B 518 -9.82 5.86 -27.20
CA GLY B 518 -10.10 4.59 -27.81
C GLY B 518 -11.58 4.29 -27.77
N ASP B 519 -11.99 3.19 -28.41
CA ASP B 519 -13.39 2.83 -28.41
C ASP B 519 -13.69 2.27 -27.02
N MET B 520 -14.43 3.03 -26.23
CA MET B 520 -14.68 2.59 -24.86
C MET B 520 -15.96 1.77 -24.84
N THR B 521 -15.84 0.54 -24.37
CA THR B 521 -16.95 -0.40 -24.37
C THR B 521 -17.86 -0.11 -23.17
N GLY B 522 -18.53 1.05 -23.21
CA GLY B 522 -19.53 1.44 -22.23
C GLY B 522 -18.99 1.33 -20.80
N PRO B 523 -19.48 0.34 -20.01
CA PRO B 523 -19.07 0.16 -18.62
C PRO B 523 -17.58 0.09 -18.35
N VAL B 524 -16.79 -0.26 -19.36
CA VAL B 524 -15.35 -0.28 -19.17
C VAL B 524 -14.85 1.13 -18.84
N SER B 525 -15.47 2.13 -19.46
CA SER B 525 -15.05 3.49 -19.22
C SER B 525 -15.48 3.86 -17.82
N ALA B 526 -16.64 3.35 -17.40
CA ALA B 526 -17.08 3.67 -16.05
C ALA B 526 -16.08 3.09 -15.07
N LYS B 527 -15.66 1.85 -15.33
CA LYS B 527 -14.71 1.19 -14.44
C LYS B 527 -13.46 2.04 -14.31
N MET B 528 -12.94 2.52 -15.43
CA MET B 528 -11.69 3.25 -15.42
C MET B 528 -11.85 4.48 -14.54
N VAL B 529 -13.01 5.09 -14.56
CA VAL B 529 -13.21 6.31 -13.81
C VAL B 529 -13.49 5.99 -12.35
N LEU B 530 -14.40 5.04 -12.12
CA LEU B 530 -14.89 4.77 -10.78
C LEU B 530 -13.74 4.26 -9.91
N ARG B 531 -12.78 3.56 -10.51
CA ARG B 531 -11.70 2.99 -9.73
C ARG B 531 -10.46 3.87 -9.79
N ASP B 532 -10.60 5.07 -10.34
CA ASP B 532 -9.47 5.98 -10.44
C ASP B 532 -9.25 6.58 -9.06
N PRO B 533 -8.04 6.42 -8.48
CA PRO B 533 -7.75 6.84 -7.12
C PRO B 533 -7.85 8.35 -6.85
N SER B 534 -7.98 9.18 -7.89
CA SER B 534 -8.03 10.62 -7.66
C SER B 534 -9.44 11.23 -7.73
N VAL B 535 -10.46 10.50 -8.17
CA VAL B 535 -11.71 11.16 -8.55
C VAL B 535 -12.71 11.42 -7.42
N ASP B 536 -13.21 12.66 -7.32
CA ASP B 536 -14.19 13.02 -6.26
C ASP B 536 -15.62 13.05 -6.81
N ILE B 537 -15.81 13.10 -8.15
CA ILE B 537 -17.13 13.16 -8.73
C ILE B 537 -17.00 12.69 -10.16
N ALA B 538 -18.05 12.01 -10.65
CA ALA B 538 -18.01 11.49 -12.01
C ALA B 538 -19.12 12.09 -12.87
N VAL B 539 -18.80 12.26 -14.16
CA VAL B 539 -19.71 12.84 -15.12
C VAL B 539 -20.18 11.79 -16.13
N LEU B 540 -19.32 10.85 -16.52
CA LEU B 540 -19.71 9.64 -17.24
C LEU B 540 -20.57 9.84 -18.50
N GLU B 541 -20.18 10.58 -19.54
CA GLU B 541 -21.09 10.63 -20.68
C GLU B 541 -21.27 9.23 -21.29
N THR B 542 -22.52 8.87 -21.61
CA THR B 542 -22.80 7.53 -22.12
C THR B 542 -23.15 7.54 -23.61
N ALA B 543 -23.47 6.35 -24.12
CA ALA B 543 -23.80 6.18 -25.53
C ALA B 543 -24.96 5.20 -25.69
N ARG B 544 -25.82 5.45 -26.67
CA ARG B 544 -26.94 4.57 -26.95
C ARG B 544 -26.43 3.15 -27.21
N GLY B 545 -25.25 3.05 -27.82
CA GLY B 545 -24.64 1.78 -28.14
C GLY B 545 -24.39 0.94 -26.88
N GLY B 546 -23.97 1.64 -25.82
CA GLY B 546 -23.66 0.97 -24.58
C GLY B 546 -24.95 0.50 -23.92
N ILE B 547 -25.96 1.36 -24.02
CA ILE B 547 -27.19 1.08 -23.33
C ILE B 547 -27.79 -0.19 -23.91
N VAL B 548 -27.71 -0.32 -25.23
CA VAL B 548 -28.30 -1.48 -25.87
C VAL B 548 -27.39 -2.71 -25.72
N ARG B 549 -26.07 -2.51 -25.69
CA ARG B 549 -25.13 -3.61 -25.75
C ARG B 549 -24.87 -4.26 -24.38
N SER B 550 -24.68 -3.48 -23.32
CA SER B 550 -24.29 -4.08 -22.05
C SER B 550 -24.90 -3.29 -20.90
N GLY B 551 -25.58 -2.23 -21.30
CA GLY B 551 -26.25 -1.35 -20.37
C GLY B 551 -25.28 -0.32 -19.80
N LEU B 552 -25.72 0.33 -18.73
CA LEU B 552 -24.92 1.40 -18.15
C LEU B 552 -23.79 0.77 -17.35
N GLY B 553 -22.78 1.56 -17.03
CA GLY B 553 -21.62 1.04 -16.33
C GLY B 553 -21.77 0.97 -14.82
N TYR B 554 -22.94 1.30 -14.29
CA TYR B 554 -23.08 1.46 -12.85
C TYR B 554 -24.55 1.31 -12.51
N MET B 555 -24.89 1.18 -11.22
CA MET B 555 -26.24 0.76 -10.88
C MET B 555 -27.21 1.92 -10.83
N PHE B 556 -26.76 3.10 -10.40
CA PHE B 556 -27.65 4.25 -10.33
C PHE B 556 -26.79 5.51 -10.35
N CYS B 557 -27.43 6.64 -10.62
CA CYS B 557 -26.70 7.89 -10.56
C CYS B 557 -27.44 8.83 -9.62
N ASP B 558 -26.72 9.83 -9.15
CA ASP B 558 -27.30 10.78 -8.22
C ASP B 558 -28.03 11.82 -9.05
N VAL B 559 -27.42 12.19 -10.17
CA VAL B 559 -27.97 13.22 -11.02
C VAL B 559 -27.88 12.73 -12.47
N GLY B 560 -28.88 13.06 -13.27
CA GLY B 560 -28.79 12.63 -14.65
C GLY B 560 -29.70 13.47 -15.53
N ALA B 561 -29.46 13.42 -16.85
CA ALA B 561 -30.13 14.34 -17.75
C ALA B 561 -30.34 13.72 -19.13
N VAL B 562 -31.45 14.11 -19.75
CA VAL B 562 -31.70 13.82 -21.14
C VAL B 562 -31.94 15.13 -21.89
N LEU B 563 -31.13 15.39 -22.92
CA LEU B 563 -31.16 16.69 -23.58
C LEU B 563 -31.99 16.67 -24.85
N ASN B 564 -32.03 15.52 -25.53
CA ASN B 564 -32.72 15.48 -26.80
C ASN B 564 -33.00 14.02 -27.13
N VAL B 565 -33.70 13.79 -28.24
CA VAL B 565 -33.99 12.43 -28.64
C VAL B 565 -33.35 12.13 -29.99
N THR B 566 -33.65 12.93 -31.01
CA THR B 566 -33.07 12.63 -32.31
C THR B 566 -32.89 13.86 -33.18
N SER B 567 -31.92 13.71 -34.09
CA SER B 567 -31.51 14.72 -35.06
C SER B 567 -31.11 14.04 -36.36
N ASP B 568 -30.22 14.69 -37.11
CA ASP B 568 -29.86 14.19 -38.43
C ASP B 568 -28.80 13.10 -38.31
N HIS B 569 -29.25 11.88 -38.02
CA HIS B 569 -28.38 10.73 -37.87
C HIS B 569 -29.14 9.44 -38.13
N LEU B 570 -28.40 8.33 -38.06
CA LEU B 570 -28.95 7.01 -38.33
C LEU B 570 -29.63 6.49 -37.06
N GLY B 571 -30.57 5.57 -37.24
CA GLY B 571 -31.22 4.88 -36.14
C GLY B 571 -30.33 3.79 -35.54
N LEU B 572 -30.90 3.06 -34.57
CA LEU B 572 -30.18 2.02 -33.85
C LEU B 572 -31.02 0.74 -33.81
N GLY B 573 -32.24 0.85 -33.25
CA GLY B 573 -33.15 -0.28 -33.07
C GLY B 573 -34.51 -0.03 -33.71
N VAL B 575 -38.19 1.36 -33.31
CA VAL B 575 -38.99 2.43 -33.98
C VAL B 575 -38.05 3.43 -34.67
N ASP B 576 -36.97 3.80 -33.97
CA ASP B 576 -35.99 4.75 -34.51
C ASP B 576 -36.62 6.09 -34.84
N THR B 577 -37.53 6.60 -34.00
CA THR B 577 -38.03 7.94 -34.25
C THR B 577 -37.82 8.73 -32.98
N LEU B 578 -38.93 9.10 -32.37
CA LEU B 578 -38.86 9.61 -31.02
C LEU B 578 -39.08 8.43 -30.09
N ASP B 579 -39.87 7.49 -30.57
CA ASP B 579 -40.13 6.35 -29.74
C ASP B 579 -38.92 5.44 -29.86
N GLU B 580 -38.93 4.37 -29.07
CA GLU B 580 -37.81 3.44 -28.95
C GLU B 580 -36.65 4.11 -28.24
N LEU B 581 -36.06 5.13 -28.89
CA LEU B 581 -34.97 5.87 -28.32
C LEU B 581 -35.39 6.40 -26.95
N ALA B 582 -36.63 6.87 -26.86
CA ALA B 582 -37.07 7.35 -25.55
C ALA B 582 -36.94 6.24 -24.52
N LYS B 583 -37.25 5.01 -24.88
CA LYS B 583 -37.20 3.93 -23.90
C LYS B 583 -35.74 3.62 -23.56
N VAL B 584 -34.87 3.75 -24.57
CA VAL B 584 -33.46 3.49 -24.42
C VAL B 584 -32.84 4.50 -23.46
N LYS B 585 -33.20 5.77 -23.62
CA LYS B 585 -32.57 6.80 -22.82
C LYS B 585 -33.25 6.95 -21.47
N ARG B 586 -34.54 6.61 -21.41
CA ARG B 586 -35.33 6.80 -20.21
C ARG B 586 -34.66 6.10 -19.04
N VAL B 587 -34.00 4.97 -19.31
CA VAL B 587 -33.36 4.13 -18.30
C VAL B 587 -32.47 4.98 -17.37
N ILE B 588 -31.95 6.09 -17.87
CA ILE B 588 -31.11 6.92 -17.04
C ILE B 588 -31.99 7.61 -16.02
N ALA B 589 -33.12 8.14 -16.51
CA ALA B 589 -34.06 8.83 -15.66
C ALA B 589 -34.55 7.87 -14.58
N GLU B 590 -34.74 6.61 -14.99
CA GLU B 590 -35.28 5.55 -14.14
C GLU B 590 -34.35 5.24 -12.96
N VAL B 591 -33.08 5.62 -13.05
CA VAL B 591 -32.15 5.26 -11.98
C VAL B 591 -31.51 6.51 -11.40
N THR B 592 -32.10 7.66 -11.69
CA THR B 592 -31.56 8.88 -11.10
C THR B 592 -32.21 9.07 -9.74
N ARG B 593 -31.40 9.25 -8.70
CA ARG B 593 -31.94 9.28 -7.35
C ARG B 593 -32.27 10.69 -6.86
N ASP B 594 -31.38 11.65 -7.12
CA ASP B 594 -31.57 12.96 -6.53
C ASP B 594 -32.31 13.86 -7.50
N THR B 595 -31.60 14.29 -8.55
CA THR B 595 -32.24 15.21 -9.46
C THR B 595 -32.11 14.72 -10.89
N VAL B 596 -33.25 14.70 -11.57
CA VAL B 596 -33.25 14.34 -12.97
C VAL B 596 -33.58 15.60 -13.75
N VAL B 597 -32.84 15.83 -14.82
CA VAL B 597 -32.98 17.04 -15.59
C VAL B 597 -33.47 16.68 -16.98
N LEU B 598 -34.66 17.19 -17.32
CA LEU B 598 -35.26 16.82 -18.60
C LEU B 598 -35.48 18.04 -19.49
N ASN B 599 -35.25 17.84 -20.78
CA ASN B 599 -35.59 18.84 -21.76
C ASN B 599 -37.11 18.88 -21.94
N ALA B 600 -37.73 19.96 -21.47
CA ALA B 600 -39.18 20.01 -21.45
C ALA B 600 -39.71 20.45 -22.82
N ASP B 601 -38.80 20.77 -23.74
CA ASP B 601 -39.19 21.21 -25.08
C ASP B 601 -39.20 20.00 -26.01
N ASN B 602 -39.09 18.80 -25.43
CA ASN B 602 -39.22 17.58 -26.20
C ASN B 602 -40.18 16.66 -25.46
N GLU B 603 -41.29 16.32 -26.13
CA GLU B 603 -42.36 15.51 -25.54
C GLU B 603 -41.83 14.17 -25.04
N TYR B 604 -40.90 13.58 -25.77
CA TYR B 604 -40.48 12.23 -25.43
C TYR B 604 -39.54 12.26 -24.24
N THR B 605 -38.82 13.37 -24.08
CA THR B 605 -37.97 13.49 -22.92
C THR B 605 -38.81 13.88 -21.71
N LEU B 606 -39.84 14.68 -21.97
CA LEU B 606 -40.69 15.20 -20.92
C LEU B 606 -41.41 14.06 -20.20
N LYS B 607 -41.90 13.09 -20.98
CA LYS B 607 -42.67 11.98 -20.44
C LYS B 607 -41.86 11.14 -19.45
N MET B 608 -40.53 11.23 -19.50
CA MET B 608 -39.66 10.39 -18.70
C MET B 608 -39.83 10.69 -17.21
N ALA B 609 -40.40 11.87 -16.92
CA ALA B 609 -40.63 12.32 -15.56
C ALA B 609 -41.51 11.31 -14.81
N ALA B 610 -42.33 10.56 -15.58
CA ALA B 610 -43.29 9.62 -15.03
C ALA B 610 -42.62 8.36 -14.49
N HIS B 611 -41.37 8.13 -14.91
CA HIS B 611 -40.71 6.88 -14.58
C HIS B 611 -39.57 7.09 -13.57
N SER B 612 -38.99 8.29 -13.58
CA SER B 612 -37.88 8.55 -12.68
C SER B 612 -38.30 8.48 -11.22
N PRO B 613 -37.47 7.87 -10.35
CA PRO B 613 -37.68 7.90 -8.90
C PRO B 613 -36.98 9.07 -8.22
N ALA B 614 -36.48 10.01 -9.03
CA ALA B 614 -35.68 11.10 -8.50
C ALA B 614 -36.50 11.96 -7.53
N LYS B 615 -35.84 12.40 -6.46
CA LYS B 615 -36.46 13.28 -5.48
C LYS B 615 -36.90 14.60 -6.12
N HIS B 616 -36.09 15.11 -7.04
CA HIS B 616 -36.40 16.38 -7.69
C HIS B 616 -36.43 16.23 -9.21
N ILE B 617 -37.42 16.86 -9.83
CA ILE B 617 -37.44 16.92 -11.28
C ILE B 617 -37.19 18.35 -11.72
N MET B 618 -36.13 18.52 -12.50
CA MET B 618 -35.78 19.84 -12.96
C MET B 618 -36.15 19.92 -14.44
N TYR B 619 -36.84 21.00 -14.80
CA TYR B 619 -37.24 21.12 -16.20
C TYR B 619 -36.40 22.18 -16.89
N VAL B 620 -35.99 21.89 -18.13
CA VAL B 620 -35.20 22.85 -18.88
C VAL B 620 -35.97 23.27 -20.13
N THR B 621 -36.06 24.58 -20.37
CA THR B 621 -36.69 25.06 -21.59
C THR B 621 -35.93 26.22 -22.22
N ARG B 622 -36.18 26.42 -23.51
CA ARG B 622 -35.71 27.62 -24.15
C ARG B 622 -36.61 28.79 -23.77
N ASN B 623 -36.61 29.84 -24.59
CA ASN B 623 -37.29 31.10 -24.32
C ASN B 623 -38.79 30.99 -23.95
N PRO B 624 -39.59 30.07 -24.53
CA PRO B 624 -41.02 29.98 -24.24
C PRO B 624 -41.40 30.03 -22.77
N GLU B 625 -42.40 30.86 -22.47
CA GLU B 625 -43.00 30.87 -21.15
C GLU B 625 -43.88 29.63 -21.04
N HIS B 626 -43.22 28.48 -20.99
CA HIS B 626 -43.86 27.19 -21.04
C HIS B 626 -44.82 27.04 -19.88
N THR B 627 -46.01 26.52 -20.19
CA THR B 627 -47.14 26.44 -19.28
C THR B 627 -46.87 25.46 -18.13
N LEU B 628 -46.28 24.32 -18.46
CA LEU B 628 -46.09 23.29 -17.45
C LEU B 628 -44.96 23.73 -16.54
N VAL B 629 -43.93 24.30 -17.17
CA VAL B 629 -42.79 24.65 -16.38
C VAL B 629 -43.14 25.80 -15.44
N ARG B 630 -43.91 26.78 -15.92
CA ARG B 630 -44.28 27.89 -15.05
C ARG B 630 -45.06 27.39 -13.84
N GLU B 631 -45.93 26.40 -14.03
CA GLU B 631 -46.64 25.82 -12.91
C GLU B 631 -45.63 25.20 -11.95
N HIS B 632 -44.68 24.44 -12.51
CA HIS B 632 -43.71 23.79 -11.65
C HIS B 632 -42.93 24.83 -10.86
N ILE B 633 -42.64 25.97 -11.49
CA ILE B 633 -41.91 27.02 -10.80
C ILE B 633 -42.72 27.53 -9.63
N ARG B 634 -43.99 27.87 -9.85
CA ARG B 634 -44.75 28.45 -8.76
C ARG B 634 -44.96 27.43 -7.64
N LEU B 635 -44.96 26.14 -8.01
CA LEU B 635 -45.14 25.06 -7.07
C LEU B 635 -43.84 24.74 -6.34
N GLY B 636 -42.73 25.35 -6.78
CA GLY B 636 -41.46 25.24 -6.08
C GLY B 636 -40.50 24.19 -6.64
N LYS B 637 -40.84 23.61 -7.79
CA LYS B 637 -39.92 22.65 -8.36
C LYS B 637 -38.81 23.39 -9.11
N ARG B 638 -37.75 22.66 -9.41
CA ARG B 638 -36.59 23.24 -10.08
C ARG B 638 -36.82 23.38 -11.58
N ALA B 639 -36.22 24.43 -12.16
CA ALA B 639 -36.23 24.62 -13.60
C ALA B 639 -35.07 25.52 -14.06
N VAL B 640 -34.67 25.33 -15.31
CA VAL B 640 -33.72 26.23 -15.92
C VAL B 640 -34.36 26.82 -17.15
N VAL B 641 -34.49 28.14 -17.16
CA VAL B 641 -35.24 28.76 -18.23
C VAL B 641 -34.40 29.81 -18.92
N LEU B 642 -34.32 29.71 -20.24
CA LEU B 642 -33.69 30.78 -20.98
C LEU B 642 -34.72 31.88 -21.07
N GLU B 643 -34.31 33.12 -20.78
CA GLU B 643 -35.25 34.23 -20.78
C GLU B 643 -34.65 35.38 -21.56
N GLN B 644 -35.52 36.22 -22.13
CA GLN B 644 -35.04 37.48 -22.68
C GLN B 644 -34.81 38.45 -21.53
N GLY B 645 -34.23 39.60 -21.82
CA GLY B 645 -33.98 40.54 -20.75
C GLY B 645 -33.36 41.83 -21.25
N LEU B 646 -32.89 42.65 -20.30
CA LEU B 646 -32.43 44.00 -20.57
C LEU B 646 -31.24 43.97 -21.51
N ASN B 647 -30.40 42.95 -21.36
CA ASN B 647 -29.16 42.91 -22.12
C ASN B 647 -29.22 41.82 -23.18
N GLY B 648 -30.44 41.38 -23.52
CA GLY B 648 -30.60 40.35 -24.53
C GLY B 648 -31.17 39.06 -23.95
N GLU B 649 -30.31 38.05 -23.76
CA GLU B 649 -30.79 36.78 -23.25
C GLU B 649 -29.95 36.32 -22.06
N GLN B 650 -30.64 35.68 -21.12
CA GLN B 650 -30.06 35.26 -19.86
C GLN B 650 -30.55 33.87 -19.48
N ILE B 651 -29.74 33.20 -18.68
CA ILE B 651 -30.18 31.95 -18.08
C ILE B 651 -30.62 32.25 -16.66
N VAL B 652 -31.82 31.79 -16.33
CA VAL B 652 -32.40 31.98 -15.01
C VAL B 652 -32.76 30.63 -14.40
N ILE B 653 -32.34 30.43 -13.16
CA ILE B 653 -32.63 29.20 -12.46
C ILE B 653 -33.82 29.42 -11.53
N TYR B 654 -34.66 28.40 -11.44
CA TYR B 654 -35.74 28.47 -10.48
C TYR B 654 -35.64 27.32 -9.50
N ASP B 655 -35.98 27.61 -8.24
CA ASP B 655 -36.06 26.62 -7.17
C ASP B 655 -36.84 27.18 -5.98
N ASN B 656 -37.85 26.44 -5.53
CA ASN B 656 -38.71 26.87 -4.43
C ASN B 656 -39.42 28.17 -4.76
N GLY B 657 -39.68 28.38 -6.05
CA GLY B 657 -40.41 29.54 -6.54
C GLY B 657 -39.53 30.78 -6.62
N MET B 658 -38.28 30.63 -6.24
CA MET B 658 -37.38 31.77 -6.26
C MET B 658 -36.74 31.88 -7.63
N GLN B 659 -36.59 33.11 -8.09
CA GLN B 659 -35.93 33.36 -9.34
C GLN B 659 -34.47 33.62 -9.05
N ILE B 660 -33.61 32.89 -9.77
CA ILE B 660 -32.19 33.05 -9.59
C ILE B 660 -31.57 33.31 -10.94
N PRO B 661 -31.44 34.59 -11.34
CA PRO B 661 -30.77 34.91 -12.59
C PRO B 661 -29.33 34.43 -12.43
N LEU B 662 -28.83 33.77 -13.48
CA LEU B 662 -27.51 33.17 -13.37
C LEU B 662 -26.52 34.01 -14.14
N THR B 663 -26.74 34.12 -15.46
CA THR B 663 -25.80 34.86 -16.26
C THR B 663 -26.40 35.27 -17.59
N TRP B 664 -25.75 36.28 -18.19
CA TRP B 664 -26.08 36.70 -19.53
C TRP B 664 -25.33 35.83 -20.52
N THR B 665 -26.02 35.43 -21.59
CA THR B 665 -25.46 34.36 -22.39
C THR B 665 -24.27 34.87 -23.18
N HIS B 666 -24.18 36.17 -23.43
CA HIS B 666 -23.07 36.65 -24.22
C HIS B 666 -21.79 36.66 -23.39
N LEU B 667 -21.90 36.31 -22.13
CA LEU B 667 -20.72 36.23 -21.28
C LEU B 667 -20.14 34.83 -21.31
N ILE B 668 -20.90 33.89 -21.87
CA ILE B 668 -20.39 32.54 -21.97
C ILE B 668 -19.60 32.47 -23.26
N PRO B 669 -18.28 32.24 -23.19
CA PRO B 669 -17.40 32.35 -24.36
C PRO B 669 -17.70 31.33 -25.47
N ALA B 670 -18.37 30.24 -25.11
CA ALA B 670 -18.66 29.23 -26.10
C ALA B 670 -19.93 29.59 -26.88
N THR B 671 -19.88 30.71 -27.60
CA THR B 671 -21.05 31.14 -28.34
C THR B 671 -20.66 31.70 -29.72
N LEU B 672 -20.47 30.81 -30.69
CA LEU B 672 -20.14 31.24 -32.06
C LEU B 672 -21.19 30.72 -33.04
N GLU B 673 -21.41 31.49 -34.13
CA GLU B 673 -22.33 31.11 -35.19
C GLU B 673 -23.66 30.62 -34.61
N GLY B 674 -24.14 29.48 -35.10
CA GLY B 674 -25.32 28.83 -34.57
C GLY B 674 -24.95 27.85 -33.45
N LYS B 675 -23.65 27.65 -33.25
CA LYS B 675 -23.14 26.70 -32.27
C LYS B 675 -23.56 27.24 -30.91
N ALA B 676 -23.62 28.56 -30.85
CA ALA B 676 -24.08 29.32 -29.70
C ALA B 676 -25.44 28.80 -29.23
N LEU B 677 -26.31 28.47 -30.18
CA LEU B 677 -27.65 28.10 -29.77
C LEU B 677 -27.59 26.71 -29.12
N HIS B 678 -26.76 25.86 -29.70
CA HIS B 678 -26.60 24.51 -29.19
C HIS B 678 -25.87 24.57 -27.85
N ASN B 679 -24.96 25.54 -27.74
CA ASN B 679 -24.20 25.66 -26.53
C ASN B 679 -25.05 26.26 -25.43
N VAL B 680 -26.09 27.00 -25.80
CA VAL B 680 -26.96 27.43 -24.74
C VAL B 680 -27.60 26.19 -24.13
N GLU B 681 -28.07 25.27 -24.97
CA GLU B 681 -28.65 24.09 -24.38
C GLU B 681 -27.62 23.38 -23.50
N ASN B 682 -26.39 23.30 -24.00
CA ASN B 682 -25.35 22.61 -23.25
C ASN B 682 -25.12 23.27 -21.90
N ALA B 683 -25.06 24.60 -21.90
CA ALA B 683 -24.79 25.41 -20.72
C ALA B 683 -25.95 25.30 -19.73
N MET B 684 -27.17 25.24 -20.24
CA MET B 684 -28.29 25.27 -19.34
C MET B 684 -28.31 23.95 -18.58
N PHE B 685 -28.04 22.87 -19.31
CA PHE B 685 -28.04 21.59 -18.65
C PHE B 685 -26.85 21.46 -17.71
N ALA B 686 -25.68 21.96 -18.14
CA ALA B 686 -24.53 21.88 -17.27
C ALA B 686 -24.80 22.65 -15.99
N ALA B 687 -25.41 23.84 -16.13
CA ALA B 687 -25.69 24.68 -14.98
C ALA B 687 -26.71 23.98 -14.08
N GLY B 688 -27.69 23.36 -14.72
CA GLY B 688 -28.74 22.67 -14.01
C GLY B 688 -28.15 21.57 -13.16
N MET B 689 -27.28 20.78 -13.79
CA MET B 689 -26.67 19.67 -13.07
C MET B 689 -25.77 20.23 -11.97
N ALA B 690 -25.01 21.29 -12.25
CA ALA B 690 -24.14 21.83 -11.22
C ALA B 690 -24.98 22.28 -10.02
N TYR B 691 -26.13 22.87 -10.31
CA TYR B 691 -27.01 23.33 -9.25
C TYR B 691 -27.48 22.12 -8.46
N ALA B 692 -27.93 21.08 -9.15
CA ALA B 692 -28.44 19.87 -8.53
C ALA B 692 -27.37 19.27 -7.61
N LEU B 693 -26.11 19.39 -8.02
CA LEU B 693 -24.97 18.82 -7.32
C LEU B 693 -24.54 19.71 -6.15
N GLY B 694 -25.21 20.86 -5.98
CA GLY B 694 -25.02 21.72 -4.82
C GLY B 694 -23.85 22.68 -5.01
N LYS B 695 -23.57 23.06 -6.25
CA LYS B 695 -22.50 24.03 -6.42
C LYS B 695 -23.10 25.40 -6.21
N THR B 696 -22.26 26.37 -5.87
CA THR B 696 -22.76 27.71 -5.64
C THR B 696 -22.94 28.41 -6.98
N LEU B 697 -23.66 29.52 -6.95
CA LEU B 697 -23.89 30.24 -8.17
C LEU B 697 -22.59 30.85 -8.64
N ASP B 698 -21.74 31.23 -7.69
CA ASP B 698 -20.48 31.83 -8.09
C ASP B 698 -19.66 30.81 -8.85
N GLN B 699 -19.74 29.55 -8.40
CA GLN B 699 -18.96 28.50 -9.01
C GLN B 699 -19.51 28.19 -10.40
N ILE B 700 -20.84 28.26 -10.53
CA ILE B 700 -21.45 27.93 -11.80
C ILE B 700 -21.14 29.03 -12.80
N ARG B 701 -21.32 30.27 -12.37
CA ARG B 701 -21.04 31.41 -13.23
C ARG B 701 -19.58 31.39 -13.63
N SER B 702 -18.71 31.11 -12.66
CA SER B 702 -17.29 31.16 -12.92
C SER B 702 -16.93 30.10 -13.94
N GLY B 703 -17.50 28.90 -13.77
CA GLY B 703 -17.24 27.81 -14.70
C GLY B 703 -17.69 28.17 -16.12
N LEU B 704 -18.95 28.59 -16.23
CA LEU B 704 -19.48 28.84 -17.56
C LEU B 704 -18.72 29.96 -18.25
N ARG B 705 -18.29 30.98 -17.50
CA ARG B 705 -17.64 32.10 -18.14
C ARG B 705 -16.15 31.86 -18.35
N THR B 706 -15.62 30.71 -17.95
CA THR B 706 -14.20 30.44 -18.13
C THR B 706 -13.94 29.25 -19.06
N PHE B 707 -15.00 28.50 -19.37
CA PHE B 707 -14.93 27.31 -20.17
C PHE B 707 -14.32 27.57 -21.55
N ASP B 708 -13.37 26.72 -21.94
CA ASP B 708 -12.68 26.84 -23.21
C ASP B 708 -13.15 25.77 -24.18
N ASN B 709 -13.86 26.18 -25.22
CA ASN B 709 -14.30 25.19 -26.20
C ASN B 709 -13.44 25.27 -27.46
N THR B 710 -12.24 25.85 -27.38
CA THR B 710 -11.45 26.04 -28.58
C THR B 710 -10.19 25.16 -28.60
N PHE B 711 -9.93 24.46 -27.50
CA PHE B 711 -8.72 23.67 -27.37
C PHE B 711 -7.46 24.52 -27.53
N PHE B 712 -7.45 25.70 -26.90
CA PHE B 712 -6.23 26.46 -26.99
C PHE B 712 -5.11 25.68 -26.33
N GLN B 713 -5.41 25.22 -25.11
CA GLN B 713 -4.55 24.33 -24.36
C GLN B 713 -5.06 22.91 -24.56
N SER B 714 -4.18 22.05 -25.09
CA SER B 714 -4.52 20.65 -25.32
C SER B 714 -4.93 19.99 -24.00
N PRO B 715 -6.09 19.31 -23.98
CA PRO B 715 -6.55 18.53 -22.82
C PRO B 715 -5.81 17.21 -22.67
N GLY B 716 -4.51 17.28 -22.35
CA GLY B 716 -3.70 16.08 -22.23
C GLY B 716 -3.54 15.39 -23.58
N ARG B 717 -3.94 14.11 -23.68
CA ARG B 717 -3.70 13.41 -24.94
C ARG B 717 -4.70 13.81 -26.01
N MET B 718 -4.54 15.00 -26.59
CA MET B 718 -5.34 15.41 -27.73
C MET B 718 -4.56 15.10 -29.01
N ASN B 719 -3.44 14.43 -28.77
CA ASN B 719 -2.67 13.83 -29.84
C ASN B 719 -2.26 14.88 -30.86
N VAL B 720 -1.74 16.01 -30.39
CA VAL B 720 -1.18 16.94 -31.33
C VAL B 720 0.33 16.90 -31.17
N PHE B 721 1.02 16.69 -32.28
CA PHE B 721 2.46 16.55 -32.23
C PHE B 721 3.10 17.67 -33.06
N ASP B 722 3.92 18.48 -32.41
CA ASP B 722 4.45 19.69 -33.04
C ASP B 722 5.89 19.51 -33.53
N GLY B 723 6.41 18.27 -33.46
CA GLY B 723 7.79 18.01 -33.84
C GLY B 723 7.88 17.90 -35.35
N HIS B 724 9.05 17.46 -35.84
CA HIS B 724 9.29 17.26 -37.27
C HIS B 724 9.26 18.57 -38.05
N GLY B 725 9.02 19.70 -37.36
CA GLY B 725 8.93 21.01 -38.00
C GLY B 725 7.54 21.30 -38.56
N PHE B 726 6.58 20.44 -38.28
CA PHE B 726 5.23 20.71 -38.72
C PHE B 726 4.22 20.06 -37.79
N ARG B 727 3.01 20.60 -37.83
CA ARG B 727 2.03 20.21 -36.84
C ARG B 727 1.25 19.02 -37.38
N VAL B 728 1.06 18.04 -36.51
CA VAL B 728 0.29 16.87 -36.88
C VAL B 728 -0.81 16.68 -35.85
N ILE B 729 -2.04 16.66 -36.34
CA ILE B 729 -3.19 16.44 -35.48
C ILE B 729 -3.75 15.06 -35.78
N LEU B 730 -3.88 14.24 -34.75
CA LEU B 730 -4.40 12.91 -34.94
C LEU B 730 -5.73 12.76 -34.21
N ASP B 731 -6.78 12.31 -34.90
CA ASP B 731 -8.01 12.06 -34.17
C ASP B 731 -8.76 10.86 -34.73
N TYR B 732 -9.87 10.55 -34.07
CA TYR B 732 -10.65 9.38 -34.39
C TYR B 732 -11.63 9.69 -35.52
N GLY B 733 -11.55 8.92 -36.60
CA GLY B 733 -12.38 9.17 -37.76
C GLY B 733 -13.78 8.58 -37.59
N HIS B 734 -14.58 9.14 -36.69
CA HIS B 734 -15.91 8.59 -36.55
C HIS B 734 -16.94 9.68 -36.27
N ASN B 735 -16.76 10.36 -35.14
CA ASN B 735 -17.74 11.32 -34.72
C ASN B 735 -17.58 12.56 -35.58
N GLU B 736 -18.62 12.86 -36.37
CA GLU B 736 -18.50 13.95 -37.32
C GLU B 736 -18.39 15.29 -36.59
N ALA B 737 -18.94 15.37 -35.37
CA ALA B 737 -18.84 16.62 -34.65
C ALA B 737 -17.39 16.84 -34.26
N ALA B 738 -16.74 15.74 -33.88
CA ALA B 738 -15.34 15.76 -33.49
C ALA B 738 -14.49 16.15 -34.70
N ILE B 739 -14.94 15.66 -35.86
CA ILE B 739 -14.23 16.00 -37.07
C ILE B 739 -14.36 17.49 -37.31
N GLY B 740 -15.59 17.99 -37.19
CA GLY B 740 -15.82 19.40 -37.39
C GLY B 740 -14.93 20.22 -36.45
N ALA B 741 -14.83 19.73 -35.21
CA ALA B 741 -14.09 20.44 -34.19
C ALA B 741 -12.63 20.57 -34.63
N MET B 742 -12.11 19.51 -35.25
CA MET B 742 -10.72 19.57 -35.63
C MET B 742 -10.59 20.52 -36.81
N VAL B 743 -11.65 20.61 -37.61
CA VAL B 743 -11.55 21.50 -38.75
C VAL B 743 -11.52 22.93 -38.22
N GLU B 744 -12.35 23.20 -37.22
CA GLU B 744 -12.37 24.55 -36.67
C GLU B 744 -10.97 24.85 -36.14
N LEU B 745 -10.41 23.87 -35.43
CA LEU B 745 -9.12 24.04 -34.80
C LEU B 745 -8.10 24.40 -35.88
N VAL B 746 -8.20 23.71 -37.02
CA VAL B 746 -7.29 24.01 -38.11
C VAL B 746 -7.53 25.45 -38.54
N GLY B 747 -8.80 25.79 -38.63
CA GLY B 747 -9.22 27.13 -39.06
C GLY B 747 -8.63 28.20 -38.15
N ARG B 748 -8.52 27.87 -36.86
CA ARG B 748 -8.00 28.84 -35.91
C ARG B 748 -6.48 28.92 -36.01
N LEU B 749 -5.85 27.75 -36.17
CA LEU B 749 -4.40 27.72 -36.19
C LEU B 749 -3.93 28.49 -37.41
N ASN B 750 -4.62 28.29 -38.53
CA ASN B 750 -4.38 29.05 -39.73
C ASN B 750 -2.88 29.19 -40.01
N PRO B 751 -2.15 28.05 -40.14
CA PRO B 751 -0.69 28.03 -40.31
C PRO B 751 -0.32 28.77 -41.57
N GLN B 752 0.73 29.59 -41.52
CA GLN B 752 0.95 30.56 -42.59
C GLN B 752 2.17 30.20 -43.42
N GLY B 753 2.80 29.11 -43.02
CA GLY B 753 4.00 28.67 -43.69
C GLY B 753 3.64 27.94 -44.98
N ARG B 754 3.07 26.73 -44.84
CA ARG B 754 2.80 25.94 -46.02
C ARG B 754 1.31 25.65 -46.18
N ARG B 755 0.97 24.35 -46.21
CA ARG B 755 -0.33 23.91 -46.70
C ARG B 755 -1.14 23.16 -45.65
N LEU B 756 -2.46 23.21 -45.77
CA LEU B 756 -3.40 22.48 -44.93
C LEU B 756 -3.69 21.13 -45.61
N VAL B 757 -3.27 20.04 -44.98
CA VAL B 757 -3.37 18.75 -45.64
C VAL B 757 -4.20 17.81 -44.77
N ALA B 758 -5.27 17.24 -45.32
CA ALA B 758 -6.11 16.44 -44.45
C ALA B 758 -6.44 15.12 -45.08
N VAL B 759 -6.71 14.16 -44.21
CA VAL B 759 -6.93 12.83 -44.71
C VAL B 759 -8.04 12.19 -43.92
N THR B 760 -9.02 11.66 -44.65
CA THR B 760 -10.24 11.27 -43.97
C THR B 760 -10.46 9.79 -44.11
N CYS B 761 -10.95 9.21 -43.02
CA CYS B 761 -11.23 7.79 -42.92
C CYS B 761 -12.45 7.54 -42.04
N PRO B 762 -13.65 7.98 -42.48
CA PRO B 762 -14.89 7.59 -41.81
C PRO B 762 -15.01 6.08 -41.77
N GLY B 763 -15.63 5.59 -40.68
CA GLY B 763 -15.86 4.18 -40.43
C GLY B 763 -16.74 3.58 -41.53
N ASP B 764 -16.90 2.26 -41.46
CA ASP B 764 -17.47 1.45 -42.51
C ASP B 764 -18.98 1.38 -42.39
N ARG B 765 -19.46 0.99 -41.20
CA ARG B 765 -20.88 0.74 -41.06
C ARG B 765 -21.60 2.06 -40.76
N ARG B 766 -21.62 2.95 -41.76
CA ARG B 766 -22.07 4.30 -41.52
C ARG B 766 -22.98 4.80 -42.64
N ASP B 767 -23.69 3.89 -43.32
CA ASP B 767 -24.63 4.34 -44.34
C ASP B 767 -23.89 5.29 -45.29
N GLU B 768 -24.47 6.46 -45.56
CA GLU B 768 -23.86 7.44 -46.46
C GLU B 768 -23.45 8.70 -45.69
N ASP B 769 -23.14 8.55 -44.40
CA ASP B 769 -22.79 9.63 -43.48
C ASP B 769 -21.52 10.34 -43.95
N VAL B 770 -20.79 9.67 -44.84
CA VAL B 770 -19.55 10.18 -45.40
C VAL B 770 -19.76 11.56 -46.00
N ALA B 771 -20.99 11.83 -46.44
CA ALA B 771 -21.33 13.12 -47.00
C ALA B 771 -21.07 14.21 -45.96
N ALA B 772 -21.49 13.91 -44.73
CA ALA B 772 -21.42 14.89 -43.65
C ALA B 772 -19.95 15.23 -43.42
N ILE B 773 -19.12 14.20 -43.52
CA ILE B 773 -17.73 14.44 -43.24
C ILE B 773 -17.15 15.33 -44.33
N ALA B 774 -17.48 15.00 -45.58
CA ALA B 774 -16.96 15.80 -46.67
C ALA B 774 -17.40 17.25 -46.43
N ALA B 775 -18.62 17.41 -45.93
CA ALA B 775 -19.15 18.74 -45.71
C ALA B 775 -18.28 19.53 -44.74
N LYS B 776 -17.71 18.83 -43.75
CA LYS B 776 -16.91 19.51 -42.73
C LYS B 776 -15.53 19.86 -43.26
N VAL B 777 -14.98 19.10 -44.21
CA VAL B 777 -13.58 19.28 -44.57
C VAL B 777 -13.42 19.96 -45.93
N ALA B 778 -14.44 19.86 -46.78
CA ALA B 778 -14.29 20.36 -48.14
C ALA B 778 -14.09 21.87 -48.11
N GLY B 779 -13.06 22.33 -48.83
CA GLY B 779 -12.76 23.76 -48.95
C GLY B 779 -11.80 24.25 -47.86
N HIS B 780 -11.49 23.38 -46.91
CA HIS B 780 -10.63 23.80 -45.82
C HIS B 780 -9.20 23.33 -46.01
N PHE B 781 -8.96 22.46 -46.98
CA PHE B 781 -7.63 21.92 -47.13
C PHE B 781 -7.12 22.08 -48.54
N ASP B 782 -5.80 22.12 -48.66
CA ASP B 782 -5.15 22.33 -49.93
C ASP B 782 -5.03 21.02 -50.69
N SER B 783 -4.90 19.92 -49.97
CA SER B 783 -4.88 18.62 -50.60
C SER B 783 -5.58 17.62 -49.69
N TYR B 784 -6.17 16.59 -50.29
CA TYR B 784 -6.98 15.64 -49.57
C TYR B 784 -6.56 14.21 -49.93
N ILE B 785 -6.48 13.36 -48.91
CA ILE B 785 -6.25 11.94 -49.15
C ILE B 785 -7.36 11.16 -48.49
N CYS B 786 -7.75 10.06 -49.11
CA CYS B 786 -8.74 9.25 -48.43
C CYS B 786 -8.24 7.82 -48.23
N HIS B 787 -8.49 7.28 -47.02
CA HIS B 787 -8.00 5.96 -46.64
C HIS B 787 -9.01 5.19 -45.83
N ARG B 788 -10.17 4.93 -46.40
CA ARG B 788 -11.15 4.30 -45.55
C ARG B 788 -10.96 2.80 -45.47
N ASP B 789 -9.95 2.25 -46.16
CA ASP B 789 -9.77 0.82 -45.95
C ASP B 789 -9.05 0.61 -44.63
N ASP B 790 -9.82 0.42 -43.58
CA ASP B 790 -9.30 0.20 -42.24
C ASP B 790 -9.40 -1.30 -41.95
N ASP B 791 -9.70 -2.07 -43.00
CA ASP B 791 -9.82 -3.56 -42.89
C ASP B 791 -11.03 -4.17 -42.17
N LEU B 792 -12.05 -3.36 -41.88
CA LEU B 792 -13.25 -3.86 -41.15
C LEU B 792 -14.49 -4.61 -41.63
N ARG B 793 -15.23 -4.07 -42.61
CA ARG B 793 -16.50 -4.71 -43.06
C ARG B 793 -16.36 -4.82 -44.58
N ASP B 794 -17.31 -5.51 -45.23
CA ASP B 794 -17.28 -5.66 -46.67
C ASP B 794 -17.99 -4.49 -47.33
N ARG B 795 -17.18 -3.49 -47.62
CA ARG B 795 -17.56 -2.29 -48.30
C ARG B 795 -16.60 -2.20 -49.48
N GLY B 796 -16.22 -3.38 -49.98
CA GLY B 796 -15.22 -3.43 -51.01
C GLY B 796 -13.91 -2.84 -50.49
N PRO B 797 -12.82 -3.00 -51.25
CA PRO B 797 -11.54 -2.41 -50.84
C PRO B 797 -11.55 -0.92 -51.12
N ASP B 798 -12.50 -0.45 -51.94
CA ASP B 798 -12.44 0.96 -52.28
C ASP B 798 -13.82 1.58 -52.41
N GLU B 799 -14.90 0.92 -51.98
CA GLU B 799 -16.18 1.59 -52.16
C GLU B 799 -16.14 2.89 -51.35
N MET B 800 -15.57 2.79 -50.15
CA MET B 800 -15.67 3.85 -49.17
C MET B 800 -14.86 5.07 -49.60
N PRO B 801 -13.57 4.96 -49.99
CA PRO B 801 -12.83 6.09 -50.53
C PRO B 801 -13.43 6.66 -51.82
N ARG B 802 -14.11 5.84 -52.61
CA ARG B 802 -14.70 6.39 -53.80
C ARG B 802 -15.81 7.37 -53.41
N LEU B 803 -16.59 6.98 -52.39
CA LEU B 803 -17.71 7.80 -51.96
C LEU B 803 -17.15 9.09 -51.40
N MET B 804 -16.05 8.99 -50.67
CA MET B 804 -15.48 10.18 -50.07
C MET B 804 -15.01 11.12 -51.17
N LYS B 805 -14.33 10.55 -52.16
CA LYS B 805 -13.75 11.36 -53.22
C LYS B 805 -14.89 12.11 -53.90
N GLN B 806 -15.99 11.41 -54.21
CA GLN B 806 -17.07 12.07 -54.91
C GLN B 806 -17.69 13.13 -53.99
N ALA B 807 -17.87 12.76 -52.73
CA ALA B 807 -18.53 13.67 -51.81
C ALA B 807 -17.75 14.97 -51.71
N LEU B 808 -16.42 14.88 -51.79
CA LEU B 808 -15.56 16.05 -51.77
C LEU B 808 -15.70 16.81 -53.07
N MET B 809 -15.70 16.12 -54.21
CA MET B 809 -15.79 16.82 -55.48
C MET B 809 -17.12 17.56 -55.55
N ASP B 810 -18.16 16.98 -54.94
CA ASP B 810 -19.49 17.54 -54.93
C ASP B 810 -19.55 18.80 -54.07
N ARG B 811 -18.51 19.07 -53.28
CA ARG B 811 -18.46 20.26 -52.46
C ARG B 811 -17.34 21.17 -52.93
N GLY B 812 -16.85 20.92 -54.14
CA GLY B 812 -15.96 21.87 -54.80
C GLY B 812 -14.48 21.50 -54.68
N VAL B 813 -14.21 20.24 -54.34
CA VAL B 813 -12.82 19.86 -54.27
C VAL B 813 -12.39 19.46 -55.66
N LYS B 814 -11.28 20.05 -56.12
CA LYS B 814 -10.77 19.63 -57.41
C LYS B 814 -10.33 18.16 -57.35
N GLU B 815 -10.78 17.38 -58.34
CA GLU B 815 -10.38 15.98 -58.43
C GLU B 815 -8.86 15.90 -58.39
N GLU B 816 -8.18 16.93 -58.90
CA GLU B 816 -6.73 17.03 -59.02
C GLU B 816 -6.04 16.92 -57.66
N ALA B 817 -6.76 17.36 -56.63
CA ALA B 817 -6.24 17.48 -55.27
C ALA B 817 -6.59 16.25 -54.43
N ILE B 818 -7.24 15.25 -55.00
CA ILE B 818 -7.63 14.10 -54.21
C ILE B 818 -6.78 12.89 -54.57
N GLN B 819 -6.10 12.34 -53.55
CA GLN B 819 -5.36 11.12 -53.73
C GLN B 819 -6.05 10.01 -52.95
N ILE B 820 -6.07 8.81 -53.53
CA ILE B 820 -6.66 7.72 -52.78
C ILE B 820 -5.54 6.81 -52.34
N VAL B 821 -5.48 6.57 -51.03
CA VAL B 821 -4.57 5.58 -50.51
C VAL B 821 -5.42 4.67 -49.64
N GLU B 822 -5.70 3.45 -50.09
CA GLU B 822 -6.68 2.62 -49.40
C GLU B 822 -6.30 2.44 -47.94
N GLN B 823 -5.03 2.11 -47.69
CA GLN B 823 -4.60 1.66 -46.38
C GLN B 823 -4.17 2.83 -45.51
N GLU B 824 -4.57 2.74 -44.23
CA GLU B 824 -4.37 3.73 -43.20
C GLU B 824 -2.87 3.98 -43.02
N VAL B 825 -2.09 2.91 -43.09
CA VAL B 825 -0.68 3.00 -42.81
C VAL B 825 0.01 3.76 -43.93
N ASP B 826 -0.40 3.48 -45.16
CA ASP B 826 0.27 4.10 -46.28
C ASP B 826 -0.20 5.54 -46.39
N ALA B 827 -1.47 5.76 -46.02
CA ALA B 827 -1.99 7.09 -46.15
C ALA B 827 -1.17 8.02 -45.25
N LEU B 828 -0.86 7.52 -44.05
CA LEU B 828 -0.13 8.37 -43.14
C LEU B 828 1.29 8.57 -43.66
N SER B 829 1.91 7.49 -44.13
CA SER B 829 3.29 7.60 -44.60
C SER B 829 3.34 8.59 -45.75
N THR B 830 2.29 8.55 -46.58
CA THR B 830 2.21 9.39 -47.75
C THR B 830 2.26 10.83 -47.32
N LEU B 831 1.42 11.16 -46.34
CA LEU B 831 1.33 12.55 -45.89
C LEU B 831 2.64 12.99 -45.28
N LEU B 832 3.22 12.11 -44.49
CA LEU B 832 4.36 12.55 -43.72
C LEU B 832 5.51 12.82 -44.69
N LYS B 833 5.55 12.06 -45.79
CA LYS B 833 6.59 12.30 -46.79
C LYS B 833 6.30 13.59 -47.54
N MET B 834 5.00 13.82 -47.77
CA MET B 834 4.48 14.91 -48.58
C MET B 834 4.75 16.23 -47.88
N ALA B 835 4.68 16.20 -46.54
CA ALA B 835 4.74 17.36 -45.67
C ALA B 835 6.09 18.06 -45.72
N ASN B 836 6.05 19.35 -45.41
CA ASN B 836 7.21 20.22 -45.32
C ASN B 836 7.13 21.10 -44.07
N ARG B 837 8.16 21.92 -43.85
CA ARG B 837 8.24 22.74 -42.66
C ARG B 837 7.09 23.74 -42.66
N ASN B 838 6.38 23.79 -41.53
CA ASN B 838 5.25 24.66 -41.26
C ASN B 838 3.98 24.23 -41.99
N ASP B 839 3.89 22.97 -42.42
CA ASP B 839 2.64 22.41 -42.89
C ASP B 839 1.78 22.07 -41.69
N LEU B 840 0.49 21.84 -41.94
CA LEU B 840 -0.36 21.24 -40.93
C LEU B 840 -0.99 19.98 -41.52
N VAL B 841 -0.86 18.87 -40.80
CA VAL B 841 -1.40 17.60 -41.24
C VAL B 841 -2.48 17.11 -40.29
N LEU B 842 -3.69 16.94 -40.82
CA LEU B 842 -4.76 16.40 -39.99
C LEU B 842 -5.10 14.99 -40.46
N PHE B 843 -4.92 14.03 -39.56
CA PHE B 843 -5.11 12.65 -39.96
C PHE B 843 -6.19 12.01 -39.11
N PHE B 844 -7.15 11.39 -39.76
CA PHE B 844 -8.15 10.66 -39.01
C PHE B 844 -7.91 9.17 -39.18
N CYS B 845 -8.19 8.41 -38.12
CA CYS B 845 -7.93 6.98 -38.22
C CYS B 845 -8.83 6.16 -37.30
N GLU B 846 -8.69 4.83 -37.44
CA GLU B 846 -9.23 3.88 -36.49
C GLU B 846 -8.17 3.52 -35.47
N ASN B 847 -6.98 3.17 -35.94
CA ASN B 847 -6.01 2.65 -35.01
C ASN B 847 -5.12 3.77 -34.51
N ILE B 848 -5.53 4.32 -33.38
CA ILE B 848 -4.93 5.56 -32.87
C ILE B 848 -3.51 5.28 -32.41
N THR B 849 -3.37 4.17 -31.69
CA THR B 849 -2.10 3.81 -31.10
C THR B 849 -1.04 3.69 -32.18
N ARG B 850 -1.40 2.94 -33.24
CA ARG B 850 -0.44 2.64 -34.28
C ARG B 850 -0.05 3.94 -34.97
N CYS B 851 -1.05 4.81 -35.18
CA CYS B 851 -0.78 6.03 -35.91
C CYS B 851 0.17 6.91 -35.13
N TRP B 852 -0.04 6.98 -33.80
CA TRP B 852 0.80 7.81 -32.97
C TRP B 852 2.25 7.34 -33.10
N LYS B 853 2.43 6.00 -33.05
CA LYS B 853 3.74 5.41 -33.18
C LYS B 853 4.38 5.81 -34.52
N GLN B 854 3.60 5.72 -35.59
CA GLN B 854 4.13 5.99 -36.92
C GLN B 854 4.63 7.43 -36.96
N ILE B 855 3.84 8.33 -36.36
CA ILE B 855 4.17 9.74 -36.40
C ILE B 855 5.49 9.94 -35.68
N ILE B 856 5.58 9.38 -34.47
CA ILE B 856 6.71 9.66 -33.62
C ILE B 856 7.99 9.13 -34.24
N ASN B 857 7.89 8.03 -34.98
CA ASN B 857 9.09 7.43 -35.56
C ASN B 857 9.42 7.96 -36.95
N PHE B 858 8.64 8.91 -37.46
CA PHE B 858 8.91 9.34 -38.82
C PHE B 858 10.23 10.12 -38.87
N LYS B 859 11.06 9.81 -39.86
CA LYS B 859 12.28 10.57 -40.09
C LYS B 859 12.16 11.32 -41.41
N PRO B 860 12.20 12.67 -41.40
CA PRO B 860 12.17 13.46 -42.65
C PRO B 860 13.54 13.59 -43.31
N ALA B 861 13.58 14.36 -44.41
CA ALA B 861 14.79 14.52 -45.21
C ALA B 861 15.08 16.01 -45.45
#